data_1HAA
# 
_entry.id   1HAA 
# 
_audit_conform.dict_name       mmcif_pdbx.dic 
_audit_conform.dict_version    5.397 
_audit_conform.dict_location   http://mmcif.pdb.org/dictionaries/ascii/mmcif_pdbx.dic 
# 
loop_
_database_2.database_id 
_database_2.database_code 
_database_2.pdbx_database_accession 
_database_2.pdbx_DOI 
PDB   1HAA         pdb_00001haa 10.2210/pdb1haa/pdb 
PDBE  EBI-6057     ?            ?                   
WWPDB D_1290006057 ?            ?                   
# 
loop_
_pdbx_audit_revision_history.ordinal 
_pdbx_audit_revision_history.data_content_type 
_pdbx_audit_revision_history.major_revision 
_pdbx_audit_revision_history.minor_revision 
_pdbx_audit_revision_history.revision_date 
1 'Structure model' 1 0 2001-05-25 
2 'Structure model' 1 1 2017-02-08 
3 'Structure model' 1 2 2024-10-23 
# 
_pdbx_audit_revision_details.ordinal             1 
_pdbx_audit_revision_details.revision_ordinal    1 
_pdbx_audit_revision_details.data_content_type   'Structure model' 
_pdbx_audit_revision_details.provider            repository 
_pdbx_audit_revision_details.type                'Initial release' 
_pdbx_audit_revision_details.description         ? 
_pdbx_audit_revision_details.details             ? 
# 
loop_
_pdbx_audit_revision_group.ordinal 
_pdbx_audit_revision_group.revision_ordinal 
_pdbx_audit_revision_group.data_content_type 
_pdbx_audit_revision_group.group 
1 2 'Structure model' 'Derived calculations'      
2 2 'Structure model' Other                       
3 2 'Structure model' 'Source and taxonomy'       
4 2 'Structure model' 'Version format compliance' 
5 3 'Structure model' 'Data collection'           
6 3 'Structure model' 'Database references'       
7 3 'Structure model' Other                       
8 3 'Structure model' 'Structure summary'         
# 
loop_
_pdbx_audit_revision_category.ordinal 
_pdbx_audit_revision_category.revision_ordinal 
_pdbx_audit_revision_category.data_content_type 
_pdbx_audit_revision_category.category 
1 3 'Structure model' chem_comp_atom            
2 3 'Structure model' chem_comp_bond            
3 3 'Structure model' database_2                
4 3 'Structure model' pdbx_database_status      
5 3 'Structure model' pdbx_entry_details        
6 3 'Structure model' pdbx_modification_feature 
7 3 'Structure model' pdbx_nmr_software         
# 
loop_
_pdbx_audit_revision_item.ordinal 
_pdbx_audit_revision_item.revision_ordinal 
_pdbx_audit_revision_item.data_content_type 
_pdbx_audit_revision_item.item 
1 3 'Structure model' '_database_2.pdbx_DOI'                         
2 3 'Structure model' '_database_2.pdbx_database_accession'          
3 3 'Structure model' '_pdbx_database_status.status_code_mr'         
4 3 'Structure model' '_pdbx_entry_details.has_protein_modification' 
5 3 'Structure model' '_pdbx_nmr_software.name'                      
# 
_pdbx_database_status.status_code                     REL 
_pdbx_database_status.entry_id                        1HAA 
_pdbx_database_status.deposit_site                    PDBE 
_pdbx_database_status.process_site                    PDBE 
_pdbx_database_status.SG_entry                        . 
_pdbx_database_status.recvd_initial_deposition_date   2001-04-05 
_pdbx_database_status.pdb_format_compatible           Y 
_pdbx_database_status.status_code_sf                  ? 
_pdbx_database_status.status_code_mr                  REL 
_pdbx_database_status.status_code_cs                  ? 
_pdbx_database_status.methods_development_category    ? 
_pdbx_database_status.status_code_nmr_data            ? 
# 
loop_
_pdbx_database_related.db_name 
_pdbx_database_related.db_id 
_pdbx_database_related.content_type 
_pdbx_database_related.details 
PDB 1ABT unspecified 
;ALPHA-BUNGAROTOXIN COMPLEXED WITH THE 185 - 196 FRAGMENT OF THE ALPHA-SUBUNIT OF THE TORPEDO NICOTINIC ACETYLCHOLINE RECEPTOR (NMR, 4 STRUCTURES)
;
PDB 1BXP unspecified 'SOLUTION NMR STRUCTURE OF THE COMPLEX OF ALPHA-BUNGAROTOXIN WITH A LIBRARY DERIVED PEPTIDE, 20 STRUCTURES' 
PDB 1HN7 unspecified 'NMR STRUCTURE OF THE COMPLEX BETWEEN A- BUNGAROTOXIN AND AMIMOTOPE OF THE NICOTINIC ACETILCHOLINE RECEPTOR' 
PDB 1HOY unspecified 'NMR STRUCTURE OF THE COMPLEX BETWEEN A- BUNGAROTOXIN AND AMIMOTOPE OF THE NICOTINIC ACETILCHOLINE RECEPTOR' 
PDB 2BTX unspecified 
'SOLUTION NMR STRUCTURE OF THE COMPLEX OF ALPHA-BUNGAROTOXIN WITH A LIBRARY DERIVED PEPTIDE, NMR, MINIMIZED AVERAGE STRUCTURE' 
PDB 1HAJ unspecified 
'A BETA-HAIRPIN STRUCTURE IN A 13-MER PEPTIDE THAT BINDS A-BUNGAROTOXIN WITH HIGH AFFINITY AND NEUTRALIZES ITS TOXICITY' 
# 
loop_
_audit_author.name 
_audit_author.pdbx_ordinal 
'Scherf, T.'            1 
'Kasher, R.'            2 
'Balass, M.'            3 
'Fridkin, M.'           4 
'Fuchs, S.'             5 
'Katchalski-Katzir, E.' 6 
# 
loop_
_citation.id 
_citation.title 
_citation.journal_abbrev 
_citation.journal_volume 
_citation.page_first 
_citation.page_last 
_citation.year 
_citation.journal_id_ASTM 
_citation.country 
_citation.journal_id_ISSN 
_citation.journal_id_CSD 
_citation.book_publisher 
_citation.pdbx_database_id_PubMed 
_citation.pdbx_database_id_DOI 
primary 
'A Beta-Hairpin Structure in a 13-mer Peptide that Binds Alpha-Bungarotoxin with High Affinity and Neutralizes its Toxicity' 
Proc.Natl.Acad.Sci.USA 98 6629 ? 2001 PNASA6 US 0027-8424 0040 ? 11381118 10.1073/PNAS.111164298          
1       'Design and Synthesis of Peptides that Bind A-Bungarotoxin with High Affinity' Chem.Biol.             8  147  ? 2001 
CBOLE2 UK 1074-5521 2050 ? 11251289 '10.1016/S1074-5521(00)90063-2' 
2       'Three-Dimensional Solution Structure of the Complex of A-Bungarotoxin with a Library-Derived Peptide' 
Proc.Natl.Acad.Sci.USA 94 6059 ? 1997 PNASA6 US 0027-8424 0040 ? 9177168  10.1073/PNAS.94.12.6059         
# 
loop_
_citation_author.citation_id 
_citation_author.name 
_citation_author.ordinal 
_citation_author.identifier_ORCID 
primary 'Scherf, T.'            1  ? 
primary 'Kasher, R.'            2  ? 
primary 'Balass, M.'            3  ? 
primary 'Fridkin, M.'           4  ? 
primary 'Fuchs, S.'             5  ? 
primary 'Katchalski-Katzir, E.' 6  ? 
1       'Kasher, R.'            7  ? 
1       'Balass, M.'            8  ? 
1       'Scherf, T.'            9  ? 
1       'Fridkin, M.'           10 ? 
1       'Fuchs, S.'             11 ? 
1       'Katchalski-Katzir, E.' 12 ? 
2       'Scherf, T.'            13 ? 
2       'Balass, M.'            14 ? 
2       'Fridkin, M.'           15 ? 
2       'Fuchs, S.'             16 ? 
2       'Katchalski-Katzir, E.' 17 ? 
2       'Anglister, J.'         18 ? 
# 
loop_
_entity.id 
_entity.type 
_entity.src_method 
_entity.pdbx_description 
_entity.formula_weight 
_entity.pdbx_number_of_molecules 
_entity.pdbx_ec 
_entity.pdbx_mutation 
_entity.pdbx_fragment 
_entity.details 
1 polymer nat ALPHA-BUNGAROTOXIN 8005.281 1 ? ? ? ALPHA-NEUROTOXIN 
2 polymer syn PEPTIDE            1705.799 1 ? ? ? 
'A CHEMICALLY SYNTHESIZED PEPTIDE THAT INHIBITS A-BTX BINDING TO ACHR WITH AN IC50 OF 2 NM' 
# 
loop_
_entity_name_com.entity_id 
_entity_name_com.name 
1 'LONG NEUROTOXIN 1, BGTX, ALPHA-BTX, A-BTX' 
2 'HIGH AFFINITY PEPTIDE'                     
# 
loop_
_entity_poly.entity_id 
_entity_poly.type 
_entity_poly.nstd_linkage 
_entity_poly.nstd_monomer 
_entity_poly.pdbx_seq_one_letter_code 
_entity_poly.pdbx_seq_one_letter_code_can 
_entity_poly.pdbx_strand_id 
_entity_poly.pdbx_target_identifier 
1 'polypeptide(L)' no no IVCHTTATSPISAVTCPPGENLCYRKMWCDAFCSSRGKVVELGCAATCPSKKPYEEVTCCSTDKCNPHPKQRPG 
IVCHTTATSPISAVTCPPGENLCYRKMWCDAFCSSRGKVVELGCAATCPSKKPYEEVTCCSTDKCNPHPKQRPG A ? 
2 'polypeptide(L)' no no WRYYESSLEPYPD                                                              WRYYESSLEPYPD B ? 
# 
loop_
_entity_poly_seq.entity_id 
_entity_poly_seq.num 
_entity_poly_seq.mon_id 
_entity_poly_seq.hetero 
1 1  ILE n 
1 2  VAL n 
1 3  CYS n 
1 4  HIS n 
1 5  THR n 
1 6  THR n 
1 7  ALA n 
1 8  THR n 
1 9  SER n 
1 10 PRO n 
1 11 ILE n 
1 12 SER n 
1 13 ALA n 
1 14 VAL n 
1 15 THR n 
1 16 CYS n 
1 17 PRO n 
1 18 PRO n 
1 19 GLY n 
1 20 GLU n 
1 21 ASN n 
1 22 LEU n 
1 23 CYS n 
1 24 TYR n 
1 25 ARG n 
1 26 LYS n 
1 27 MET n 
1 28 TRP n 
1 29 CYS n 
1 30 ASP n 
1 31 ALA n 
1 32 PHE n 
1 33 CYS n 
1 34 SER n 
1 35 SER n 
1 36 ARG n 
1 37 GLY n 
1 38 LYS n 
1 39 VAL n 
1 40 VAL n 
1 41 GLU n 
1 42 LEU n 
1 43 GLY n 
1 44 CYS n 
1 45 ALA n 
1 46 ALA n 
1 47 THR n 
1 48 CYS n 
1 49 PRO n 
1 50 SER n 
1 51 LYS n 
1 52 LYS n 
1 53 PRO n 
1 54 TYR n 
1 55 GLU n 
1 56 GLU n 
1 57 VAL n 
1 58 THR n 
1 59 CYS n 
1 60 CYS n 
1 61 SER n 
1 62 THR n 
1 63 ASP n 
1 64 LYS n 
1 65 CYS n 
1 66 ASN n 
1 67 PRO n 
1 68 HIS n 
1 69 PRO n 
1 70 LYS n 
1 71 GLN n 
1 72 ARG n 
1 73 PRO n 
1 74 GLY n 
2 1  TRP n 
2 2  ARG n 
2 3  TYR n 
2 4  TYR n 
2 5  GLU n 
2 6  SER n 
2 7  SER n 
2 8  LEU n 
2 9  GLU n 
2 10 PRO n 
2 11 TYR n 
2 12 PRO n 
2 13 ASP n 
# 
_entity_src_nat.entity_id                  1 
_entity_src_nat.pdbx_src_id                1 
_entity_src_nat.pdbx_alt_source_flag       sample 
_entity_src_nat.pdbx_beg_seq_num           ? 
_entity_src_nat.pdbx_end_seq_num           ? 
_entity_src_nat.common_name                'MANY-BANDED KRAIT' 
_entity_src_nat.pdbx_organism_scientific   'BUNGARUS MULTICINCTUS' 
_entity_src_nat.pdbx_ncbi_taxonomy_id      8616 
_entity_src_nat.genus                      ? 
_entity_src_nat.species                    ? 
_entity_src_nat.strain                     ? 
_entity_src_nat.tissue                     ? 
_entity_src_nat.tissue_fraction            ? 
_entity_src_nat.pdbx_secretion             VENOM 
_entity_src_nat.pdbx_fragment              ? 
_entity_src_nat.pdbx_variant               ? 
_entity_src_nat.pdbx_cell_line             ? 
_entity_src_nat.pdbx_atcc                  ? 
_entity_src_nat.pdbx_cellular_location     ? 
_entity_src_nat.pdbx_organ                 ? 
_entity_src_nat.pdbx_organelle             ? 
_entity_src_nat.pdbx_cell                  ? 
_entity_src_nat.pdbx_plasmid_name          ? 
_entity_src_nat.pdbx_plasmid_details       ? 
_entity_src_nat.details                    ? 
# 
_pdbx_entity_src_syn.entity_id              2 
_pdbx_entity_src_syn.pdbx_src_id            1 
_pdbx_entity_src_syn.pdbx_alt_source_flag   sample 
_pdbx_entity_src_syn.pdbx_beg_seq_num       ? 
_pdbx_entity_src_syn.pdbx_end_seq_num       ? 
_pdbx_entity_src_syn.organism_scientific    'SYNTHETIC CONSTRUCT' 
_pdbx_entity_src_syn.organism_common_name   ? 
_pdbx_entity_src_syn.ncbi_taxonomy_id       32630 
_pdbx_entity_src_syn.details                'MIMOTOPE OF THE NICOTINIC ACETYLCHOLINE RECEPTOR' 
# 
loop_
_chem_comp.id 
_chem_comp.type 
_chem_comp.mon_nstd_flag 
_chem_comp.name 
_chem_comp.pdbx_synonyms 
_chem_comp.formula 
_chem_comp.formula_weight 
ALA 'L-peptide linking' y ALANINE         ? 'C3 H7 N O2'     89.093  
ARG 'L-peptide linking' y ARGININE        ? 'C6 H15 N4 O2 1' 175.209 
ASN 'L-peptide linking' y ASPARAGINE      ? 'C4 H8 N2 O3'    132.118 
ASP 'L-peptide linking' y 'ASPARTIC ACID' ? 'C4 H7 N O4'     133.103 
CYS 'L-peptide linking' y CYSTEINE        ? 'C3 H7 N O2 S'   121.158 
GLN 'L-peptide linking' y GLUTAMINE       ? 'C5 H10 N2 O3'   146.144 
GLU 'L-peptide linking' y 'GLUTAMIC ACID' ? 'C5 H9 N O4'     147.129 
GLY 'peptide linking'   y GLYCINE         ? 'C2 H5 N O2'     75.067  
HIS 'L-peptide linking' y HISTIDINE       ? 'C6 H10 N3 O2 1' 156.162 
ILE 'L-peptide linking' y ISOLEUCINE      ? 'C6 H13 N O2'    131.173 
LEU 'L-peptide linking' y LEUCINE         ? 'C6 H13 N O2'    131.173 
LYS 'L-peptide linking' y LYSINE          ? 'C6 H15 N2 O2 1' 147.195 
MET 'L-peptide linking' y METHIONINE      ? 'C5 H11 N O2 S'  149.211 
PHE 'L-peptide linking' y PHENYLALANINE   ? 'C9 H11 N O2'    165.189 
PRO 'L-peptide linking' y PROLINE         ? 'C5 H9 N O2'     115.130 
SER 'L-peptide linking' y SERINE          ? 'C3 H7 N O3'     105.093 
THR 'L-peptide linking' y THREONINE       ? 'C4 H9 N O3'     119.119 
TRP 'L-peptide linking' y TRYPTOPHAN      ? 'C11 H12 N2 O2'  204.225 
TYR 'L-peptide linking' y TYROSINE        ? 'C9 H11 N O3'    181.189 
VAL 'L-peptide linking' y VALINE          ? 'C5 H11 N O2'    117.146 
# 
loop_
_pdbx_poly_seq_scheme.asym_id 
_pdbx_poly_seq_scheme.entity_id 
_pdbx_poly_seq_scheme.seq_id 
_pdbx_poly_seq_scheme.mon_id 
_pdbx_poly_seq_scheme.ndb_seq_num 
_pdbx_poly_seq_scheme.pdb_seq_num 
_pdbx_poly_seq_scheme.auth_seq_num 
_pdbx_poly_seq_scheme.pdb_mon_id 
_pdbx_poly_seq_scheme.auth_mon_id 
_pdbx_poly_seq_scheme.pdb_strand_id 
_pdbx_poly_seq_scheme.pdb_ins_code 
_pdbx_poly_seq_scheme.hetero 
A 1 1  ILE 1  1  1  ILE ILE A . n 
A 1 2  VAL 2  2  2  VAL VAL A . n 
A 1 3  CYS 3  3  3  CYS CYS A . n 
A 1 4  HIS 4  4  4  HIS HIS A . n 
A 1 5  THR 5  5  5  THR THR A . n 
A 1 6  THR 6  6  6  THR THR A . n 
A 1 7  ALA 7  7  7  ALA ALA A . n 
A 1 8  THR 8  8  8  THR THR A . n 
A 1 9  SER 9  9  9  SER SER A . n 
A 1 10 PRO 10 10 10 PRO PRO A . n 
A 1 11 ILE 11 11 11 ILE ILE A . n 
A 1 12 SER 12 12 12 SER SER A . n 
A 1 13 ALA 13 13 13 ALA ALA A . n 
A 1 14 VAL 14 14 14 VAL VAL A . n 
A 1 15 THR 15 15 15 THR THR A . n 
A 1 16 CYS 16 16 16 CYS CYS A . n 
A 1 17 PRO 17 17 17 PRO PRO A . n 
A 1 18 PRO 18 18 18 PRO PRO A . n 
A 1 19 GLY 19 19 19 GLY GLY A . n 
A 1 20 GLU 20 20 20 GLU GLU A . n 
A 1 21 ASN 21 21 21 ASN ASN A . n 
A 1 22 LEU 22 22 22 LEU LEU A . n 
A 1 23 CYS 23 23 23 CYS CYS A . n 
A 1 24 TYR 24 24 24 TYR TYR A . n 
A 1 25 ARG 25 25 25 ARG ARG A . n 
A 1 26 LYS 26 26 26 LYS LYS A . n 
A 1 27 MET 27 27 27 MET MET A . n 
A 1 28 TRP 28 28 28 TRP TRP A . n 
A 1 29 CYS 29 29 29 CYS CYS A . n 
A 1 30 ASP 30 30 30 ASP ASP A . n 
A 1 31 ALA 31 31 31 ALA ALA A . n 
A 1 32 PHE 32 32 32 PHE PHE A . n 
A 1 33 CYS 33 33 33 CYS CYS A . n 
A 1 34 SER 34 34 34 SER SER A . n 
A 1 35 SER 35 35 35 SER SER A . n 
A 1 36 ARG 36 36 36 ARG ARG A . n 
A 1 37 GLY 37 37 37 GLY GLY A . n 
A 1 38 LYS 38 38 38 LYS LYS A . n 
A 1 39 VAL 39 39 39 VAL VAL A . n 
A 1 40 VAL 40 40 40 VAL VAL A . n 
A 1 41 GLU 41 41 41 GLU GLU A . n 
A 1 42 LEU 42 42 42 LEU LEU A . n 
A 1 43 GLY 43 43 43 GLY GLY A . n 
A 1 44 CYS 44 44 44 CYS CYS A . n 
A 1 45 ALA 45 45 45 ALA ALA A . n 
A 1 46 ALA 46 46 46 ALA ALA A . n 
A 1 47 THR 47 47 47 THR THR A . n 
A 1 48 CYS 48 48 48 CYS CYS A . n 
A 1 49 PRO 49 49 49 PRO PRO A . n 
A 1 50 SER 50 50 50 SER SER A . n 
A 1 51 LYS 51 51 51 LYS LYS A . n 
A 1 52 LYS 52 52 52 LYS LYS A . n 
A 1 53 PRO 53 53 53 PRO PRO A . n 
A 1 54 TYR 54 54 54 TYR TYR A . n 
A 1 55 GLU 55 55 55 GLU GLU A . n 
A 1 56 GLU 56 56 56 GLU GLU A . n 
A 1 57 VAL 57 57 57 VAL VAL A . n 
A 1 58 THR 58 58 58 THR THR A . n 
A 1 59 CYS 59 59 59 CYS CYS A . n 
A 1 60 CYS 60 60 60 CYS CYS A . n 
A 1 61 SER 61 61 61 SER SER A . n 
A 1 62 THR 62 62 62 THR THR A . n 
A 1 63 ASP 63 63 63 ASP ASP A . n 
A 1 64 LYS 64 64 64 LYS LYS A . n 
A 1 65 CYS 65 65 65 CYS CYS A . n 
A 1 66 ASN 66 66 66 ASN ASN A . n 
A 1 67 PRO 67 67 67 PRO PRO A . n 
A 1 68 HIS 68 68 68 HIS HIS A . n 
A 1 69 PRO 69 69 69 PRO PRO A . n 
A 1 70 LYS 70 70 70 LYS LYS A . n 
A 1 71 GLN 71 71 71 GLN GLN A . n 
A 1 72 ARG 72 72 72 ARG ARG A . n 
A 1 73 PRO 73 73 73 PRO PRO A . n 
A 1 74 GLY 74 74 74 GLY GLY A . n 
B 2 1  TRP 1  75 75 TRP TRP B . n 
B 2 2  ARG 2  76 76 ARG ARG B . n 
B 2 3  TYR 3  77 77 TYR TYR B . n 
B 2 4  TYR 4  78 78 TYR TYR B . n 
B 2 5  GLU 5  79 79 GLU GLU B . n 
B 2 6  SER 6  80 80 SER SER B . n 
B 2 7  SER 7  81 81 SER SER B . n 
B 2 8  LEU 8  82 82 LEU LEU B . n 
B 2 9  GLU 9  83 83 GLU GLU B . n 
B 2 10 PRO 10 84 84 PRO PRO B . n 
B 2 11 TYR 11 85 85 TYR TYR B . n 
B 2 12 PRO 12 86 86 PRO PRO B . n 
B 2 13 ASP 13 87 87 ASP ASP B . n 
# 
_cell.entry_id           1HAA 
_cell.length_a           1.000 
_cell.length_b           1.000 
_cell.length_c           1.000 
_cell.angle_alpha        90.00 
_cell.angle_beta         90.00 
_cell.angle_gamma        90.00 
_cell.Z_PDB              1 
_cell.pdbx_unique_axis   ? 
# 
_symmetry.entry_id                         1HAA 
_symmetry.space_group_name_H-M             'P 1' 
_symmetry.pdbx_full_space_group_name_H-M   ? 
_symmetry.cell_setting                     ? 
_symmetry.Int_Tables_number                1 
# 
_exptl.entry_id          1HAA 
_exptl.method            'SOLUTION NMR' 
_exptl.crystals_number   ? 
# 
_struct.entry_id                  1HAA 
_struct.title                     
'A beta-Hairpin Structure in a 13-mer Peptide that Binds a-Bungarotoxin with High Affinity and Neutralizes its Toxicity' 
_struct.pdbx_model_details        ? 
_struct.pdbx_CASP_flag            ? 
_struct.pdbx_model_type_details   'MINIMIZED AVERAGE' 
# 
_struct_keywords.entry_id        1HAA 
_struct_keywords.pdbx_keywords   TOXIN/PEPTIDE 
_struct_keywords.text            
;TOXIN/PEPTIDE, COMPLEX (TOXIN-PEPTIDE), ACETYLCHOLINE RECEPTOR MIMITOPE, ALPHA-BUNGAROTOXIN, PROTEIN-PEPTIDE COMPLEX, TOXIN, BETA-HAIRPIN, TOXIN-PEPTIDE complex
;
# 
loop_
_struct_asym.id 
_struct_asym.pdbx_blank_PDB_chainid_flag 
_struct_asym.pdbx_modified 
_struct_asym.entity_id 
_struct_asym.details 
A N N 1 ? 
B N N 2 ? 
# 
loop_
_struct_ref.id 
_struct_ref.db_name 
_struct_ref.db_code 
_struct_ref.entity_id 
_struct_ref.pdbx_seq_one_letter_code 
_struct_ref.pdbx_align_begin 
_struct_ref.pdbx_db_accession 
_struct_ref.pdbx_db_isoform 
1 UNP NXL1_BUNMU 1 ? ? P01378 ? 
2 PDB 1HAA       2 ? ? 1HAA   ? 
# 
loop_
_struct_ref_seq.align_id 
_struct_ref_seq.ref_id 
_struct_ref_seq.pdbx_PDB_id_code 
_struct_ref_seq.pdbx_strand_id 
_struct_ref_seq.seq_align_beg 
_struct_ref_seq.pdbx_seq_align_beg_ins_code 
_struct_ref_seq.seq_align_end 
_struct_ref_seq.pdbx_seq_align_end_ins_code 
_struct_ref_seq.pdbx_db_accession 
_struct_ref_seq.db_align_beg 
_struct_ref_seq.pdbx_db_align_beg_ins_code 
_struct_ref_seq.db_align_end 
_struct_ref_seq.pdbx_db_align_end_ins_code 
_struct_ref_seq.pdbx_auth_seq_align_beg 
_struct_ref_seq.pdbx_auth_seq_align_end 
1 1 1HAA A 1 ? 74 ? P01378 1  ? 74 ? 1  74 
2 2 1HAA B 1 ? 13 ? 1HAA   75 ? 87 ? 75 87 
# 
_pdbx_struct_assembly.id                   1 
_pdbx_struct_assembly.details              author_defined_assembly 
_pdbx_struct_assembly.method_details       ? 
_pdbx_struct_assembly.oligomeric_details   dimeric 
_pdbx_struct_assembly.oligomeric_count     2 
# 
_pdbx_struct_assembly_gen.assembly_id       1 
_pdbx_struct_assembly_gen.oper_expression   1 
_pdbx_struct_assembly_gen.asym_id_list      A,B 
# 
_pdbx_struct_oper_list.id                   1 
_pdbx_struct_oper_list.type                 'identity operation' 
_pdbx_struct_oper_list.name                 1_555 
_pdbx_struct_oper_list.symmetry_operation   x,y,z 
_pdbx_struct_oper_list.matrix[1][1]         1.0000000000 
_pdbx_struct_oper_list.matrix[1][2]         0.0000000000 
_pdbx_struct_oper_list.matrix[1][3]         0.0000000000 
_pdbx_struct_oper_list.vector[1]            0.0000000000 
_pdbx_struct_oper_list.matrix[2][1]         0.0000000000 
_pdbx_struct_oper_list.matrix[2][2]         1.0000000000 
_pdbx_struct_oper_list.matrix[2][3]         0.0000000000 
_pdbx_struct_oper_list.vector[2]            0.0000000000 
_pdbx_struct_oper_list.matrix[3][1]         0.0000000000 
_pdbx_struct_oper_list.matrix[3][2]         0.0000000000 
_pdbx_struct_oper_list.matrix[3][3]         1.0000000000 
_pdbx_struct_oper_list.vector[3]            0.0000000000 
# 
_struct_biol.id   1 
# 
loop_
_struct_conn.id 
_struct_conn.conn_type_id 
_struct_conn.pdbx_leaving_atom_flag 
_struct_conn.pdbx_PDB_id 
_struct_conn.ptnr1_label_asym_id 
_struct_conn.ptnr1_label_comp_id 
_struct_conn.ptnr1_label_seq_id 
_struct_conn.ptnr1_label_atom_id 
_struct_conn.pdbx_ptnr1_label_alt_id 
_struct_conn.pdbx_ptnr1_PDB_ins_code 
_struct_conn.pdbx_ptnr1_standard_comp_id 
_struct_conn.ptnr1_symmetry 
_struct_conn.ptnr2_label_asym_id 
_struct_conn.ptnr2_label_comp_id 
_struct_conn.ptnr2_label_seq_id 
_struct_conn.ptnr2_label_atom_id 
_struct_conn.pdbx_ptnr2_label_alt_id 
_struct_conn.pdbx_ptnr2_PDB_ins_code 
_struct_conn.ptnr1_auth_asym_id 
_struct_conn.ptnr1_auth_comp_id 
_struct_conn.ptnr1_auth_seq_id 
_struct_conn.ptnr2_auth_asym_id 
_struct_conn.ptnr2_auth_comp_id 
_struct_conn.ptnr2_auth_seq_id 
_struct_conn.ptnr2_symmetry 
_struct_conn.pdbx_ptnr3_label_atom_id 
_struct_conn.pdbx_ptnr3_label_seq_id 
_struct_conn.pdbx_ptnr3_label_comp_id 
_struct_conn.pdbx_ptnr3_label_asym_id 
_struct_conn.pdbx_ptnr3_label_alt_id 
_struct_conn.pdbx_ptnr3_PDB_ins_code 
_struct_conn.details 
_struct_conn.pdbx_dist_value 
_struct_conn.pdbx_value_order 
_struct_conn.pdbx_role 
disulf1 disulf ? ? A CYS 3  SG ? ? ? 1_555 A CYS 23 SG ? ? A CYS 3  A CYS 23 1_555 ? ? ? ? ? ? ? 2.031 ? ? 
disulf2 disulf ? ? A CYS 16 SG ? ? ? 1_555 A CYS 44 SG ? ? A CYS 16 A CYS 44 1_555 ? ? ? ? ? ? ? 2.029 ? ? 
disulf3 disulf ? ? A CYS 29 SG ? ? ? 1_555 A CYS 33 SG ? ? A CYS 29 A CYS 33 1_555 ? ? ? ? ? ? ? 2.043 ? ? 
disulf4 disulf ? ? A CYS 48 SG ? ? ? 1_555 A CYS 59 SG ? ? A CYS 48 A CYS 59 1_555 ? ? ? ? ? ? ? 2.030 ? ? 
disulf5 disulf ? ? A CYS 60 SG ? ? ? 1_555 A CYS 65 SG ? ? A CYS 60 A CYS 65 1_555 ? ? ? ? ? ? ? 2.028 ? ? 
# 
_struct_conn_type.id          disulf 
_struct_conn_type.criteria    ? 
_struct_conn_type.reference   ? 
# 
loop_
_pdbx_modification_feature.ordinal 
_pdbx_modification_feature.label_comp_id 
_pdbx_modification_feature.label_asym_id 
_pdbx_modification_feature.label_seq_id 
_pdbx_modification_feature.label_alt_id 
_pdbx_modification_feature.modified_residue_label_comp_id 
_pdbx_modification_feature.modified_residue_label_asym_id 
_pdbx_modification_feature.modified_residue_label_seq_id 
_pdbx_modification_feature.modified_residue_label_alt_id 
_pdbx_modification_feature.auth_comp_id 
_pdbx_modification_feature.auth_asym_id 
_pdbx_modification_feature.auth_seq_id 
_pdbx_modification_feature.PDB_ins_code 
_pdbx_modification_feature.symmetry 
_pdbx_modification_feature.modified_residue_auth_comp_id 
_pdbx_modification_feature.modified_residue_auth_asym_id 
_pdbx_modification_feature.modified_residue_auth_seq_id 
_pdbx_modification_feature.modified_residue_PDB_ins_code 
_pdbx_modification_feature.modified_residue_symmetry 
_pdbx_modification_feature.comp_id_linking_atom 
_pdbx_modification_feature.modified_residue_id_linking_atom 
_pdbx_modification_feature.modified_residue_id 
_pdbx_modification_feature.ref_pcm_id 
_pdbx_modification_feature.ref_comp_id 
_pdbx_modification_feature.type 
_pdbx_modification_feature.category 
1 CYS A 3  ? CYS A 23 ? CYS A 3  ? 1_555 CYS A 23 ? 1_555 SG SG . . . None 'Disulfide bridge' 
2 CYS A 16 ? CYS A 44 ? CYS A 16 ? 1_555 CYS A 44 ? 1_555 SG SG . . . None 'Disulfide bridge' 
3 CYS A 29 ? CYS A 33 ? CYS A 29 ? 1_555 CYS A 33 ? 1_555 SG SG . . . None 'Disulfide bridge' 
4 CYS A 48 ? CYS A 59 ? CYS A 48 ? 1_555 CYS A 59 ? 1_555 SG SG . . . None 'Disulfide bridge' 
5 CYS A 60 ? CYS A 65 ? CYS A 60 ? 1_555 CYS A 65 ? 1_555 SG SG . . . None 'Disulfide bridge' 
# 
loop_
_struct_sheet.id 
_struct_sheet.type 
_struct_sheet.number_strands 
_struct_sheet.details 
S1A ? 2 ? 
S2B ? 4 ? 
S3C ? 1 ? 
# 
loop_
_struct_sheet_order.sheet_id 
_struct_sheet_order.range_id_1 
_struct_sheet_order.range_id_2 
_struct_sheet_order.offset 
_struct_sheet_order.sense 
S1A 1 2 ? anti-parallel 
S2B 1 2 ? anti-parallel 
S2B 2 3 ? anti-parallel 
S2B 3 4 ? anti-parallel 
# 
loop_
_struct_sheet_range.sheet_id 
_struct_sheet_range.id 
_struct_sheet_range.beg_label_comp_id 
_struct_sheet_range.beg_label_asym_id 
_struct_sheet_range.beg_label_seq_id 
_struct_sheet_range.pdbx_beg_PDB_ins_code 
_struct_sheet_range.end_label_comp_id 
_struct_sheet_range.end_label_asym_id 
_struct_sheet_range.end_label_seq_id 
_struct_sheet_range.pdbx_end_PDB_ins_code 
_struct_sheet_range.beg_auth_comp_id 
_struct_sheet_range.beg_auth_asym_id 
_struct_sheet_range.beg_auth_seq_id 
_struct_sheet_range.end_auth_comp_id 
_struct_sheet_range.end_auth_asym_id 
_struct_sheet_range.end_auth_seq_id 
S1A 1 VAL A 2  ? THR A 5  ? VAL A 2  THR A 5  
S1A 2 SER A 12 ? THR A 15 ? SER A 12 THR A 15 
S2B 1 GLU A 56 ? CYS A 60 ? GLU A 56 CYS A 60 
S2B 2 LEU A 22 ? ASP A 30 ? LEU A 22 ASP A 30 
S2B 3 GLY A 37 ? ALA A 45 ? GLY A 37 ALA A 45 
S2B 4 ARG B 2  ? TYR B 4  ? ARG B 76 TYR B 78 
S3C 1 PRO B 10 ? TYR B 11 ? PRO B 84 TYR B 85 
# 
loop_
_pdbx_struct_sheet_hbond.sheet_id 
_pdbx_struct_sheet_hbond.range_id_1 
_pdbx_struct_sheet_hbond.range_id_2 
_pdbx_struct_sheet_hbond.range_1_label_atom_id 
_pdbx_struct_sheet_hbond.range_1_label_comp_id 
_pdbx_struct_sheet_hbond.range_1_label_asym_id 
_pdbx_struct_sheet_hbond.range_1_label_seq_id 
_pdbx_struct_sheet_hbond.range_1_PDB_ins_code 
_pdbx_struct_sheet_hbond.range_1_auth_atom_id 
_pdbx_struct_sheet_hbond.range_1_auth_comp_id 
_pdbx_struct_sheet_hbond.range_1_auth_asym_id 
_pdbx_struct_sheet_hbond.range_1_auth_seq_id 
_pdbx_struct_sheet_hbond.range_2_label_atom_id 
_pdbx_struct_sheet_hbond.range_2_label_comp_id 
_pdbx_struct_sheet_hbond.range_2_label_asym_id 
_pdbx_struct_sheet_hbond.range_2_label_seq_id 
_pdbx_struct_sheet_hbond.range_2_PDB_ins_code 
_pdbx_struct_sheet_hbond.range_2_auth_atom_id 
_pdbx_struct_sheet_hbond.range_2_auth_comp_id 
_pdbx_struct_sheet_hbond.range_2_auth_asym_id 
_pdbx_struct_sheet_hbond.range_2_auth_seq_id 
S1A 1 2 N THR A 5  ? N THR A 5  O SER A 12 ? O SER A 12 
S2B 1 2 N CYS A 60 ? N CYS A 60 O CYS A 23 ? O CYS A 23 
S2B 2 3 N ASP A 30 ? N ASP A 30 O GLY A 37 ? O GLY A 37 
S2B 3 4 N VAL A 40 ? N VAL A 40 O TYR B 3  ? O TYR B 77 
# 
_pdbx_entry_details.entry_id                   1HAA 
_pdbx_entry_details.compound_details           
;THE PEPTIDE BINDS ALPHA-BUNGAROTOXIN AND THUS INHIBITS THE
 BINDING OF THE TOXIN TO THE NICOTINIC RECEPTORS.
 THE OBSERVED QUATERNARY STATE IS MONOMERIC IN SOLUTION WHILE
 IN THE CRYSTAL STRUCTURES IT IS OBSERVED TO BE DIMERIC
;
_pdbx_entry_details.source_details             ? 
_pdbx_entry_details.nonpolymer_details         ? 
_pdbx_entry_details.sequence_details           ? 
_pdbx_entry_details.has_ligand_of_interest     ? 
_pdbx_entry_details.has_protein_modification   Y 
# 
loop_
_pdbx_validate_close_contact.id 
_pdbx_validate_close_contact.PDB_model_num 
_pdbx_validate_close_contact.auth_atom_id_1 
_pdbx_validate_close_contact.auth_asym_id_1 
_pdbx_validate_close_contact.auth_comp_id_1 
_pdbx_validate_close_contact.auth_seq_id_1 
_pdbx_validate_close_contact.PDB_ins_code_1 
_pdbx_validate_close_contact.label_alt_id_1 
_pdbx_validate_close_contact.auth_atom_id_2 
_pdbx_validate_close_contact.auth_asym_id_2 
_pdbx_validate_close_contact.auth_comp_id_2 
_pdbx_validate_close_contact.auth_seq_id_2 
_pdbx_validate_close_contact.PDB_ins_code_2 
_pdbx_validate_close_contact.label_alt_id_2 
_pdbx_validate_close_contact.dist 
1 1 O A ASP 30 ? ? H A PHE 32 ? ? 1.38 
2 1 H A ASP 30 ? ? O A GLY 37 ? ? 1.58 
3 1 O A TRP 28 ? ? H A VAL 39 ? ? 1.58 
4 1 H A VAL 40 ? ? O B TYR 77 ? ? 1.60 
5 1 O A ASP 30 ? ? N A PHE 32 ? ? 2.02 
# 
loop_
_pdbx_validate_torsion.id 
_pdbx_validate_torsion.PDB_model_num 
_pdbx_validate_torsion.auth_comp_id 
_pdbx_validate_torsion.auth_asym_id 
_pdbx_validate_torsion.auth_seq_id 
_pdbx_validate_torsion.PDB_ins_code 
_pdbx_validate_torsion.label_alt_id 
_pdbx_validate_torsion.phi 
_pdbx_validate_torsion.psi 
1  1 THR A 8  ? ? -69.83  -168.50 
2  1 PRO A 18 ? ? -60.86  68.95   
3  1 TRP A 28 ? ? -170.58 121.22  
4  1 ALA A 31 ? ? -36.15  56.57   
5  1 PHE A 32 ? ? -172.92 29.12   
6  1 SER A 35 ? ? -97.10  -79.66  
7  1 ARG A 36 ? ? -69.06  -82.54  
8  1 LYS A 38 ? ? -39.56  107.03  
9  1 PRO A 49 ? ? -68.05  -179.38 
10 1 SER A 50 ? ? -58.95  -174.99 
11 1 TYR A 54 ? ? -91.88  -75.71  
12 1 SER A 61 ? ? -114.92 55.63   
13 1 LYS A 64 ? ? 34.90   41.43   
14 1 ASN A 66 ? ? -113.23 57.89   
# 
_pdbx_database_remark.id     700 
_pdbx_database_remark.text   
;
SHEET
DETERMINATION METHOD: KABSCH AND SANDER ALGORITHM
 STRAND: S1A 1; STRANDS S2D & S2E FORM B-HAIRPIN WITHIN THE
 BOUND PEPTIDE, THAT COMBINES TO S2A-S2C TO FORM
 INTERMOLECULAR 5-STRANDED BETA-SHEET.
;
# 
_pdbx_nmr_ensemble.entry_id                             1HAA 
_pdbx_nmr_ensemble.conformers_calculated_total_number   ? 
_pdbx_nmr_ensemble.conformers_submitted_total_number    1 
_pdbx_nmr_ensemble.conformer_selection_criteria         'NO RESTRAINT VIOLATION' 
# 
_pdbx_nmr_sample_details.solution_id   1 
_pdbx_nmr_sample_details.contents      '1MM COMPLEX IN 90% WATER,10% D2O' 
# 
_pdbx_nmr_exptl_sample_conditions.conditions_id          1 
_pdbx_nmr_exptl_sample_conditions.temperature            303 
_pdbx_nmr_exptl_sample_conditions.pressure_units         ? 
_pdbx_nmr_exptl_sample_conditions.pressure               AMBIENT 
_pdbx_nmr_exptl_sample_conditions.pH                     6 
_pdbx_nmr_exptl_sample_conditions.ionic_strength         ? 
_pdbx_nmr_exptl_sample_conditions.ionic_strength_units   ? 
_pdbx_nmr_exptl_sample_conditions.pH_units               pH 
_pdbx_nmr_exptl_sample_conditions.temperature_units      K 
# 
loop_
_pdbx_nmr_exptl.experiment_id 
_pdbx_nmr_exptl.conditions_id 
_pdbx_nmr_exptl.type 
_pdbx_nmr_exptl.solution_id 
1 1 NOESY    1 
2 1 HOHAHA   1 
3 1 DQF-COSY 1 
# 
_pdbx_nmr_details.entry_id   1HAA 
_pdbx_nmr_details.text       'MINIMIZED AVERAGE STRUCTURE. THE STRUCTURE WAS DETERMINED USING STANDARD 2D 1H-NMR SPECTROSCOPY.' 
# 
_pdbx_nmr_refine.entry_id           1HAA 
_pdbx_nmr_refine.method             'DISTANCE GEOMETRY, DYNAMICAL SIMULATED ANNEALING' 
_pdbx_nmr_refine.details            
'RMS DEVIATIONS FROM IDEAL VALUES: BOND LENGTH (A) 0.0033, ANGLES (DEG) 0.52 IMPROPERS (DEG) 0.45' 
_pdbx_nmr_refine.software_ordinal   1 
# 
loop_
_pdbx_nmr_software.classification 
_pdbx_nmr_software.name 
_pdbx_nmr_software.version 
_pdbx_nmr_software.authors 
_pdbx_nmr_software.ordinal 
refinement           CNS     0.9 'BRUNGER, ADAMS, CLORE, DELANO, GROS ET AL' 1 
'structure solution' XwinNMR ?   ?                                           2 
'structure solution' AURELIA ?   ?                                           3 
'structure solution' CNS     ?   ?                                           4 
# 
loop_
_chem_comp_atom.comp_id 
_chem_comp_atom.atom_id 
_chem_comp_atom.type_symbol 
_chem_comp_atom.pdbx_aromatic_flag 
_chem_comp_atom.pdbx_stereo_config 
_chem_comp_atom.pdbx_ordinal 
ALA N    N N N 1   
ALA CA   C N S 2   
ALA C    C N N 3   
ALA O    O N N 4   
ALA CB   C N N 5   
ALA OXT  O N N 6   
ALA H    H N N 7   
ALA H2   H N N 8   
ALA HA   H N N 9   
ALA HB1  H N N 10  
ALA HB2  H N N 11  
ALA HB3  H N N 12  
ALA HXT  H N N 13  
ARG N    N N N 14  
ARG CA   C N S 15  
ARG C    C N N 16  
ARG O    O N N 17  
ARG CB   C N N 18  
ARG CG   C N N 19  
ARG CD   C N N 20  
ARG NE   N N N 21  
ARG CZ   C N N 22  
ARG NH1  N N N 23  
ARG NH2  N N N 24  
ARG OXT  O N N 25  
ARG H    H N N 26  
ARG H2   H N N 27  
ARG HA   H N N 28  
ARG HB2  H N N 29  
ARG HB3  H N N 30  
ARG HG2  H N N 31  
ARG HG3  H N N 32  
ARG HD2  H N N 33  
ARG HD3  H N N 34  
ARG HE   H N N 35  
ARG HH11 H N N 36  
ARG HH12 H N N 37  
ARG HH21 H N N 38  
ARG HH22 H N N 39  
ARG HXT  H N N 40  
ASN N    N N N 41  
ASN CA   C N S 42  
ASN C    C N N 43  
ASN O    O N N 44  
ASN CB   C N N 45  
ASN CG   C N N 46  
ASN OD1  O N N 47  
ASN ND2  N N N 48  
ASN OXT  O N N 49  
ASN H    H N N 50  
ASN H2   H N N 51  
ASN HA   H N N 52  
ASN HB2  H N N 53  
ASN HB3  H N N 54  
ASN HD21 H N N 55  
ASN HD22 H N N 56  
ASN HXT  H N N 57  
ASP N    N N N 58  
ASP CA   C N S 59  
ASP C    C N N 60  
ASP O    O N N 61  
ASP CB   C N N 62  
ASP CG   C N N 63  
ASP OD1  O N N 64  
ASP OD2  O N N 65  
ASP OXT  O N N 66  
ASP H    H N N 67  
ASP H2   H N N 68  
ASP HA   H N N 69  
ASP HB2  H N N 70  
ASP HB3  H N N 71  
ASP HD2  H N N 72  
ASP HXT  H N N 73  
CYS N    N N N 74  
CYS CA   C N R 75  
CYS C    C N N 76  
CYS O    O N N 77  
CYS CB   C N N 78  
CYS SG   S N N 79  
CYS OXT  O N N 80  
CYS H    H N N 81  
CYS H2   H N N 82  
CYS HA   H N N 83  
CYS HB2  H N N 84  
CYS HB3  H N N 85  
CYS HG   H N N 86  
CYS HXT  H N N 87  
GLN N    N N N 88  
GLN CA   C N S 89  
GLN C    C N N 90  
GLN O    O N N 91  
GLN CB   C N N 92  
GLN CG   C N N 93  
GLN CD   C N N 94  
GLN OE1  O N N 95  
GLN NE2  N N N 96  
GLN OXT  O N N 97  
GLN H    H N N 98  
GLN H2   H N N 99  
GLN HA   H N N 100 
GLN HB2  H N N 101 
GLN HB3  H N N 102 
GLN HG2  H N N 103 
GLN HG3  H N N 104 
GLN HE21 H N N 105 
GLN HE22 H N N 106 
GLN HXT  H N N 107 
GLU N    N N N 108 
GLU CA   C N S 109 
GLU C    C N N 110 
GLU O    O N N 111 
GLU CB   C N N 112 
GLU CG   C N N 113 
GLU CD   C N N 114 
GLU OE1  O N N 115 
GLU OE2  O N N 116 
GLU OXT  O N N 117 
GLU H    H N N 118 
GLU H2   H N N 119 
GLU HA   H N N 120 
GLU HB2  H N N 121 
GLU HB3  H N N 122 
GLU HG2  H N N 123 
GLU HG3  H N N 124 
GLU HE2  H N N 125 
GLU HXT  H N N 126 
GLY N    N N N 127 
GLY CA   C N N 128 
GLY C    C N N 129 
GLY O    O N N 130 
GLY OXT  O N N 131 
GLY H    H N N 132 
GLY H2   H N N 133 
GLY HA2  H N N 134 
GLY HA3  H N N 135 
GLY HXT  H N N 136 
HIS N    N N N 137 
HIS CA   C N S 138 
HIS C    C N N 139 
HIS O    O N N 140 
HIS CB   C N N 141 
HIS CG   C Y N 142 
HIS ND1  N Y N 143 
HIS CD2  C Y N 144 
HIS CE1  C Y N 145 
HIS NE2  N Y N 146 
HIS OXT  O N N 147 
HIS H    H N N 148 
HIS H2   H N N 149 
HIS HA   H N N 150 
HIS HB2  H N N 151 
HIS HB3  H N N 152 
HIS HD1  H N N 153 
HIS HD2  H N N 154 
HIS HE1  H N N 155 
HIS HE2  H N N 156 
HIS HXT  H N N 157 
ILE N    N N N 158 
ILE CA   C N S 159 
ILE C    C N N 160 
ILE O    O N N 161 
ILE CB   C N S 162 
ILE CG1  C N N 163 
ILE CG2  C N N 164 
ILE CD1  C N N 165 
ILE OXT  O N N 166 
ILE H    H N N 167 
ILE H2   H N N 168 
ILE HA   H N N 169 
ILE HB   H N N 170 
ILE HG12 H N N 171 
ILE HG13 H N N 172 
ILE HG21 H N N 173 
ILE HG22 H N N 174 
ILE HG23 H N N 175 
ILE HD11 H N N 176 
ILE HD12 H N N 177 
ILE HD13 H N N 178 
ILE HXT  H N N 179 
LEU N    N N N 180 
LEU CA   C N S 181 
LEU C    C N N 182 
LEU O    O N N 183 
LEU CB   C N N 184 
LEU CG   C N N 185 
LEU CD1  C N N 186 
LEU CD2  C N N 187 
LEU OXT  O N N 188 
LEU H    H N N 189 
LEU H2   H N N 190 
LEU HA   H N N 191 
LEU HB2  H N N 192 
LEU HB3  H N N 193 
LEU HG   H N N 194 
LEU HD11 H N N 195 
LEU HD12 H N N 196 
LEU HD13 H N N 197 
LEU HD21 H N N 198 
LEU HD22 H N N 199 
LEU HD23 H N N 200 
LEU HXT  H N N 201 
LYS N    N N N 202 
LYS CA   C N S 203 
LYS C    C N N 204 
LYS O    O N N 205 
LYS CB   C N N 206 
LYS CG   C N N 207 
LYS CD   C N N 208 
LYS CE   C N N 209 
LYS NZ   N N N 210 
LYS OXT  O N N 211 
LYS H    H N N 212 
LYS H2   H N N 213 
LYS HA   H N N 214 
LYS HB2  H N N 215 
LYS HB3  H N N 216 
LYS HG2  H N N 217 
LYS HG3  H N N 218 
LYS HD2  H N N 219 
LYS HD3  H N N 220 
LYS HE2  H N N 221 
LYS HE3  H N N 222 
LYS HZ1  H N N 223 
LYS HZ2  H N N 224 
LYS HZ3  H N N 225 
LYS HXT  H N N 226 
MET N    N N N 227 
MET CA   C N S 228 
MET C    C N N 229 
MET O    O N N 230 
MET CB   C N N 231 
MET CG   C N N 232 
MET SD   S N N 233 
MET CE   C N N 234 
MET OXT  O N N 235 
MET H    H N N 236 
MET H2   H N N 237 
MET HA   H N N 238 
MET HB2  H N N 239 
MET HB3  H N N 240 
MET HG2  H N N 241 
MET HG3  H N N 242 
MET HE1  H N N 243 
MET HE2  H N N 244 
MET HE3  H N N 245 
MET HXT  H N N 246 
PHE N    N N N 247 
PHE CA   C N S 248 
PHE C    C N N 249 
PHE O    O N N 250 
PHE CB   C N N 251 
PHE CG   C Y N 252 
PHE CD1  C Y N 253 
PHE CD2  C Y N 254 
PHE CE1  C Y N 255 
PHE CE2  C Y N 256 
PHE CZ   C Y N 257 
PHE OXT  O N N 258 
PHE H    H N N 259 
PHE H2   H N N 260 
PHE HA   H N N 261 
PHE HB2  H N N 262 
PHE HB3  H N N 263 
PHE HD1  H N N 264 
PHE HD2  H N N 265 
PHE HE1  H N N 266 
PHE HE2  H N N 267 
PHE HZ   H N N 268 
PHE HXT  H N N 269 
PRO N    N N N 270 
PRO CA   C N S 271 
PRO C    C N N 272 
PRO O    O N N 273 
PRO CB   C N N 274 
PRO CG   C N N 275 
PRO CD   C N N 276 
PRO OXT  O N N 277 
PRO H    H N N 278 
PRO HA   H N N 279 
PRO HB2  H N N 280 
PRO HB3  H N N 281 
PRO HG2  H N N 282 
PRO HG3  H N N 283 
PRO HD2  H N N 284 
PRO HD3  H N N 285 
PRO HXT  H N N 286 
SER N    N N N 287 
SER CA   C N S 288 
SER C    C N N 289 
SER O    O N N 290 
SER CB   C N N 291 
SER OG   O N N 292 
SER OXT  O N N 293 
SER H    H N N 294 
SER H2   H N N 295 
SER HA   H N N 296 
SER HB2  H N N 297 
SER HB3  H N N 298 
SER HG   H N N 299 
SER HXT  H N N 300 
THR N    N N N 301 
THR CA   C N S 302 
THR C    C N N 303 
THR O    O N N 304 
THR CB   C N R 305 
THR OG1  O N N 306 
THR CG2  C N N 307 
THR OXT  O N N 308 
THR H    H N N 309 
THR H2   H N N 310 
THR HA   H N N 311 
THR HB   H N N 312 
THR HG1  H N N 313 
THR HG21 H N N 314 
THR HG22 H N N 315 
THR HG23 H N N 316 
THR HXT  H N N 317 
TRP N    N N N 318 
TRP CA   C N S 319 
TRP C    C N N 320 
TRP O    O N N 321 
TRP CB   C N N 322 
TRP CG   C Y N 323 
TRP CD1  C Y N 324 
TRP CD2  C Y N 325 
TRP NE1  N Y N 326 
TRP CE2  C Y N 327 
TRP CE3  C Y N 328 
TRP CZ2  C Y N 329 
TRP CZ3  C Y N 330 
TRP CH2  C Y N 331 
TRP OXT  O N N 332 
TRP H    H N N 333 
TRP H2   H N N 334 
TRP HA   H N N 335 
TRP HB2  H N N 336 
TRP HB3  H N N 337 
TRP HD1  H N N 338 
TRP HE1  H N N 339 
TRP HE3  H N N 340 
TRP HZ2  H N N 341 
TRP HZ3  H N N 342 
TRP HH2  H N N 343 
TRP HXT  H N N 344 
TYR N    N N N 345 
TYR CA   C N S 346 
TYR C    C N N 347 
TYR O    O N N 348 
TYR CB   C N N 349 
TYR CG   C Y N 350 
TYR CD1  C Y N 351 
TYR CD2  C Y N 352 
TYR CE1  C Y N 353 
TYR CE2  C Y N 354 
TYR CZ   C Y N 355 
TYR OH   O N N 356 
TYR OXT  O N N 357 
TYR H    H N N 358 
TYR H2   H N N 359 
TYR HA   H N N 360 
TYR HB2  H N N 361 
TYR HB3  H N N 362 
TYR HD1  H N N 363 
TYR HD2  H N N 364 
TYR HE1  H N N 365 
TYR HE2  H N N 366 
TYR HH   H N N 367 
TYR HXT  H N N 368 
VAL N    N N N 369 
VAL CA   C N S 370 
VAL C    C N N 371 
VAL O    O N N 372 
VAL CB   C N N 373 
VAL CG1  C N N 374 
VAL CG2  C N N 375 
VAL OXT  O N N 376 
VAL H    H N N 377 
VAL H2   H N N 378 
VAL HA   H N N 379 
VAL HB   H N N 380 
VAL HG11 H N N 381 
VAL HG12 H N N 382 
VAL HG13 H N N 383 
VAL HG21 H N N 384 
VAL HG22 H N N 385 
VAL HG23 H N N 386 
VAL HXT  H N N 387 
# 
loop_
_chem_comp_bond.comp_id 
_chem_comp_bond.atom_id_1 
_chem_comp_bond.atom_id_2 
_chem_comp_bond.value_order 
_chem_comp_bond.pdbx_aromatic_flag 
_chem_comp_bond.pdbx_stereo_config 
_chem_comp_bond.pdbx_ordinal 
ALA N   CA   sing N N 1   
ALA N   H    sing N N 2   
ALA N   H2   sing N N 3   
ALA CA  C    sing N N 4   
ALA CA  CB   sing N N 5   
ALA CA  HA   sing N N 6   
ALA C   O    doub N N 7   
ALA C   OXT  sing N N 8   
ALA CB  HB1  sing N N 9   
ALA CB  HB2  sing N N 10  
ALA CB  HB3  sing N N 11  
ALA OXT HXT  sing N N 12  
ARG N   CA   sing N N 13  
ARG N   H    sing N N 14  
ARG N   H2   sing N N 15  
ARG CA  C    sing N N 16  
ARG CA  CB   sing N N 17  
ARG CA  HA   sing N N 18  
ARG C   O    doub N N 19  
ARG C   OXT  sing N N 20  
ARG CB  CG   sing N N 21  
ARG CB  HB2  sing N N 22  
ARG CB  HB3  sing N N 23  
ARG CG  CD   sing N N 24  
ARG CG  HG2  sing N N 25  
ARG CG  HG3  sing N N 26  
ARG CD  NE   sing N N 27  
ARG CD  HD2  sing N N 28  
ARG CD  HD3  sing N N 29  
ARG NE  CZ   sing N N 30  
ARG NE  HE   sing N N 31  
ARG CZ  NH1  sing N N 32  
ARG CZ  NH2  doub N N 33  
ARG NH1 HH11 sing N N 34  
ARG NH1 HH12 sing N N 35  
ARG NH2 HH21 sing N N 36  
ARG NH2 HH22 sing N N 37  
ARG OXT HXT  sing N N 38  
ASN N   CA   sing N N 39  
ASN N   H    sing N N 40  
ASN N   H2   sing N N 41  
ASN CA  C    sing N N 42  
ASN CA  CB   sing N N 43  
ASN CA  HA   sing N N 44  
ASN C   O    doub N N 45  
ASN C   OXT  sing N N 46  
ASN CB  CG   sing N N 47  
ASN CB  HB2  sing N N 48  
ASN CB  HB3  sing N N 49  
ASN CG  OD1  doub N N 50  
ASN CG  ND2  sing N N 51  
ASN ND2 HD21 sing N N 52  
ASN ND2 HD22 sing N N 53  
ASN OXT HXT  sing N N 54  
ASP N   CA   sing N N 55  
ASP N   H    sing N N 56  
ASP N   H2   sing N N 57  
ASP CA  C    sing N N 58  
ASP CA  CB   sing N N 59  
ASP CA  HA   sing N N 60  
ASP C   O    doub N N 61  
ASP C   OXT  sing N N 62  
ASP CB  CG   sing N N 63  
ASP CB  HB2  sing N N 64  
ASP CB  HB3  sing N N 65  
ASP CG  OD1  doub N N 66  
ASP CG  OD2  sing N N 67  
ASP OD2 HD2  sing N N 68  
ASP OXT HXT  sing N N 69  
CYS N   CA   sing N N 70  
CYS N   H    sing N N 71  
CYS N   H2   sing N N 72  
CYS CA  C    sing N N 73  
CYS CA  CB   sing N N 74  
CYS CA  HA   sing N N 75  
CYS C   O    doub N N 76  
CYS C   OXT  sing N N 77  
CYS CB  SG   sing N N 78  
CYS CB  HB2  sing N N 79  
CYS CB  HB3  sing N N 80  
CYS SG  HG   sing N N 81  
CYS OXT HXT  sing N N 82  
GLN N   CA   sing N N 83  
GLN N   H    sing N N 84  
GLN N   H2   sing N N 85  
GLN CA  C    sing N N 86  
GLN CA  CB   sing N N 87  
GLN CA  HA   sing N N 88  
GLN C   O    doub N N 89  
GLN C   OXT  sing N N 90  
GLN CB  CG   sing N N 91  
GLN CB  HB2  sing N N 92  
GLN CB  HB3  sing N N 93  
GLN CG  CD   sing N N 94  
GLN CG  HG2  sing N N 95  
GLN CG  HG3  sing N N 96  
GLN CD  OE1  doub N N 97  
GLN CD  NE2  sing N N 98  
GLN NE2 HE21 sing N N 99  
GLN NE2 HE22 sing N N 100 
GLN OXT HXT  sing N N 101 
GLU N   CA   sing N N 102 
GLU N   H    sing N N 103 
GLU N   H2   sing N N 104 
GLU CA  C    sing N N 105 
GLU CA  CB   sing N N 106 
GLU CA  HA   sing N N 107 
GLU C   O    doub N N 108 
GLU C   OXT  sing N N 109 
GLU CB  CG   sing N N 110 
GLU CB  HB2  sing N N 111 
GLU CB  HB3  sing N N 112 
GLU CG  CD   sing N N 113 
GLU CG  HG2  sing N N 114 
GLU CG  HG3  sing N N 115 
GLU CD  OE1  doub N N 116 
GLU CD  OE2  sing N N 117 
GLU OE2 HE2  sing N N 118 
GLU OXT HXT  sing N N 119 
GLY N   CA   sing N N 120 
GLY N   H    sing N N 121 
GLY N   H2   sing N N 122 
GLY CA  C    sing N N 123 
GLY CA  HA2  sing N N 124 
GLY CA  HA3  sing N N 125 
GLY C   O    doub N N 126 
GLY C   OXT  sing N N 127 
GLY OXT HXT  sing N N 128 
HIS N   CA   sing N N 129 
HIS N   H    sing N N 130 
HIS N   H2   sing N N 131 
HIS CA  C    sing N N 132 
HIS CA  CB   sing N N 133 
HIS CA  HA   sing N N 134 
HIS C   O    doub N N 135 
HIS C   OXT  sing N N 136 
HIS CB  CG   sing N N 137 
HIS CB  HB2  sing N N 138 
HIS CB  HB3  sing N N 139 
HIS CG  ND1  sing Y N 140 
HIS CG  CD2  doub Y N 141 
HIS ND1 CE1  doub Y N 142 
HIS ND1 HD1  sing N N 143 
HIS CD2 NE2  sing Y N 144 
HIS CD2 HD2  sing N N 145 
HIS CE1 NE2  sing Y N 146 
HIS CE1 HE1  sing N N 147 
HIS NE2 HE2  sing N N 148 
HIS OXT HXT  sing N N 149 
ILE N   CA   sing N N 150 
ILE N   H    sing N N 151 
ILE N   H2   sing N N 152 
ILE CA  C    sing N N 153 
ILE CA  CB   sing N N 154 
ILE CA  HA   sing N N 155 
ILE C   O    doub N N 156 
ILE C   OXT  sing N N 157 
ILE CB  CG1  sing N N 158 
ILE CB  CG2  sing N N 159 
ILE CB  HB   sing N N 160 
ILE CG1 CD1  sing N N 161 
ILE CG1 HG12 sing N N 162 
ILE CG1 HG13 sing N N 163 
ILE CG2 HG21 sing N N 164 
ILE CG2 HG22 sing N N 165 
ILE CG2 HG23 sing N N 166 
ILE CD1 HD11 sing N N 167 
ILE CD1 HD12 sing N N 168 
ILE CD1 HD13 sing N N 169 
ILE OXT HXT  sing N N 170 
LEU N   CA   sing N N 171 
LEU N   H    sing N N 172 
LEU N   H2   sing N N 173 
LEU CA  C    sing N N 174 
LEU CA  CB   sing N N 175 
LEU CA  HA   sing N N 176 
LEU C   O    doub N N 177 
LEU C   OXT  sing N N 178 
LEU CB  CG   sing N N 179 
LEU CB  HB2  sing N N 180 
LEU CB  HB3  sing N N 181 
LEU CG  CD1  sing N N 182 
LEU CG  CD2  sing N N 183 
LEU CG  HG   sing N N 184 
LEU CD1 HD11 sing N N 185 
LEU CD1 HD12 sing N N 186 
LEU CD1 HD13 sing N N 187 
LEU CD2 HD21 sing N N 188 
LEU CD2 HD22 sing N N 189 
LEU CD2 HD23 sing N N 190 
LEU OXT HXT  sing N N 191 
LYS N   CA   sing N N 192 
LYS N   H    sing N N 193 
LYS N   H2   sing N N 194 
LYS CA  C    sing N N 195 
LYS CA  CB   sing N N 196 
LYS CA  HA   sing N N 197 
LYS C   O    doub N N 198 
LYS C   OXT  sing N N 199 
LYS CB  CG   sing N N 200 
LYS CB  HB2  sing N N 201 
LYS CB  HB3  sing N N 202 
LYS CG  CD   sing N N 203 
LYS CG  HG2  sing N N 204 
LYS CG  HG3  sing N N 205 
LYS CD  CE   sing N N 206 
LYS CD  HD2  sing N N 207 
LYS CD  HD3  sing N N 208 
LYS CE  NZ   sing N N 209 
LYS CE  HE2  sing N N 210 
LYS CE  HE3  sing N N 211 
LYS NZ  HZ1  sing N N 212 
LYS NZ  HZ2  sing N N 213 
LYS NZ  HZ3  sing N N 214 
LYS OXT HXT  sing N N 215 
MET N   CA   sing N N 216 
MET N   H    sing N N 217 
MET N   H2   sing N N 218 
MET CA  C    sing N N 219 
MET CA  CB   sing N N 220 
MET CA  HA   sing N N 221 
MET C   O    doub N N 222 
MET C   OXT  sing N N 223 
MET CB  CG   sing N N 224 
MET CB  HB2  sing N N 225 
MET CB  HB3  sing N N 226 
MET CG  SD   sing N N 227 
MET CG  HG2  sing N N 228 
MET CG  HG3  sing N N 229 
MET SD  CE   sing N N 230 
MET CE  HE1  sing N N 231 
MET CE  HE2  sing N N 232 
MET CE  HE3  sing N N 233 
MET OXT HXT  sing N N 234 
PHE N   CA   sing N N 235 
PHE N   H    sing N N 236 
PHE N   H2   sing N N 237 
PHE CA  C    sing N N 238 
PHE CA  CB   sing N N 239 
PHE CA  HA   sing N N 240 
PHE C   O    doub N N 241 
PHE C   OXT  sing N N 242 
PHE CB  CG   sing N N 243 
PHE CB  HB2  sing N N 244 
PHE CB  HB3  sing N N 245 
PHE CG  CD1  doub Y N 246 
PHE CG  CD2  sing Y N 247 
PHE CD1 CE1  sing Y N 248 
PHE CD1 HD1  sing N N 249 
PHE CD2 CE2  doub Y N 250 
PHE CD2 HD2  sing N N 251 
PHE CE1 CZ   doub Y N 252 
PHE CE1 HE1  sing N N 253 
PHE CE2 CZ   sing Y N 254 
PHE CE2 HE2  sing N N 255 
PHE CZ  HZ   sing N N 256 
PHE OXT HXT  sing N N 257 
PRO N   CA   sing N N 258 
PRO N   CD   sing N N 259 
PRO N   H    sing N N 260 
PRO CA  C    sing N N 261 
PRO CA  CB   sing N N 262 
PRO CA  HA   sing N N 263 
PRO C   O    doub N N 264 
PRO C   OXT  sing N N 265 
PRO CB  CG   sing N N 266 
PRO CB  HB2  sing N N 267 
PRO CB  HB3  sing N N 268 
PRO CG  CD   sing N N 269 
PRO CG  HG2  sing N N 270 
PRO CG  HG3  sing N N 271 
PRO CD  HD2  sing N N 272 
PRO CD  HD3  sing N N 273 
PRO OXT HXT  sing N N 274 
SER N   CA   sing N N 275 
SER N   H    sing N N 276 
SER N   H2   sing N N 277 
SER CA  C    sing N N 278 
SER CA  CB   sing N N 279 
SER CA  HA   sing N N 280 
SER C   O    doub N N 281 
SER C   OXT  sing N N 282 
SER CB  OG   sing N N 283 
SER CB  HB2  sing N N 284 
SER CB  HB3  sing N N 285 
SER OG  HG   sing N N 286 
SER OXT HXT  sing N N 287 
THR N   CA   sing N N 288 
THR N   H    sing N N 289 
THR N   H2   sing N N 290 
THR CA  C    sing N N 291 
THR CA  CB   sing N N 292 
THR CA  HA   sing N N 293 
THR C   O    doub N N 294 
THR C   OXT  sing N N 295 
THR CB  OG1  sing N N 296 
THR CB  CG2  sing N N 297 
THR CB  HB   sing N N 298 
THR OG1 HG1  sing N N 299 
THR CG2 HG21 sing N N 300 
THR CG2 HG22 sing N N 301 
THR CG2 HG23 sing N N 302 
THR OXT HXT  sing N N 303 
TRP N   CA   sing N N 304 
TRP N   H    sing N N 305 
TRP N   H2   sing N N 306 
TRP CA  C    sing N N 307 
TRP CA  CB   sing N N 308 
TRP CA  HA   sing N N 309 
TRP C   O    doub N N 310 
TRP C   OXT  sing N N 311 
TRP CB  CG   sing N N 312 
TRP CB  HB2  sing N N 313 
TRP CB  HB3  sing N N 314 
TRP CG  CD1  doub Y N 315 
TRP CG  CD2  sing Y N 316 
TRP CD1 NE1  sing Y N 317 
TRP CD1 HD1  sing N N 318 
TRP CD2 CE2  doub Y N 319 
TRP CD2 CE3  sing Y N 320 
TRP NE1 CE2  sing Y N 321 
TRP NE1 HE1  sing N N 322 
TRP CE2 CZ2  sing Y N 323 
TRP CE3 CZ3  doub Y N 324 
TRP CE3 HE3  sing N N 325 
TRP CZ2 CH2  doub Y N 326 
TRP CZ2 HZ2  sing N N 327 
TRP CZ3 CH2  sing Y N 328 
TRP CZ3 HZ3  sing N N 329 
TRP CH2 HH2  sing N N 330 
TRP OXT HXT  sing N N 331 
TYR N   CA   sing N N 332 
TYR N   H    sing N N 333 
TYR N   H2   sing N N 334 
TYR CA  C    sing N N 335 
TYR CA  CB   sing N N 336 
TYR CA  HA   sing N N 337 
TYR C   O    doub N N 338 
TYR C   OXT  sing N N 339 
TYR CB  CG   sing N N 340 
TYR CB  HB2  sing N N 341 
TYR CB  HB3  sing N N 342 
TYR CG  CD1  doub Y N 343 
TYR CG  CD2  sing Y N 344 
TYR CD1 CE1  sing Y N 345 
TYR CD1 HD1  sing N N 346 
TYR CD2 CE2  doub Y N 347 
TYR CD2 HD2  sing N N 348 
TYR CE1 CZ   doub Y N 349 
TYR CE1 HE1  sing N N 350 
TYR CE2 CZ   sing Y N 351 
TYR CE2 HE2  sing N N 352 
TYR CZ  OH   sing N N 353 
TYR OH  HH   sing N N 354 
TYR OXT HXT  sing N N 355 
VAL N   CA   sing N N 356 
VAL N   H    sing N N 357 
VAL N   H2   sing N N 358 
VAL CA  C    sing N N 359 
VAL CA  CB   sing N N 360 
VAL CA  HA   sing N N 361 
VAL C   O    doub N N 362 
VAL C   OXT  sing N N 363 
VAL CB  CG1  sing N N 364 
VAL CB  CG2  sing N N 365 
VAL CB  HB   sing N N 366 
VAL CG1 HG11 sing N N 367 
VAL CG1 HG12 sing N N 368 
VAL CG1 HG13 sing N N 369 
VAL CG2 HG21 sing N N 370 
VAL CG2 HG22 sing N N 371 
VAL CG2 HG23 sing N N 372 
VAL OXT HXT  sing N N 373 
# 
loop_
_pdbx_nmr_spectrometer.spectrometer_id 
_pdbx_nmr_spectrometer.model 
_pdbx_nmr_spectrometer.manufacturer 
_pdbx_nmr_spectrometer.field_strength 
1 DMX Bruker 500 
2 DRX Bruker 800 
# 
_atom_sites.entry_id                    1HAA 
_atom_sites.fract_transf_matrix[1][1]   1.000000 
_atom_sites.fract_transf_matrix[1][2]   0.000000 
_atom_sites.fract_transf_matrix[1][3]   0.000000 
_atom_sites.fract_transf_matrix[2][1]   0.000000 
_atom_sites.fract_transf_matrix[2][2]   1.000000 
_atom_sites.fract_transf_matrix[2][3]   0.000000 
_atom_sites.fract_transf_matrix[3][1]   0.000000 
_atom_sites.fract_transf_matrix[3][2]   0.000000 
_atom_sites.fract_transf_matrix[3][3]   1.000000 
_atom_sites.fract_transf_vector[1]      0.00000 
_atom_sites.fract_transf_vector[2]      0.00000 
_atom_sites.fract_transf_vector[3]      0.00000 
# 
loop_
_atom_type.symbol 
C 
H 
N 
O 
S 
# 
loop_
_atom_site.group_PDB 
_atom_site.id 
_atom_site.type_symbol 
_atom_site.label_atom_id 
_atom_site.label_alt_id 
_atom_site.label_comp_id 
_atom_site.label_asym_id 
_atom_site.label_entity_id 
_atom_site.label_seq_id 
_atom_site.pdbx_PDB_ins_code 
_atom_site.Cartn_x 
_atom_site.Cartn_y 
_atom_site.Cartn_z 
_atom_site.occupancy 
_atom_site.B_iso_or_equiv 
_atom_site.pdbx_formal_charge 
_atom_site.auth_seq_id 
_atom_site.auth_comp_id 
_atom_site.auth_asym_id 
_atom_site.auth_atom_id 
_atom_site.pdbx_PDB_model_num 
ATOM 1    N N    . ILE A 1 1  ? -1.045  16.590  -1.457  1.00 0.80 ? 1  ILE A N    1 
ATOM 2    C CA   . ILE A 1 1  ? -1.248  15.603  -2.549  1.00 0.56 ? 1  ILE A CA   1 
ATOM 3    C C    . ILE A 1 1  ? -2.269  14.546  -2.147  1.00 0.49 ? 1  ILE A C    1 
ATOM 4    O O    . ILE A 1 1  ? -2.840  14.600  -1.058  1.00 0.51 ? 1  ILE A O    1 
ATOM 5    C CB   . ILE A 1 1  ? 0.085   14.920  -2.938  1.00 0.63 ? 1  ILE A CB   1 
ATOM 6    C CG1  . ILE A 1 1  ? 0.162   14.730  -4.453  1.00 0.85 ? 1  ILE A CG1  1 
ATOM 7    C CG2  . ILE A 1 1  ? 0.262   13.586  -2.221  1.00 1.14 ? 1  ILE A CG2  1 
ATOM 8    C CD1  . ILE A 1 1  ? 1.573   14.780  -4.997  1.00 1.13 ? 1  ILE A CD1  1 
ATOM 9    H H1   . ILE A 1 1  ? -0.773  16.066  -0.602  1.00 1.23 ? 1  ILE A H1   1 
ATOM 10   H H2   . ILE A 1 1  ? -0.289  17.239  -1.754  1.00 1.41 ? 1  ILE A H2   1 
ATOM 11   H H3   . ILE A 1 1  ? -1.943  17.097  -1.318  1.00 1.28 ? 1  ILE A H3   1 
ATOM 12   H HA   . ILE A 1 1  ? -1.621  16.131  -3.415  1.00 0.65 ? 1  ILE A HA   1 
ATOM 13   H HB   . ILE A 1 1  ? 0.887   15.565  -2.627  1.00 0.82 ? 1  ILE A HB   1 
ATOM 14   H HG12 . ILE A 1 1  ? -0.259  13.771  -4.712  1.00 1.14 ? 1  ILE A HG12 1 
ATOM 15   H HG13 . ILE A 1 1  ? -0.408  15.510  -4.936  1.00 1.01 ? 1  ILE A HG13 1 
ATOM 16   H HG21 . ILE A 1 1  ? -0.114  13.667  -1.211  1.00 1.67 ? 1  ILE A HG21 1 
ATOM 17   H HG22 . ILE A 1 1  ? -0.285  12.818  -2.747  1.00 1.72 ? 1  ILE A HG22 1 
ATOM 18   H HG23 . ILE A 1 1  ? 1.310   13.327  -2.194  1.00 1.55 ? 1  ILE A HG23 1 
ATOM 19   H HD11 . ILE A 1 1  ? 2.240   14.277  -4.313  1.00 1.55 ? 1  ILE A HD11 1 
ATOM 20   H HD12 . ILE A 1 1  ? 1.606   14.290  -5.959  1.00 1.58 ? 1  ILE A HD12 1 
ATOM 21   H HD13 . ILE A 1 1  ? 1.881   15.809  -5.107  1.00 1.58 ? 1  ILE A HD13 1 
ATOM 22   N N    . VAL A 1 2  ? -2.487  13.580  -3.031  1.00 0.48 ? 2  VAL A N    1 
ATOM 23   C CA   . VAL A 1 2  ? -3.431  12.506  -2.765  1.00 0.44 ? 2  VAL A CA   1 
ATOM 24   C C    . VAL A 1 2  ? -2.763  11.147  -2.924  1.00 0.41 ? 2  VAL A C    1 
ATOM 25   O O    . VAL A 1 2  ? -2.087  10.888  -3.920  1.00 0.51 ? 2  VAL A O    1 
ATOM 26   C CB   . VAL A 1 2  ? -4.653  12.585  -3.703  1.00 0.51 ? 2  VAL A CB   1 
ATOM 27   C CG1  . VAL A 1 2  ? -5.658  11.485  -3.385  1.00 0.51 ? 2  VAL A CG1  1 
ATOM 28   C CG2  . VAL A 1 2  ? -5.305  13.953  -3.610  1.00 0.58 ? 2  VAL A CG2  1 
ATOM 29   H H    . VAL A 1 2  ? -1.997  13.585  -3.878  1.00 0.53 ? 2  VAL A H    1 
ATOM 30   H HA   . VAL A 1 2  ? -3.773  12.614  -1.745  1.00 0.42 ? 2  VAL A HA   1 
ATOM 31   H HB   . VAL A 1 2  ? -4.311  12.442  -4.717  1.00 0.55 ? 2  VAL A HB   1 
ATOM 32   H HG11 . VAL A 1 2  ? -5.187  10.731  -2.773  1.00 1.16 ? 2  VAL A HG11 1 
ATOM 33   H HG12 . VAL A 1 2  ? -6.497  11.908  -2.851  1.00 1.13 ? 2  VAL A HG12 1 
ATOM 34   H HG13 . VAL A 1 2  ? -6.006  11.039  -4.305  1.00 1.10 ? 2  VAL A HG13 1 
ATOM 35   H HG21 . VAL A 1 2  ? -4.575  14.677  -3.280  1.00 1.06 ? 2  VAL A HG21 1 
ATOM 36   H HG22 . VAL A 1 2  ? -5.684  14.238  -4.579  1.00 1.25 ? 2  VAL A HG22 1 
ATOM 37   H HG23 . VAL A 1 2  ? -6.120  13.915  -2.901  1.00 1.15 ? 2  VAL A HG23 1 
ATOM 38   N N    . CYS A 1 3  ? -2.960  10.282  -1.938  1.00 0.34 ? 3  CYS A N    1 
ATOM 39   C CA   . CYS A 1 3  ? -2.377  8.945   -1.969  1.00 0.32 ? 3  CYS A CA   1 
ATOM 40   C C    . CYS A 1 3  ? -3.447  7.880   -1.777  1.00 0.30 ? 3  CYS A C    1 
ATOM 41   O O    . CYS A 1 3  ? -4.578  8.179   -1.393  1.00 0.33 ? 3  CYS A O    1 
ATOM 42   C CB   . CYS A 1 3  ? -1.304  8.804   -0.884  1.00 0.31 ? 3  CYS A CB   1 
ATOM 43   S SG   . CYS A 1 3  ? 0.082   9.975   -1.045  1.00 0.34 ? 3  CYS A SG   1 
ATOM 44   H H    . CYS A 1 3  ? -3.511  10.550  -1.172  1.00 0.36 ? 3  CYS A H    1 
ATOM 45   H HA   . CYS A 1 3  ? -1.920  8.804   -2.939  1.00 0.34 ? 3  CYS A HA   1 
ATOM 46   H HB2  . CYS A 1 3  ? -1.759  8.966   0.081   1.00 0.33 ? 3  CYS A HB2  1 
ATOM 47   H HB3  . CYS A 1 3  ? -0.896  7.804   -0.920  1.00 0.33 ? 3  CYS A HB3  1 
ATOM 48   N N    . HIS A 1 4  ? -3.077  6.632   -2.043  1.00 0.31 ? 4  HIS A N    1 
ATOM 49   C CA   . HIS A 1 4  ? -3.997  5.514   -1.899  1.00 0.30 ? 4  HIS A CA   1 
ATOM 50   C C    . HIS A 1 4  ? -3.840  4.861   -0.532  1.00 0.31 ? 4  HIS A C    1 
ATOM 51   O O    . HIS A 1 4  ? -2.723  4.649   -0.060  1.00 0.38 ? 4  HIS A O    1 
ATOM 52   C CB   . HIS A 1 4  ? -3.752  4.483   -3.000  1.00 0.31 ? 4  HIS A CB   1 
ATOM 53   C CG   . HIS A 1 4  ? -3.792  5.064   -4.378  1.00 0.35 ? 4  HIS A CG   1 
ATOM 54   N ND1  . HIS A 1 4  ? -4.903  5.696   -4.893  1.00 0.42 ? 4  HIS A ND1  1 
ATOM 55   C CD2  . HIS A 1 4  ? -2.853  5.109   -5.354  1.00 0.38 ? 4  HIS A CD2  1 
ATOM 56   C CE1  . HIS A 1 4  ? -4.646  6.102   -6.121  1.00 0.46 ? 4  HIS A CE1  1 
ATOM 57   N NE2  . HIS A 1 4  ? -3.410  5.756   -6.428  1.00 0.44 ? 4  HIS A NE2  1 
ATOM 58   H H    . HIS A 1 4  ? -2.160  6.461   -2.342  1.00 0.33 ? 4  HIS A H    1 
ATOM 59   H HA   . HIS A 1 4  ? -5.002  5.895   -1.992  1.00 0.30 ? 4  HIS A HA   1 
ATOM 60   H HB2  . HIS A 1 4  ? -2.780  4.038   -2.855  1.00 0.32 ? 4  HIS A HB2  1 
ATOM 61   H HB3  . HIS A 1 4  ? -4.508  3.714   -2.940  1.00 0.33 ? 4  HIS A HB3  1 
ATOM 62   H HD1  . HIS A 1 4  ? -5.755  5.825   -4.427  1.00 0.46 ? 4  HIS A HD1  1 
ATOM 63   H HD2  . HIS A 1 4  ? -1.845  4.725   -5.293  1.00 0.39 ? 4  HIS A HD2  1 
ATOM 64   H HE1  . HIS A 1 4  ? -5.326  6.642   -6.761  1.00 0.53 ? 4  HIS A HE1  1 
ATOM 65   H HE2  . HIS A 1 4  ? -3.034  5.768   -7.332  1.00 0.50 ? 4  HIS A HE2  1 
ATOM 66   N N    . THR A 1 5  ? -4.964  4.543   0.100   1.00 0.33 ? 5  THR A N    1 
ATOM 67   C CA   . THR A 1 5  ? -4.942  3.914   1.413   1.00 0.36 ? 5  THR A CA   1 
ATOM 68   C C    . THR A 1 5  ? -5.676  2.580   1.399   1.00 0.35 ? 5  THR A C    1 
ATOM 69   O O    . THR A 1 5  ? -6.572  2.351   0.582   1.00 0.37 ? 5  THR A O    1 
ATOM 70   C CB   . THR A 1 5  ? -5.556  4.841   2.469   1.00 0.44 ? 5  THR A CB   1 
ATOM 71   O OG1  . THR A 1 5  ? -4.801  4.802   3.667   1.00 0.51 ? 5  THR A OG1  1 
ATOM 72   C CG2  . THR A 1 5  ? -6.992  4.501   2.824   1.00 0.47 ? 5  THR A CG2  1 
ATOM 73   H H    . THR A 1 5  ? -5.824  4.734   -0.326  1.00 0.37 ? 5  THR A H    1 
ATOM 74   H HA   . THR A 1 5  ? -3.910  3.734   1.672   1.00 0.39 ? 5  THR A HA   1 
ATOM 75   H HB   . THR A 1 5  ? -5.539  5.850   2.094   1.00 0.45 ? 5  THR A HB   1 
ATOM 76   H HG1  . THR A 1 5  ? -4.833  3.916   4.037   1.00 0.99 ? 5  THR A HG1  1 
ATOM 77   H HG21 . THR A 1 5  ? -7.041  3.484   3.194   1.00 1.10 ? 5  THR A HG21 1 
ATOM 78   H HG22 . THR A 1 5  ? -7.344  5.179   3.588   1.00 1.13 ? 5  THR A HG22 1 
ATOM 79   H HG23 . THR A 1 5  ? -7.612  4.594   1.944   1.00 1.10 ? 5  THR A HG23 1 
ATOM 80   N N    . THR A 1 6  ? -5.294  1.717   2.325   1.00 0.38 ? 6  THR A N    1 
ATOM 81   C CA   . THR A 1 6  ? -5.907  0.402   2.456   1.00 0.40 ? 6  THR A CA   1 
ATOM 82   C C    . THR A 1 6  ? -6.298  0.124   3.911   1.00 0.43 ? 6  THR A C    1 
ATOM 83   O O    . THR A 1 6  ? -6.489  -1.027  4.300   1.00 0.56 ? 6  THR A O    1 
ATOM 84   C CB   . THR A 1 6  ? -4.941  -0.676  1.974   1.00 0.49 ? 6  THR A CB   1 
ATOM 85   O OG1  . THR A 1 6  ? -3.614  -0.368  2.357   1.00 0.62 ? 6  THR A OG1  1 
ATOM 86   C CG2  . THR A 1 6  ? -4.958  -0.871  0.474   1.00 0.57 ? 6  THR A CG2  1 
ATOM 87   H H    . THR A 1 6  ? -4.581  1.976   2.944   1.00 0.41 ? 6  THR A H    1 
ATOM 88   H HA   . THR A 1 6  ? -6.794  0.381   1.838   1.00 0.42 ? 6  THR A HA   1 
ATOM 89   H HB   . THR A 1 6  ? -5.215  -1.612  2.432   1.00 0.57 ? 6  THR A HB   1 
ATOM 90   H HG1  . THR A 1 6  ? -3.600  -0.104  3.280   1.00 0.78 ? 6  THR A HG1  1 
ATOM 91   H HG21 . THR A 1 6  ? -5.328  0.026   -0.002  1.00 1.19 ? 6  THR A HG21 1 
ATOM 92   H HG22 . THR A 1 6  ? -3.957  -1.076  0.126   1.00 1.17 ? 6  THR A HG22 1 
ATOM 93   H HG23 . THR A 1 6  ? -5.602  -1.701  0.225   1.00 1.15 ? 6  THR A HG23 1 
ATOM 94   N N    . ALA A 1 7  ? -6.404  1.184   4.711   1.00 0.54 ? 7  ALA A N    1 
ATOM 95   C CA   . ALA A 1 7  ? -6.759  1.048   6.123   1.00 0.62 ? 7  ALA A CA   1 
ATOM 96   C C    . ALA A 1 7  ? -8.263  0.872   6.309   1.00 0.68 ? 7  ALA A C    1 
ATOM 97   O O    . ALA A 1 7  ? -8.707  0.142   7.194   1.00 1.08 ? 7  ALA A O    1 
ATOM 98   C CB   . ALA A 1 7  ? -6.271  2.258   6.906   1.00 0.66 ? 7  ALA A CB   1 
ATOM 99   H H    . ALA A 1 7  ? -6.233  2.078   4.349   1.00 0.69 ? 7  ALA A H    1 
ATOM 100  H HA   . ALA A 1 7  ? -6.256  0.174   6.508   1.00 0.67 ? 7  ALA A HA   1 
ATOM 101  H HB1  . ALA A 1 7  ? -5.230  2.438   6.678   1.00 1.13 ? 7  ALA A HB1  1 
ATOM 102  H HB2  . ALA A 1 7  ? -6.380  2.070   7.963   1.00 1.29 ? 7  ALA A HB2  1 
ATOM 103  H HB3  . ALA A 1 7  ? -6.854  3.124   6.632   1.00 1.22 ? 7  ALA A HB3  1 
ATOM 104  N N    . THR A 1 8  ? -9.039  1.539   5.464   1.00 0.73 ? 8  THR A N    1 
ATOM 105  C CA   . THR A 1 8  ? -10.497 1.454   5.531   1.00 0.77 ? 8  THR A CA   1 
ATOM 106  C C    . THR A 1 8  ? -10.954 0.067   5.090   1.00 0.76 ? 8  THR A C    1 
ATOM 107  O O    . THR A 1 8  ? -10.131 -0.833  4.920   1.00 0.74 ? 8  THR A O    1 
ATOM 108  C CB   . THR A 1 8  ? -11.147 2.526   4.638   1.00 0.75 ? 8  THR A CB   1 
ATOM 109  O OG1  . THR A 1 8  ? -11.549 1.974   3.396   1.00 0.69 ? 8  THR A OG1  1 
ATOM 110  C CG2  . THR A 1 8  ? -10.243 3.704   4.327   1.00 0.72 ? 8  THR A CG2  1 
ATOM 111  H H    . THR A 1 8  ? -8.622  2.099   4.778   1.00 1.02 ? 8  THR A H    1 
ATOM 112  H HA   . THR A 1 8  ? -10.797 1.614   6.556   1.00 0.86 ? 8  THR A HA   1 
ATOM 113  H HB   . THR A 1 8  ? -12.026 2.908   5.137   1.00 0.83 ? 8  THR A HB   1 
ATOM 114  H HG1  . THR A 1 8  ? -10.780 1.844   2.834   1.00 0.63 ? 8  THR A HG1  1 
ATOM 115  H HG21 . THR A 1 8  ? -9.544  3.845   5.139   1.00 1.17 ? 8  THR A HG21 1 
ATOM 116  H HG22 . THR A 1 8  ? -9.699  3.505   3.413   1.00 1.26 ? 8  THR A HG22 1 
ATOM 117  H HG23 . THR A 1 8  ? -10.840 4.595   4.206   1.00 1.24 ? 8  THR A HG23 1 
ATOM 118  N N    . SER A 1 9  ? -12.256 -0.103  4.867   1.00 0.81 ? 9  SER A N    1 
ATOM 119  C CA   . SER A 1 9  ? -12.760 -1.389  4.407   1.00 0.85 ? 9  SER A CA   1 
ATOM 120  C C    . SER A 1 9  ? -12.272 -1.590  2.977   1.00 0.77 ? 9  SER A C    1 
ATOM 121  O O    . SER A 1 9  ? -11.399 -2.420  2.735   1.00 0.76 ? 9  SER A O    1 
ATOM 122  C CB   . SER A 1 9  ? -14.288 -1.458  4.505   1.00 0.95 ? 9  SER A CB   1 
ATOM 123  O OG   . SER A 1 9  ? -14.846 -2.159  3.406   1.00 1.46 ? 9  SER A OG   1 
ATOM 124  H H    . SER A 1 9  ? -12.874 0.648   4.989   1.00 0.84 ? 9  SER A H    1 
ATOM 125  H HA   . SER A 1 9  ? -12.325 -2.156  5.032   1.00 0.89 ? 9  SER A HA   1 
ATOM 126  H HB2  . SER A 1 9  ? -14.562 -1.971  5.415   1.00 1.32 ? 9  SER A HB2  1 
ATOM 127  H HB3  . SER A 1 9  ? -14.691 -0.457  4.524   1.00 1.22 ? 9  SER A HB3  1 
ATOM 128  H HG   . SER A 1 9  ? -14.654 -3.096  3.493   1.00 1.54 ? 9  SER A HG   1 
ATOM 129  N N    . PRO A 1 10 ? -12.776 -0.793  2.011   1.00 0.76 ? 10 PRO A N    1 
ATOM 130  C CA   . PRO A 1 10 ? -12.314 -0.862  0.635   1.00 0.73 ? 10 PRO A CA   1 
ATOM 131  C C    . PRO A 1 10 ? -11.108 0.046   0.455   1.00 0.62 ? 10 PRO A C    1 
ATOM 132  O O    . PRO A 1 10 ? -10.794 0.842   1.339   1.00 0.68 ? 10 PRO A O    1 
ATOM 133  C CB   . PRO A 1 10 ? -13.498 -0.322  -0.149  1.00 0.81 ? 10 PRO A CB   1 
ATOM 134  C CG   . PRO A 1 10 ? -14.124 0.684   0.763   1.00 0.85 ? 10 PRO A CG   1 
ATOM 135  C CD   . PRO A 1 10 ? -13.784 0.274   2.180   1.00 0.80 ? 10 PRO A CD   1 
ATOM 136  H HA   . PRO A 1 10 ? -12.080 -1.870  0.328   1.00 0.77 ? 10 PRO A HA   1 
ATOM 137  H HB2  . PRO A 1 10 ? -13.148 0.136   -1.063  1.00 0.84 ? 10 PRO A HB2  1 
ATOM 138  H HB3  . PRO A 1 10 ? -14.175 -1.126  -0.381  1.00 0.89 ? 10 PRO A HB3  1 
ATOM 139  H HG2  . PRO A 1 10 ? -13.722 1.664   0.553   1.00 0.96 ? 10 PRO A HG2  1 
ATOM 140  H HG3  . PRO A 1 10 ? -15.196 0.684   0.623   1.00 0.99 ? 10 PRO A HG3  1 
ATOM 141  H HD2  . PRO A 1 10 ? -13.374 1.109   2.725   1.00 0.79 ? 10 PRO A HD2  1 
ATOM 142  H HD3  . PRO A 1 10 ? -14.664 -0.101  2.673   1.00 0.91 ? 10 PRO A HD3  1 
ATOM 143  N N    . ILE A 1 11 ? -10.434 -0.055  -0.676  1.00 0.62 ? 11 ILE A N    1 
ATOM 144  C CA   . ILE A 1 11 ? -9.278  0.785   -0.920  1.00 0.55 ? 11 ILE A CA   1 
ATOM 145  C C    . ILE A 1 11 ? -9.677  2.083   -1.608  1.00 0.56 ? 11 ILE A C    1 
ATOM 146  O O    . ILE A 1 11 ? -10.415 2.076   -2.594  1.00 0.80 ? 11 ILE A O    1 
ATOM 147  C CB   . ILE A 1 11 ? -8.220  0.069   -1.762  1.00 0.74 ? 11 ILE A CB   1 
ATOM 148  C CG1  . ILE A 1 11 ? -8.789  -0.336  -3.117  1.00 0.86 ? 11 ILE A CG1  1 
ATOM 149  C CG2  . ILE A 1 11 ? -7.683  -1.145  -1.023  1.00 1.62 ? 11 ILE A CG2  1 
ATOM 150  C CD1  . ILE A 1 11 ? -7.778  -1.040  -3.985  1.00 0.92 ? 11 ILE A CD1  1 
ATOM 151  H H    . ILE A 1 11 ? -10.720 -0.695  -1.357  1.00 0.77 ? 11 ILE A H    1 
ATOM 152  H HA   . ILE A 1 11 ? -8.837  1.025   0.037   1.00 0.50 ? 11 ILE A HA   1 
ATOM 153  H HB   . ILE A 1 11 ? -7.406  0.749   -1.917  1.00 1.39 ? 11 ILE A HB   1 
ATOM 154  H HG12 . ILE A 1 11 ? -9.626  -1.002  -2.968  1.00 1.45 ? 11 ILE A HG12 1 
ATOM 155  H HG13 . ILE A 1 11 ? -9.123  0.549   -3.639  1.00 1.54 ? 11 ILE A HG13 1 
ATOM 156  H HG21 . ILE A 1 11 ? -7.616  -0.923  0.032   1.00 2.14 ? 11 ILE A HG21 1 
ATOM 157  H HG22 . ILE A 1 11 ? -8.349  -1.981  -1.173  1.00 2.14 ? 11 ILE A HG22 1 
ATOM 158  H HG23 . ILE A 1 11 ? -6.703  -1.393  -1.402  1.00 2.16 ? 11 ILE A HG23 1 
ATOM 159  H HD11 . ILE A 1 11 ? -6.878  -1.210  -3.411  1.00 1.36 ? 11 ILE A HD11 1 
ATOM 160  H HD12 . ILE A 1 11 ? -8.180  -1.984  -4.314  1.00 1.39 ? 11 ILE A HD12 1 
ATOM 161  H HD13 . ILE A 1 11 ? -7.549  -0.424  -4.842  1.00 1.41 ? 11 ILE A HD13 1 
ATOM 162  N N    . SER A 1 12 ? -9.184  3.194   -1.080  1.00 0.46 ? 12 SER A N    1 
ATOM 163  C CA   . SER A 1 12 ? -9.487  4.506   -1.637  1.00 0.57 ? 12 SER A CA   1 
ATOM 164  C C    . SER A 1 12 ? -8.272  5.421   -1.549  1.00 0.48 ? 12 SER A C    1 
ATOM 165  O O    . SER A 1 12 ? -7.193  4.997   -1.139  1.00 0.53 ? 12 SER A O    1 
ATOM 166  C CB   . SER A 1 12 ? -10.671 5.136   -0.901  1.00 0.73 ? 12 SER A CB   1 
ATOM 167  O OG   . SER A 1 12 ? -10.781 4.629   0.418   1.00 0.75 ? 12 SER A OG   1 
ATOM 168  H H    . SER A 1 12 ? -8.601  3.130   -0.292  1.00 0.49 ? 12 SER A H    1 
ATOM 169  H HA   . SER A 1 12 ? -9.748  4.373   -2.676  1.00 0.72 ? 12 SER A HA   1 
ATOM 170  H HB2  . SER A 1 12 ? -10.535 6.205   -0.852  1.00 0.95 ? 12 SER A HB2  1 
ATOM 171  H HB3  . SER A 1 12 ? -11.583 4.913   -1.435  1.00 0.86 ? 12 SER A HB3  1 
ATOM 172  H HG   . SER A 1 12 ? -10.334 5.222   1.027   1.00 1.12 ? 12 SER A HG   1 
ATOM 173  N N    . ALA A 1 13 ? -8.454  6.679   -1.935  1.00 0.48 ? 13 ALA A N    1 
ATOM 174  C CA   . ALA A 1 13 ? -7.369  7.649   -1.896  1.00 0.44 ? 13 ALA A CA   1 
ATOM 175  C C    . ALA A 1 13 ? -7.859  8.999   -1.386  1.00 0.54 ? 13 ALA A C    1 
ATOM 176  O O    . ALA A 1 13 ? -8.899  9.496   -1.815  1.00 0.64 ? 13 ALA A O    1 
ATOM 177  C CB   . ALA A 1 13 ? -6.742  7.796   -3.275  1.00 0.45 ? 13 ALA A CB   1 
ATOM 178  H H    . ALA A 1 13 ? -9.338  6.960   -2.252  1.00 0.58 ? 13 ALA A H    1 
ATOM 179  H HA   . ALA A 1 13 ? -6.613  7.273   -1.221  1.00 0.44 ? 13 ALA A HA   1 
ATOM 180  H HB1  . ALA A 1 13 ? -7.299  7.207   -3.988  1.00 1.12 ? 13 ALA A HB1  1 
ATOM 181  H HB2  . ALA A 1 13 ? -5.719  7.451   -3.243  1.00 1.11 ? 13 ALA A HB2  1 
ATOM 182  H HB3  . ALA A 1 13 ? -6.761  8.834   -3.573  1.00 1.13 ? 13 ALA A HB3  1 
ATOM 183  N N    . VAL A 1 14 ? -7.101  9.586   -0.467  1.00 0.59 ? 14 VAL A N    1 
ATOM 184  C CA   . VAL A 1 14 ? -7.454  10.879  0.103   1.00 0.73 ? 14 VAL A CA   1 
ATOM 185  C C    . VAL A 1 14 ? -6.323  11.882  -0.076  1.00 0.58 ? 14 VAL A C    1 
ATOM 186  O O    . VAL A 1 14 ? -5.314  11.590  -0.713  1.00 0.50 ? 14 VAL A O    1 
ATOM 187  C CB   . VAL A 1 14 ? -7.787  10.762  1.607   1.00 0.95 ? 14 VAL A CB   1 
ATOM 188  C CG1  . VAL A 1 14 ? -6.524  10.862  2.455   1.00 0.91 ? 14 VAL A CG1  1 
ATOM 189  C CG2  . VAL A 1 14 ? -8.798  11.820  2.020   1.00 1.21 ? 14 VAL A CG2  1 
ATOM 190  H H    . VAL A 1 14 ? -6.282  9.139   -0.167  1.00 0.57 ? 14 VAL A H    1 
ATOM 191  H HA   . VAL A 1 14 ? -8.331  11.244  -0.412  1.00 0.91 ? 14 VAL A HA   1 
ATOM 192  H HB   . VAL A 1 14 ? -8.226  9.796   1.777   1.00 1.08 ? 14 VAL A HB   1 
ATOM 193  H HG11 . VAL A 1 14 ? -5.675  10.520  1.880   1.00 1.30 ? 14 VAL A HG11 1 
ATOM 194  H HG12 . VAL A 1 14 ? -6.369  11.891  2.746   1.00 1.46 ? 14 VAL A HG12 1 
ATOM 195  H HG13 . VAL A 1 14 ? -6.632  10.249  3.338   1.00 1.33 ? 14 VAL A HG13 1 
ATOM 196  H HG21 . VAL A 1 14 ? -9.237  12.262  1.138   1.00 1.64 ? 14 VAL A HG21 1 
ATOM 197  H HG22 . VAL A 1 14 ? -9.573  11.363  2.619   1.00 1.67 ? 14 VAL A HG22 1 
ATOM 198  H HG23 . VAL A 1 14 ? -8.300  12.587  2.596   1.00 1.52 ? 14 VAL A HG23 1 
ATOM 199  N N    . THR A 1 15 ? -6.497  13.055  0.513   1.00 0.74 ? 15 THR A N    1 
ATOM 200  C CA   . THR A 1 15 ? -5.499  14.101  0.446   1.00 0.65 ? 15 THR A CA   1 
ATOM 201  C C    . THR A 1 15 ? -4.783  14.225  1.788   1.00 0.60 ? 15 THR A C    1 
ATOM 202  O O    . THR A 1 15 ? -5.377  14.638  2.785   1.00 0.81 ? 15 THR A O    1 
ATOM 203  C CB   . THR A 1 15 ? -6.165  15.423  0.070   1.00 0.78 ? 15 THR A CB   1 
ATOM 204  O OG1  . THR A 1 15 ? -6.469  15.459  -1.313  1.00 1.09 ? 15 THR A OG1  1 
ATOM 205  C CG2  . THR A 1 15 ? -5.317  16.630  0.386   1.00 0.96 ? 15 THR A CG2  1 
ATOM 206  H H    . THR A 1 15 ? -7.315  13.218  1.018   1.00 0.98 ? 15 THR A H    1 
ATOM 207  H HA   . THR A 1 15 ? -4.782  13.834  -0.315  1.00 0.64 ? 15 THR A HA   1 
ATOM 208  H HB   . THR A 1 15 ? -7.090  15.516  0.623   1.00 1.07 ? 15 THR A HB   1 
ATOM 209  H HG1  . THR A 1 15 ? -5.664  15.613  -1.815  1.00 1.46 ? 15 THR A HG1  1 
ATOM 210  H HG21 . THR A 1 15 ? -4.298  16.438  0.083   1.00 1.36 ? 15 THR A HG21 1 
ATOM 211  H HG22 . THR A 1 15 ? -5.698  17.488  -0.145  1.00 1.45 ? 15 THR A HG22 1 
ATOM 212  H HG23 . THR A 1 15 ? -5.349  16.818  1.448   1.00 1.57 ? 15 THR A HG23 1 
ATOM 213  N N    . CYS A 1 16 ? -3.507  13.860  1.809   1.00 0.51 ? 16 CYS A N    1 
ATOM 214  C CA   . CYS A 1 16 ? -2.714  13.927  3.032   1.00 0.58 ? 16 CYS A CA   1 
ATOM 215  C C    . CYS A 1 16 ? -2.714  15.344  3.601   1.00 0.69 ? 16 CYS A C    1 
ATOM 216  O O    . CYS A 1 16 ? -2.507  16.314  2.872   1.00 0.78 ? 16 CYS A O    1 
ATOM 217  C CB   . CYS A 1 16 ? -1.273  13.463  2.783   1.00 0.61 ? 16 CYS A CB   1 
ATOM 218  S SG   . CYS A 1 16 ? -1.106  12.132  1.542   1.00 0.87 ? 16 CYS A SG   1 
ATOM 219  H H    . CYS A 1 16 ? -3.093  13.539  0.985   1.00 0.54 ? 16 CYS A H    1 
ATOM 220  H HA   . CYS A 1 16 ? -3.168  13.267  3.754   1.00 0.76 ? 16 CYS A HA   1 
ATOM 221  H HB2  . CYS A 1 16 ? -0.684  14.302  2.447   1.00 0.55 ? 16 CYS A HB2  1 
ATOM 222  H HB3  . CYS A 1 16 ? -0.866  13.096  3.711   1.00 0.78 ? 16 CYS A HB3  1 
ATOM 223  N N    . PRO A 1 17 ? -2.942  15.484  4.919   1.00 0.94 ? 17 PRO A N    1 
ATOM 224  C CA   . PRO A 1 17 ? -2.963  16.791  5.582   1.00 1.18 ? 17 PRO A CA   1 
ATOM 225  C C    . PRO A 1 17 ? -1.606  17.480  5.515   1.00 1.19 ? 17 PRO A C    1 
ATOM 226  O O    . PRO A 1 17 ? -0.640  16.898  5.024   1.00 1.47 ? 17 PRO A O    1 
ATOM 227  C CB   . PRO A 1 17 ? -3.327  16.457  7.033   1.00 1.58 ? 17 PRO A CB   1 
ATOM 228  C CG   . PRO A 1 17 ? -2.970  15.021  7.204   1.00 1.60 ? 17 PRO A CG   1 
ATOM 229  C CD   . PRO A 1 17 ? -3.188  14.380  5.864   1.00 1.18 ? 17 PRO A CD   1 
ATOM 230  H HA   . PRO A 1 17 ? -3.717  17.439  5.158   1.00 1.35 ? 17 PRO A HA   1 
ATOM 231  H HB2  . PRO A 1 17 ? -2.759  17.086  7.699   1.00 1.78 ? 17 PRO A HB2  1 
ATOM 232  H HB3  . PRO A 1 17 ? -4.383  16.621  7.189   1.00 1.79 ? 17 PRO A HB3  1 
ATOM 233  H HG2  . PRO A 1 17 ? -1.934  14.932  7.498   1.00 1.81 ? 17 PRO A HG2  1 
ATOM 234  H HG3  . PRO A 1 17 ? -3.612  14.568  7.944   1.00 1.85 ? 17 PRO A HG3  1 
ATOM 235  H HD2  . PRO A 1 17 ? -2.482  13.577  5.711   1.00 1.19 ? 17 PRO A HD2  1 
ATOM 236  H HD3  . PRO A 1 17 ? -4.200  14.017  5.777   1.00 1.25 ? 17 PRO A HD3  1 
ATOM 237  N N    . PRO A 1 18 ? -1.510  18.731  6.005   1.00 1.45 ? 18 PRO A N    1 
ATOM 238  C CA   . PRO A 1 18 ? -0.252  19.484  5.992   1.00 1.69 ? 18 PRO A CA   1 
ATOM 239  C C    . PRO A 1 18 ? 0.838   18.786  6.800   1.00 1.40 ? 18 PRO A C    1 
ATOM 240  O O    . PRO A 1 18 ? 1.246   19.261  7.860   1.00 1.98 ? 18 PRO A O    1 
ATOM 241  C CB   . PRO A 1 18 ? -0.621  20.829  6.633   1.00 2.28 ? 18 PRO A CB   1 
ATOM 242  C CG   . PRO A 1 18 ? -1.887  20.573  7.376   1.00 2.50 ? 18 PRO A CG   1 
ATOM 243  C CD   . PRO A 1 18 ? -2.609  19.507  6.603   1.00 2.02 ? 18 PRO A CD   1 
ATOM 244  H HA   . PRO A 1 18 ? 0.100   19.648  4.984   1.00 1.99 ? 18 PRO A HA   1 
ATOM 245  H HB2  . PRO A 1 18 ? 0.171   21.142  7.299   1.00 2.35 ? 18 PRO A HB2  1 
ATOM 246  H HB3  . PRO A 1 18 ? -0.762  21.571  5.861   1.00 2.76 ? 18 PRO A HB3  1 
ATOM 247  H HG2  . PRO A 1 18 ? -1.664  20.225  8.374   1.00 2.75 ? 18 PRO A HG2  1 
ATOM 248  H HG3  . PRO A 1 18 ? -2.480  21.474  7.415   1.00 3.03 ? 18 PRO A HG3  1 
ATOM 249  H HD2  . PRO A 1 18 ? -3.202  18.896  7.266   1.00 2.15 ? 18 PRO A HD2  1 
ATOM 250  H HD3  . PRO A 1 18 ? -3.230  19.949  5.838   1.00 2.27 ? 18 PRO A HD3  1 
ATOM 251  N N    . GLY A 1 19 ? 1.300   17.650  6.288   1.00 1.16 ? 19 GLY A N    1 
ATOM 252  C CA   . GLY A 1 19 ? 2.332   16.891  6.965   1.00 1.36 ? 19 GLY A CA   1 
ATOM 253  C C    . GLY A 1 19 ? 2.973   15.857  6.061   1.00 1.17 ? 19 GLY A C    1 
ATOM 254  O O    . GLY A 1 19 ? 4.190   15.672  6.087   1.00 1.25 ? 19 GLY A O    1 
ATOM 255  H H    . GLY A 1 19 ? 0.931   17.322  5.441   1.00 1.44 ? 19 GLY A H    1 
ATOM 256  H HA2  . GLY A 1 19 ? 3.095   17.572  7.313   1.00 1.71 ? 19 GLY A HA2  1 
ATOM 257  H HA3  . GLY A 1 19 ? 1.895   16.389  7.816   1.00 1.59 ? 19 GLY A HA3  1 
ATOM 258  N N    . GLU A 1 20 ? 2.156   15.179  5.255   1.00 0.95 ? 20 GLU A N    1 
ATOM 259  C CA   . GLU A 1 20 ? 2.663   14.162  4.342   1.00 0.78 ? 20 GLU A CA   1 
ATOM 260  C C    . GLU A 1 20 ? 2.451   14.581  2.897   1.00 0.71 ? 20 GLU A C    1 
ATOM 261  O O    . GLU A 1 20 ? 1.392   15.086  2.527   1.00 0.77 ? 20 GLU A O    1 
ATOM 262  C CB   . GLU A 1 20 ? 1.980   12.820  4.596   1.00 0.73 ? 20 GLU A CB   1 
ATOM 263  C CG   . GLU A 1 20 ? 1.666   12.556  6.060   1.00 0.92 ? 20 GLU A CG   1 
ATOM 264  C CD   . GLU A 1 20 ? 0.181   12.614  6.358   1.00 1.59 ? 20 GLU A CD   1 
ATOM 265  O OE1  . GLU A 1 20 ? -0.365  13.735  6.442   1.00 2.30 ? 20 GLU A OE1  1 
ATOM 266  O OE2  . GLU A 1 20 ? -0.438  11.540  6.508   1.00 2.27 ? 20 GLU A OE2  1 
ATOM 267  H H    . GLU A 1 20 ? 1.191   15.367  5.272   1.00 0.93 ? 20 GLU A H    1 
ATOM 268  H HA   . GLU A 1 20 ? 3.725   14.052  4.514   1.00 0.79 ? 20 GLU A HA   1 
ATOM 269  H HB2  . GLU A 1 20 ? 1.059   12.796  4.041   1.00 0.71 ? 20 GLU A HB2  1 
ATOM 270  H HB3  . GLU A 1 20 ? 2.625   12.029  4.242   1.00 0.68 ? 20 GLU A HB3  1 
ATOM 271  H HG2  . GLU A 1 20 ? 2.031   11.575  6.323   1.00 1.40 ? 20 GLU A HG2  1 
ATOM 272  H HG3  . GLU A 1 20 ? 2.168   13.299  6.664   1.00 1.24 ? 20 GLU A HG3  1 
ATOM 273  N N    . ASN A 1 21 ? 3.475   14.365  2.088   1.00 0.66 ? 21 ASN A N    1 
ATOM 274  C CA   . ASN A 1 21 ? 3.428   14.711  0.675   1.00 0.69 ? 21 ASN A CA   1 
ATOM 275  C C    . ASN A 1 21 ? 3.711   13.490  -0.194  1.00 0.59 ? 21 ASN A C    1 
ATOM 276  O O    . ASN A 1 21 ? 3.399   13.478  -1.385  1.00 0.67 ? 21 ASN A O    1 
ATOM 277  C CB   . ASN A 1 21 ? 4.436   15.810  0.370   1.00 0.85 ? 21 ASN A CB   1 
ATOM 278  C CG   . ASN A 1 21 ? 3.782   17.097  -0.072  1.00 1.01 ? 21 ASN A CG   1 
ATOM 279  O OD1  . ASN A 1 21 ? 2.558   17.195  -0.159  1.00 1.02 ? 21 ASN A OD1  1 
ATOM 280  N ND2  . ASN A 1 21 ? 4.603   18.096  -0.356  1.00 1.17 ? 21 ASN A ND2  1 
ATOM 281  H H    . ASN A 1 21 ? 4.286   13.960  2.454   1.00 0.65 ? 21 ASN A H    1 
ATOM 282  H HA   . ASN A 1 21 ? 2.446   15.076  0.454   1.00 0.74 ? 21 ASN A HA   1 
ATOM 283  H HB2  . ASN A 1 21 ? 5.006   16.014  1.256   1.00 0.87 ? 21 ASN A HB2  1 
ATOM 284  H HB3  . ASN A 1 21 ? 5.094   15.480  -0.412  1.00 0.85 ? 21 ASN A HB3  1 
ATOM 285  H HD21 . ASN A 1 21 ? 5.567   17.943  -0.264  1.00 1.16 ? 21 ASN A HD21 1 
ATOM 286  H HD22 . ASN A 1 21 ? 4.216   18.940  -0.645  1.00 1.28 ? 21 ASN A HD22 1 
ATOM 287  N N    . LEU A 1 22 ? 4.315   12.467  0.405   1.00 0.49 ? 22 LEU A N    1 
ATOM 288  C CA   . LEU A 1 22 ? 4.651   11.253  -0.313  1.00 0.45 ? 22 LEU A CA   1 
ATOM 289  C C    . LEU A 1 22 ? 3.709   10.113  0.057   1.00 0.39 ? 22 LEU A C    1 
ATOM 290  O O    . LEU A 1 22 ? 3.046   10.151  1.091   1.00 0.44 ? 22 LEU A O    1 
ATOM 291  C CB   . LEU A 1 22 ? 6.087   10.856  0.004   1.00 0.47 ? 22 LEU A CB   1 
ATOM 292  C CG   . LEU A 1 22 ? 7.120   11.971  -0.157  1.00 0.61 ? 22 LEU A CG   1 
ATOM 293  C CD1  . LEU A 1 22 ? 8.322   11.714  0.736   1.00 1.11 ? 22 LEU A CD1  1 
ATOM 294  C CD2  . LEU A 1 22 ? 7.550   12.093  -1.610  1.00 1.21 ? 22 LEU A CD2  1 
ATOM 295  H H    . LEU A 1 22 ? 4.551   12.532  1.353   1.00 0.51 ? 22 LEU A H    1 
ATOM 296  H HA   . LEU A 1 22 ? 4.566   11.453  -1.369  1.00 0.53 ? 22 LEU A HA   1 
ATOM 297  H HB2  . LEU A 1 22 ? 6.123   10.503  1.024   1.00 0.56 ? 22 LEU A HB2  1 
ATOM 298  H HB3  . LEU A 1 22 ? 6.360   10.048  -0.645  1.00 0.65 ? 22 LEU A HB3  1 
ATOM 299  H HG   . LEU A 1 22 ? 6.676   12.910  0.142   1.00 1.00 ? 22 LEU A HG   1 
ATOM 300  H HD11 . LEU A 1 22 ? 7.987   11.315  1.683   1.00 1.59 ? 22 LEU A HD11 1 
ATOM 301  H HD12 . LEU A 1 22 ? 8.980   11.002  0.259   1.00 1.69 ? 22 LEU A HD12 1 
ATOM 302  H HD13 . LEU A 1 22 ? 8.852   12.640  0.902   1.00 1.65 ? 22 LEU A HD13 1 
ATOM 303  H HD21 . LEU A 1 22 ? 7.430   11.139  -2.102  1.00 1.74 ? 22 LEU A HD21 1 
ATOM 304  H HD22 . LEU A 1 22 ? 6.940   12.834  -2.106  1.00 1.70 ? 22 LEU A HD22 1 
ATOM 305  H HD23 . LEU A 1 22 ? 8.587   12.392  -1.655  1.00 1.79 ? 22 LEU A HD23 1 
ATOM 306  N N    . CYS A 1 23 ? 3.672   9.095   -0.793  1.00 0.38 ? 23 CYS A N    1 
ATOM 307  C CA   . CYS A 1 23 ? 2.828   7.929   -0.562  1.00 0.38 ? 23 CYS A CA   1 
ATOM 308  C C    . CYS A 1 23 ? 3.696   6.706   -0.292  1.00 0.39 ? 23 CYS A C    1 
ATOM 309  O O    . CYS A 1 23 ? 4.910   6.752   -0.487  1.00 0.45 ? 23 CYS A O    1 
ATOM 310  C CB   . CYS A 1 23 ? 1.930   7.672   -1.774  1.00 0.40 ? 23 CYS A CB   1 
ATOM 311  S SG   . CYS A 1 23 ? 1.224   9.178   -2.522  1.00 0.39 ? 23 CYS A SG   1 
ATOM 312  H H    . CYS A 1 23 ? 4.235   9.123   -1.595  1.00 0.44 ? 23 CYS A H    1 
ATOM 313  H HA   . CYS A 1 23 ? 2.213   8.124   0.303   1.00 0.40 ? 23 CYS A HA   1 
ATOM 314  H HB2  . CYS A 1 23 ? 2.507   7.169   -2.534  1.00 0.45 ? 23 CYS A HB2  1 
ATOM 315  H HB3  . CYS A 1 23 ? 1.110   7.036   -1.475  1.00 0.45 ? 23 CYS A HB3  1 
ATOM 316  N N    . TYR A 1 24 ? 3.083   5.612   0.151   1.00 0.40 ? 24 TYR A N    1 
ATOM 317  C CA   . TYR A 1 24 ? 3.839   4.396   0.427   1.00 0.42 ? 24 TYR A CA   1 
ATOM 318  C C    . TYR A 1 24 ? 3.042   3.141   0.094   1.00 0.41 ? 24 TYR A C    1 
ATOM 319  O O    . TYR A 1 24 ? 1.819   3.096   0.257   1.00 0.43 ? 24 TYR A O    1 
ATOM 320  C CB   . TYR A 1 24 ? 4.312   4.362   1.889   1.00 0.45 ? 24 TYR A CB   1 
ATOM 321  C CG   . TYR A 1 24 ? 3.267   3.914   2.901   1.00 0.45 ? 24 TYR A CG   1 
ATOM 322  C CD1  . TYR A 1 24 ? 2.778   2.606   2.916   1.00 0.86 ? 24 TYR A CD1  1 
ATOM 323  C CD2  . TYR A 1 24 ? 2.786   4.799   3.857   1.00 0.89 ? 24 TYR A CD2  1 
ATOM 324  C CE1  . TYR A 1 24 ? 1.844   2.205   3.851   1.00 0.88 ? 24 TYR A CE1  1 
ATOM 325  C CE2  . TYR A 1 24 ? 1.849   4.403   4.793   1.00 0.92 ? 24 TYR A CE2  1 
ATOM 326  C CZ   . TYR A 1 24 ? 1.382   3.105   4.785   1.00 0.53 ? 24 TYR A CZ   1 
ATOM 327  O OH   . TYR A 1 24 ? 0.452   2.708   5.718   1.00 0.59 ? 24 TYR A OH   1 
ATOM 328  H H    . TYR A 1 24 ? 2.112   5.622   0.288   1.00 0.45 ? 24 TYR A H    1 
ATOM 329  H HA   . TYR A 1 24 ? 4.712   4.415   -0.210  1.00 0.45 ? 24 TYR A HA   1 
ATOM 330  H HB2  . TYR A 1 24 ? 5.151   3.687   1.966   1.00 0.48 ? 24 TYR A HB2  1 
ATOM 331  H HB3  . TYR A 1 24 ? 4.637   5.354   2.169   1.00 0.48 ? 24 TYR A HB3  1 
ATOM 332  H HD1  . TYR A 1 24 ? 3.133   1.899   2.183   1.00 1.38 ? 24 TYR A HD1  1 
ATOM 333  H HD2  . TYR A 1 24 ? 3.152   5.814   3.862   1.00 1.42 ? 24 TYR A HD2  1 
ATOM 334  H HE1  . TYR A 1 24 ? 1.479   1.187   3.845   1.00 1.40 ? 24 TYR A HE1  1 
ATOM 335  H HE2  . TYR A 1 24 ? 1.488   5.108   5.526   1.00 1.45 ? 24 TYR A HE2  1 
ATOM 336  H HH   . TYR A 1 24 ? 0.779   2.900   6.599   1.00 1.08 ? 24 TYR A HH   1 
ATOM 337  N N    . ARG A 1 25 ? 3.763   2.120   -0.356  1.00 0.42 ? 25 ARG A N    1 
ATOM 338  C CA   . ARG A 1 25 ? 3.170   0.836   -0.707  1.00 0.43 ? 25 ARG A CA   1 
ATOM 339  C C    . ARG A 1 25 ? 4.022   -0.292  -0.134  1.00 0.45 ? 25 ARG A C    1 
ATOM 340  O O    . ARG A 1 25 ? 5.143   -0.524  -0.588  1.00 0.50 ? 25 ARG A O    1 
ATOM 341  C CB   . ARG A 1 25 ? 3.067   0.698   -2.228  1.00 0.49 ? 25 ARG A CB   1 
ATOM 342  C CG   . ARG A 1 25 ? 1.755   0.093   -2.700  1.00 0.92 ? 25 ARG A CG   1 
ATOM 343  C CD   . ARG A 1 25 ? 1.924   -0.638  -4.023  1.00 1.08 ? 25 ARG A CD   1 
ATOM 344  N NE   . ARG A 1 25 ? 2.626   0.177   -5.012  1.00 1.37 ? 25 ARG A NE   1 
ATOM 345  C CZ   . ARG A 1 25 ? 2.695   -0.125  -6.307  1.00 1.82 ? 25 ARG A CZ   1 
ATOM 346  N NH1  . ARG A 1 25 ? 2.102   -1.216  -6.774  1.00 2.25 ? 25 ARG A NH1  1 
ATOM 347  N NH2  . ARG A 1 25 ? 3.355   0.670   -7.137  1.00 2.62 ? 25 ARG A NH2  1 
ATOM 348  H H    . ARG A 1 25 ? 4.732   2.230   -0.445  1.00 0.43 ? 25 ARG A H    1 
ATOM 349  H HA   . ARG A 1 25 ? 2.182   0.790   -0.274  1.00 0.42 ? 25 ARG A HA   1 
ATOM 350  H HB2  . ARG A 1 25 ? 3.168   1.676   -2.674  1.00 0.80 ? 25 ARG A HB2  1 
ATOM 351  H HB3  . ARG A 1 25 ? 3.874   0.069   -2.576  1.00 0.66 ? 25 ARG A HB3  1 
ATOM 352  H HG2  . ARG A 1 25 ? 1.402   -0.605  -1.956  1.00 1.36 ? 25 ARG A HG2  1 
ATOM 353  H HG3  . ARG A 1 25 ? 1.033   0.885   -2.827  1.00 1.45 ? 25 ARG A HG3  1 
ATOM 354  H HD2  . ARG A 1 25 ? 2.489   -1.542  -3.849  1.00 1.66 ? 25 ARG A HD2  1 
ATOM 355  H HD3  . ARG A 1 25 ? 0.947   -0.892  -4.405  1.00 1.62 ? 25 ARG A HD3  1 
ATOM 356  H HE   . ARG A 1 25 ? 3.070   0.991   -4.695  1.00 1.97 ? 25 ARG A HE   1 
ATOM 357  H HH11 . ARG A 1 25 ? 1.602   -1.819  -6.152  1.00 2.32 ? 25 ARG A HH11 1 
ATOM 358  H HH12 . ARG A 1 25 ? 2.157   -1.437  -7.747  1.00 2.92 ? 25 ARG A HH12 1 
ATOM 359  H HH21 . ARG A 1 25 ? 3.802   1.495   -6.791  1.00 3.03 ? 25 ARG A HH21 1 
ATOM 360  H HH22 . ARG A 1 25 ? 3.407   0.445   -8.110  1.00 3.10 ? 25 ARG A HH22 1 
ATOM 361  N N    . LYS A 1 26 ? 3.498   -0.983  0.872   1.00 0.43 ? 26 LYS A N    1 
ATOM 362  C CA   . LYS A 1 26 ? 4.239   -2.073  1.505   1.00 0.47 ? 26 LYS A CA   1 
ATOM 363  C C    . LYS A 1 26 ? 3.961   -3.402  0.823   1.00 0.45 ? 26 LYS A C    1 
ATOM 364  O O    . LYS A 1 26 ? 2.856   -3.647  0.339   1.00 0.44 ? 26 LYS A O    1 
ATOM 365  C CB   . LYS A 1 26 ? 3.887   -2.173  2.988   1.00 0.52 ? 26 LYS A CB   1 
ATOM 366  C CG   . LYS A 1 26 ? 4.795   -3.112  3.764   1.00 0.58 ? 26 LYS A CG   1 
ATOM 367  C CD   . LYS A 1 26 ? 4.071   -3.735  4.946   1.00 1.04 ? 26 LYS A CD   1 
ATOM 368  C CE   . LYS A 1 26 ? 5.012   -3.967  6.116   1.00 1.70 ? 26 LYS A CE   1 
ATOM 369  N NZ   . LYS A 1 26 ? 4.887   -2.904  7.150   1.00 2.29 ? 26 LYS A NZ   1 
ATOM 370  H H    . LYS A 1 26 ? 2.602   -0.750  1.203   1.00 0.42 ? 26 LYS A H    1 
ATOM 371  H HA   . LYS A 1 26 ? 5.291   -1.850  1.413   1.00 0.51 ? 26 LYS A HA   1 
ATOM 372  H HB2  . LYS A 1 26 ? 3.957   -1.193  3.429   1.00 0.56 ? 26 LYS A HB2  1 
ATOM 373  H HB3  . LYS A 1 26 ? 2.876   -2.528  3.082   1.00 0.51 ? 26 LYS A HB3  1 
ATOM 374  H HG2  . LYS A 1 26 ? 5.131   -3.899  3.106   1.00 0.91 ? 26 LYS A HG2  1 
ATOM 375  H HG3  . LYS A 1 26 ? 5.647   -2.556  4.128   1.00 0.85 ? 26 LYS A HG3  1 
ATOM 376  H HD2  . LYS A 1 26 ? 3.279   -3.073  5.261   1.00 1.71 ? 26 LYS A HD2  1 
ATOM 377  H HD3  . LYS A 1 26 ? 3.651   -4.682  4.640   1.00 1.61 ? 26 LYS A HD3  1 
ATOM 378  H HE2  . LYS A 1 26 ? 4.780   -4.922  6.566   1.00 2.23 ? 26 LYS A HE2  1 
ATOM 379  H HE3  . LYS A 1 26 ? 6.028   -3.982  5.748   1.00 2.25 ? 26 LYS A HE3  1 
ATOM 380  H HZ1  . LYS A 1 26 ? 3.945   -2.466  7.100   1.00 2.61 ? 26 LYS A HZ1  1 
ATOM 381  H HZ2  . LYS A 1 26 ? 5.019   -3.309  8.099   1.00 2.78 ? 26 LYS A HZ2  1 
ATOM 382  H HZ3  . LYS A 1 26 ? 5.607   -2.168  6.996   1.00 2.67 ? 26 LYS A HZ3  1 
ATOM 383  N N    . MET A 1 27 ? 4.974   -4.261  0.791   1.00 0.48 ? 27 MET A N    1 
ATOM 384  C CA   . MET A 1 27 ? 4.839   -5.569  0.170   1.00 0.48 ? 27 MET A CA   1 
ATOM 385  C C    . MET A 1 27 ? 5.696   -6.617  0.873   1.00 0.52 ? 27 MET A C    1 
ATOM 386  O O    . MET A 1 27 ? 6.878   -6.401  1.138   1.00 0.58 ? 27 MET A O    1 
ATOM 387  C CB   . MET A 1 27 ? 5.215   -5.500  -1.305  1.00 0.52 ? 27 MET A CB   1 
ATOM 388  C CG   . MET A 1 27 ? 4.192   -4.769  -2.160  1.00 0.53 ? 27 MET A CG   1 
ATOM 389  S SD   . MET A 1 27 ? 4.742   -3.122  -2.651  1.00 1.14 ? 27 MET A SD   1 
ATOM 390  C CE   . MET A 1 27 ? 5.081   -3.383  -4.390  1.00 1.80 ? 27 MET A CE   1 
ATOM 391  H H    . MET A 1 27 ? 5.828   -4.007  1.196   1.00 0.51 ? 27 MET A H    1 
ATOM 392  H HA   . MET A 1 27 ? 3.806   -5.860  0.248   1.00 0.47 ? 27 MET A HA   1 
ATOM 393  H HB2  . MET A 1 27 ? 6.162   -4.995  -1.396  1.00 0.56 ? 27 MET A HB2  1 
ATOM 394  H HB3  . MET A 1 27 ? 5.319   -6.504  -1.684  1.00 0.56 ? 27 MET A HB3  1 
ATOM 395  H HG2  . MET A 1 27 ? 4.006   -5.351  -3.050  1.00 0.82 ? 27 MET A HG2  1 
ATOM 396  H HG3  . MET A 1 27 ? 3.274   -4.674  -1.596  1.00 0.75 ? 27 MET A HG3  1 
ATOM 397  H HE1  . MET A 1 27 ? 4.283   -3.961  -4.831  1.00 2.30 ? 27 MET A HE1  1 
ATOM 398  H HE2  . MET A 1 27 ? 5.151   -2.427  -4.889  1.00 2.35 ? 27 MET A HE2  1 
ATOM 399  H HE3  . MET A 1 27 ? 6.015   -3.914  -4.499  1.00 2.26 ? 27 MET A HE3  1 
ATOM 400  N N    . TRP A 1 28 ? 5.083   -7.759  1.154   1.00 0.52 ? 28 TRP A N    1 
ATOM 401  C CA   . TRP A 1 28 ? 5.774   -8.878  1.814   1.00 0.57 ? 28 TRP A CA   1 
ATOM 402  C C    . TRP A 1 28 ? 4.889   -10.118 1.791   1.00 0.58 ? 28 TRP A C    1 
ATOM 403  O O    . TRP A 1 28 ? 3.755   -10.081 2.267   1.00 0.98 ? 28 TRP A O    1 
ATOM 404  C CB   . TRP A 1 28 ? 6.162   -8.524  3.254   1.00 0.62 ? 28 TRP A CB   1 
ATOM 405  C CG   . TRP A 1 28 ? 4.993   -8.278  4.149   1.00 0.65 ? 28 TRP A CG   1 
ATOM 406  C CD1  . TRP A 1 28 ? 3.822   -7.692  3.802   1.00 0.72 ? 28 TRP A CD1  1 
ATOM 407  C CD2  . TRP A 1 28 ? 4.882   -8.613  5.539   1.00 0.87 ? 28 TRP A CD2  1 
ATOM 408  N NE1  . TRP A 1 28 ? 2.982   -7.630  4.888   1.00 0.77 ? 28 TRP A NE1  1 
ATOM 409  C CE2  . TRP A 1 28 ? 3.609   -8.191  5.965   1.00 0.86 ? 28 TRP A CE2  1 
ATOM 410  C CE3  . TRP A 1 28 ? 5.732   -9.227  6.465   1.00 1.24 ? 28 TRP A CE3  1 
ATOM 411  C CZ2  . TRP A 1 28 ? 3.163   -8.362  7.271   1.00 1.11 ? 28 TRP A CZ2  1 
ATOM 412  C CZ3  . TRP A 1 28 ? 5.289   -9.396  7.764   1.00 1.54 ? 28 TRP A CZ3  1 
ATOM 413  C CH2  . TRP A 1 28 ? 4.014   -8.966  8.156   1.00 1.45 ? 28 TRP A CH2  1 
ATOM 414  H H    . TRP A 1 28 ? 4.133   -7.860  0.893   1.00 0.50 ? 28 TRP A H    1 
ATOM 415  H HA   . TRP A 1 28 ? 6.672   -9.087  1.249   1.00 0.60 ? 28 TRP A HA   1 
ATOM 416  H HB2  . TRP A 1 28 ? 6.729   -9.335  3.673   1.00 0.67 ? 28 TRP A HB2  1 
ATOM 417  H HB3  . TRP A 1 28 ? 6.771   -7.631  3.245   1.00 0.64 ? 28 TRP A HB3  1 
ATOM 418  H HD1  . TRP A 1 28 ? 3.604   -7.332  2.811   1.00 0.90 ? 28 TRP A HD1  1 
ATOM 419  H HE1  . TRP A 1 28 ? 2.080   -7.248  4.891   1.00 0.89 ? 28 TRP A HE1  1 
ATOM 420  H HE3  . TRP A 1 28 ? 6.717   -9.565  6.179   1.00 1.34 ? 28 TRP A HE3  1 
ATOM 421  H HZ2  . TRP A 1 28 ? 2.181   -8.037  7.586   1.00 1.11 ? 28 TRP A HZ2  1 
ATOM 422  H HZ3  . TRP A 1 28 ? 5.931   -9.868  8.493   1.00 1.88 ? 28 TRP A HZ3  1 
ATOM 423  H HH2  . TRP A 1 28 ? 3.711   -9.118  9.182   1.00 1.70 ? 28 TRP A HH2  1 
ATOM 424  N N    . CYS A 1 29 ? 5.379   -11.199 1.190   1.00 0.44 ? 29 CYS A N    1 
ATOM 425  C CA   . CYS A 1 29 ? 4.578   -12.408 1.060   1.00 0.42 ? 29 CYS A CA   1 
ATOM 426  C C    . CYS A 1 29 ? 4.040   -12.932 2.376   1.00 0.56 ? 29 CYS A C    1 
ATOM 427  O O    . CYS A 1 29 ? 4.782   -13.465 3.201   1.00 0.74 ? 29 CYS A O    1 
ATOM 428  C CB   . CYS A 1 29 ? 5.332   -13.549 0.370   1.00 0.50 ? 29 CYS A CB   1 
ATOM 429  S SG   . CYS A 1 29 ? 5.801   -13.228 -1.361  1.00 0.66 ? 29 CYS A SG   1 
ATOM 430  H H    . CYS A 1 29 ? 6.267   -11.168 0.790   1.00 0.68 ? 29 CYS A H    1 
ATOM 431  H HA   . CYS A 1 29 ? 3.746   -12.148 0.450   1.00 0.39 ? 29 CYS A HA   1 
ATOM 432  H HB2  . CYS A 1 29 ? 6.221   -13.775 0.923   1.00 0.61 ? 29 CYS A HB2  1 
ATOM 433  H HB3  . CYS A 1 29 ? 4.699   -14.415 0.373   1.00 0.55 ? 29 CYS A HB3  1 
ATOM 434  N N    . ASP A 1 30 ? 2.722   -12.872 2.514   1.00 0.61 ? 30 ASP A N    1 
ATOM 435  C CA   . ASP A 1 30 ? 2.069   -13.442 3.672   1.00 0.82 ? 30 ASP A CA   1 
ATOM 436  C C    . ASP A 1 30 ? 2.132   -14.936 3.459   1.00 0.76 ? 30 ASP A C    1 
ATOM 437  O O    . ASP A 1 30 ? 2.092   -15.379 2.297   1.00 0.61 ? 30 ASP A O    1 
ATOM 438  C CB   . ASP A 1 30 ? 0.618   -12.972 3.814   1.00 0.96 ? 30 ASP A CB   1 
ATOM 439  C CG   . ASP A 1 30 ? -0.116  -12.927 2.492   1.00 0.98 ? 30 ASP A CG   1 
ATOM 440  O OD1  . ASP A 1 30 ? -0.005  -13.901 1.722   1.00 1.47 ? 30 ASP A OD1  1 
ATOM 441  O OD2  . ASP A 1 30 ? -0.797  -11.916 2.225   1.00 1.56 ? 30 ASP A OD2  1 
ATOM 442  H H    . ASP A 1 30 ? 2.187   -12.508 1.791   1.00 0.58 ? 30 ASP A H    1 
ATOM 443  H HA   . ASP A 1 30 ? 2.636   -13.178 4.554   1.00 0.99 ? 30 ASP A HA   1 
ATOM 444  H HB2  . ASP A 1 30 ? 0.092   -13.649 4.470   1.00 1.16 ? 30 ASP A HB2  1 
ATOM 445  H HB3  . ASP A 1 30 ? 0.608   -11.984 4.247   1.00 1.03 ? 30 ASP A HB3  1 
ATOM 446  N N    . ALA A 1 31 ? 2.281   -15.691 4.551   1.00 0.96 ? 31 ALA A N    1 
ATOM 447  C CA   . ALA A 1 31 ? 2.449   -17.150 4.499   1.00 1.03 ? 31 ALA A CA   1 
ATOM 448  C C    . ALA A 1 31 ? 1.636   -17.828 3.400   1.00 0.90 ? 31 ALA A C    1 
ATOM 449  O O    . ALA A 1 31 ? 0.864   -18.750 3.659   1.00 1.01 ? 31 ALA A O    1 
ATOM 450  C CB   . ALA A 1 31 ? 2.098   -17.754 5.851   1.00 1.29 ? 31 ALA A CB   1 
ATOM 451  H H    . ALA A 1 31 ? 2.342   -15.246 5.421   1.00 1.11 ? 31 ALA A H    1 
ATOM 452  H HA   . ALA A 1 31 ? 3.495   -17.348 4.319   1.00 1.07 ? 31 ALA A HA   1 
ATOM 453  H HB1  . ALA A 1 31 ? 2.960   -17.709 6.501   1.00 1.74 ? 31 ALA A HB1  1 
ATOM 454  H HB2  . ALA A 1 31 ? 1.801   -18.784 5.719   1.00 1.52 ? 31 ALA A HB2  1 
ATOM 455  H HB3  . ALA A 1 31 ? 1.284   -17.199 6.293   1.00 1.80 ? 31 ALA A HB3  1 
ATOM 456  N N    . PHE A 1 32 ? 1.864   -17.381 2.167   1.00 0.75 ? 32 PHE A N    1 
ATOM 457  C CA   . PHE A 1 32 ? 1.229   -17.932 0.993   1.00 0.76 ? 32 PHE A CA   1 
ATOM 458  C C    . PHE A 1 32 ? 1.833   -17.318 -0.278  1.00 0.75 ? 32 PHE A C    1 
ATOM 459  O O    . PHE A 1 32 ? 1.147   -17.201 -1.292  1.00 1.01 ? 32 PHE A O    1 
ATOM 460  C CB   . PHE A 1 32 ? -0.282  -17.726 1.030   1.00 0.78 ? 32 PHE A CB   1 
ATOM 461  C CG   . PHE A 1 32 ? -1.063  -19.020 1.107   1.00 0.97 ? 32 PHE A CG   1 
ATOM 462  C CD1  . PHE A 1 32 ? -0.557  -20.118 1.787   1.00 1.73 ? 32 PHE A CD1  1 
ATOM 463  C CD2  . PHE A 1 32 ? -2.304  -19.137 0.501   1.00 1.44 ? 32 PHE A CD2  1 
ATOM 464  C CE1  . PHE A 1 32 ? -1.270  -21.298 1.863   1.00 1.91 ? 32 PHE A CE1  1 
ATOM 465  C CE2  . PHE A 1 32 ? -3.021  -20.316 0.573   1.00 1.56 ? 32 PHE A CE2  1 
ATOM 466  C CZ   . PHE A 1 32 ? -2.505  -21.397 1.255   1.00 1.39 ? 32 PHE A CZ   1 
ATOM 467  H H    . PHE A 1 32 ? 2.514   -16.669 2.042   1.00 0.70 ? 32 PHE A H    1 
ATOM 468  H HA   . PHE A 1 32 ? 1.434   -18.989 0.985   1.00 0.90 ? 32 PHE A HA   1 
ATOM 469  H HB2  . PHE A 1 32 ? -0.543  -17.123 1.884   1.00 0.77 ? 32 PHE A HB2  1 
ATOM 470  H HB3  . PHE A 1 32 ? -0.575  -17.209 0.140   1.00 0.77 ? 32 PHE A HB3  1 
ATOM 471  H HD1  . PHE A 1 32 ? 0.407   -20.046 2.261   1.00 2.47 ? 32 PHE A HD1  1 
ATOM 472  H HD2  . PHE A 1 32 ? -2.708  -18.300 -0.035  1.00 2.16 ? 32 PHE A HD2  1 
ATOM 473  H HE1  . PHE A 1 32 ? -0.862  -22.144 2.397   1.00 2.73 ? 32 PHE A HE1  1 
ATOM 474  H HE2  . PHE A 1 32 ? -3.987  -20.390 0.095   1.00 2.25 ? 32 PHE A HE2  1 
ATOM 475  H HZ   . PHE A 1 32 ? -3.063  -22.319 1.312   1.00 1.57 ? 32 PHE A HZ   1 
ATOM 476  N N    . CYS A 1 33 ? 3.117   -16.914 -0.218  1.00 0.63 ? 33 CYS A N    1 
ATOM 477  C CA   . CYS A 1 33 ? 3.798   -16.307 -1.371  1.00 0.65 ? 33 CYS A CA   1 
ATOM 478  C C    . CYS A 1 33 ? 3.445   -17.025 -2.678  1.00 0.83 ? 33 CYS A C    1 
ATOM 479  O O    . CYS A 1 33 ? 3.494   -16.428 -3.752  1.00 1.08 ? 33 CYS A O    1 
ATOM 480  C CB   . CYS A 1 33 ? 5.313   -16.284 -1.143  1.00 0.72 ? 33 CYS A CB   1 
ATOM 481  S SG   . CYS A 1 33 ? 6.218   -15.061 -2.161  1.00 0.84 ? 33 CYS A SG   1 
ATOM 482  H H    . CYS A 1 33 ? 3.618   -17.020 0.620   1.00 0.71 ? 33 CYS A H    1 
ATOM 483  H HA   . CYS A 1 33 ? 3.457   -15.294 -1.452  1.00 0.61 ? 33 CYS A HA   1 
ATOM 484  H HB2  . CYS A 1 33 ? 5.508   -16.054 -0.106  1.00 0.72 ? 33 CYS A HB2  1 
ATOM 485  H HB3  . CYS A 1 33 ? 5.716   -17.261 -1.369  1.00 0.82 ? 33 CYS A HB3  1 
ATOM 486  N N    . SER A 1 34 ? 3.059   -18.297 -2.577  1.00 0.85 ? 34 SER A N    1 
ATOM 487  C CA   . SER A 1 34 ? 2.664   -19.069 -3.751  1.00 1.04 ? 34 SER A CA   1 
ATOM 488  C C    . SER A 1 34 ? 1.250   -18.677 -4.183  1.00 1.07 ? 34 SER A C    1 
ATOM 489  O O    . SER A 1 34 ? 1.003   -18.395 -5.356  1.00 1.25 ? 34 SER A O    1 
ATOM 490  C CB   . SER A 1 34 ? 2.724   -20.569 -3.449  1.00 1.21 ? 34 SER A CB   1 
ATOM 491  O OG   . SER A 1 34 ? 3.596   -20.838 -2.364  1.00 1.93 ? 34 SER A OG   1 
ATOM 492  H H    . SER A 1 34 ? 3.019   -18.720 -1.695  1.00 0.87 ? 34 SER A H    1 
ATOM 493  H HA   . SER A 1 34 ? 3.353   -18.838 -4.549  1.00 1.08 ? 34 SER A HA   1 
ATOM 494  H HB2  . SER A 1 34 ? 1.736   -20.923 -3.196  1.00 1.39 ? 34 SER A HB2  1 
ATOM 495  H HB3  . SER A 1 34 ? 3.082   -21.095 -4.322  1.00 1.53 ? 34 SER A HB3  1 
ATOM 496  H HG   . SER A 1 34 ? 4.459   -20.457 -2.544  1.00 2.35 ? 34 SER A HG   1 
ATOM 497  N N    . SER A 1 35 ? 0.329   -18.646 -3.219  1.00 0.99 ? 35 SER A N    1 
ATOM 498  C CA   . SER A 1 35 ? -1.061  -18.271 -3.482  1.00 1.03 ? 35 SER A CA   1 
ATOM 499  C C    . SER A 1 35 ? -1.278  -16.797 -3.142  1.00 0.91 ? 35 SER A C    1 
ATOM 500  O O    . SER A 1 35 ? -1.264  -15.940 -4.027  1.00 1.04 ? 35 SER A O    1 
ATOM 501  C CB   . SER A 1 35 ? -2.014  -19.148 -2.668  1.00 1.10 ? 35 SER A CB   1 
ATOM 502  O OG   . SER A 1 35 ? -2.465  -20.255 -3.429  1.00 1.58 ? 35 SER A OG   1 
ATOM 503  H H    . SER A 1 35 ? 0.594   -18.871 -2.303  1.00 0.96 ? 35 SER A H    1 
ATOM 504  H HA   . SER A 1 35 ? -1.253  -18.420 -4.535  1.00 1.15 ? 35 SER A HA   1 
ATOM 505  H HB2  . SER A 1 35 ? -1.498  -19.516 -1.794  1.00 1.28 ? 35 SER A HB2  1 
ATOM 506  H HB3  . SER A 1 35 ? -2.867  -18.562 -2.363  1.00 1.34 ? 35 SER A HB3  1 
ATOM 507  H HG   . SER A 1 35 ? -3.302  -20.037 -3.845  1.00 1.99 ? 35 SER A HG   1 
ATOM 508  N N    . ARG A 1 36 ? -1.444  -16.501 -1.853  1.00 0.76 ? 36 ARG A N    1 
ATOM 509  C CA   . ARG A 1 36 ? -1.623  -15.127 -1.406  1.00 0.68 ? 36 ARG A CA   1 
ATOM 510  C C    . ARG A 1 36 ? -0.308  -14.385 -1.604  1.00 0.63 ? 36 ARG A C    1 
ATOM 511  O O    . ARG A 1 36 ? -0.119  -13.742 -2.638  1.00 0.79 ? 36 ARG A O    1 
ATOM 512  C CB   . ARG A 1 36 ? -2.068  -15.092 0.058   1.00 0.65 ? 36 ARG A CB   1 
ATOM 513  C CG   . ARG A 1 36 ? -3.182  -16.079 0.370   1.00 0.86 ? 36 ARG A CG   1 
ATOM 514  C CD   . ARG A 1 36 ? -4.527  -15.390 0.532   1.00 1.47 ? 36 ARG A CD   1 
ATOM 515  N NE   . ARG A 1 36 ? -5.641  -16.318 0.345   1.00 1.99 ? 36 ARG A NE   1 
ATOM 516  C CZ   . ARG A 1 36 ? -6.052  -17.179 1.272   1.00 2.53 ? 36 ARG A CZ   1 
ATOM 517  N NH1  . ARG A 1 36 ? -5.450  -17.231 2.455   1.00 2.87 ? 36 ARG A NH1  1 
ATOM 518  N NH2  . ARG A 1 36 ? -7.068  -17.992 1.019   1.00 3.28 ? 36 ARG A NH2  1 
ATOM 519  H H    . ARG A 1 36 ? -1.427  -17.218 -1.192  1.00 0.78 ? 36 ARG A H    1 
ATOM 520  H HA   . ARG A 1 36 ? -2.383  -14.669 -2.024  1.00 0.81 ? 36 ARG A HA   1 
ATOM 521  H HB2  . ARG A 1 36 ? -1.227  -15.314 0.683   1.00 0.65 ? 36 ARG A HB2  1 
ATOM 522  H HB3  . ARG A 1 36 ? -2.415  -14.109 0.296   1.00 0.64 ? 36 ARG A HB3  1 
ATOM 523  H HG2  . ARG A 1 36 ? -3.256  -16.782 -0.443  1.00 1.24 ? 36 ARG A HG2  1 
ATOM 524  H HG3  . ARG A 1 36 ? -2.943  -16.602 1.283   1.00 1.49 ? 36 ARG A HG3  1 
ATOM 525  H HD2  . ARG A 1 36 ? -4.585  -14.966 1.523   1.00 2.11 ? 36 ARG A HD2  1 
ATOM 526  H HD3  . ARG A 1 36 ? -4.603  -14.601 -0.202  1.00 1.96 ? 36 ARG A HD3  1 
ATOM 527  H HE   . ARG A 1 36 ? -6.106  -16.299 -0.517  1.00 2.43 ? 36 ARG A HE   1 
ATOM 528  H HH11 . ARG A 1 36 ? -4.684  -16.620 2.653   1.00 2.79 ? 36 ARG A HH11 1 
ATOM 529  H HH12 . ARG A 1 36 ? -5.763  -17.881 3.146   1.00 3.52 ? 36 ARG A HH12 1 
ATOM 530  H HH21 . ARG A 1 36 ? -7.528  -17.956 0.131   1.00 3.60 ? 36 ARG A HH21 1 
ATOM 531  H HH22 . ARG A 1 36 ? -7.377  -18.641 1.715   1.00 3.76 ? 36 ARG A HH22 1 
ATOM 532  N N    . GLY A 1 37 ? 0.634   -14.514 -0.665  1.00 0.56 ? 37 GLY A N    1 
ATOM 533  C CA   . GLY A 1 37 ? 1.911   -13.882 -0.866  1.00 0.70 ? 37 GLY A CA   1 
ATOM 534  C C    . GLY A 1 37 ? 1.990   -12.432 -0.470  1.00 0.56 ? 37 GLY A C    1 
ATOM 535  O O    . GLY A 1 37 ? 1.394   -12.006 0.517   1.00 0.69 ? 37 GLY A O    1 
ATOM 536  H H    . GLY A 1 37 ? 0.485   -15.075 0.139   1.00 0.55 ? 37 GLY A H    1 
ATOM 537  H HA2  . GLY A 1 37 ? 2.643   -14.421 -0.288  1.00 0.96 ? 37 GLY A HA2  1 
ATOM 538  H HA3  . GLY A 1 37 ? 2.171   -13.967 -1.912  1.00 0.89 ? 37 GLY A HA3  1 
ATOM 539  N N    . LYS A 1 38 ? 2.804   -11.690 -1.215  1.00 0.59 ? 38 LYS A N    1 
ATOM 540  C CA   . LYS A 1 38 ? 3.070   -10.295 -0.927  1.00 0.53 ? 38 LYS A CA   1 
ATOM 541  C C    . LYS A 1 38 ? 1.846   -9.527  -0.469  1.00 0.47 ? 38 LYS A C    1 
ATOM 542  O O    . LYS A 1 38 ? 0.974   -9.178  -1.264  1.00 0.50 ? 38 LYS A O    1 
ATOM 543  C CB   . LYS A 1 38 ? 3.709   -9.592  -2.117  1.00 0.58 ? 38 LYS A CB   1 
ATOM 544  C CG   . LYS A 1 38 ? 4.186   -10.512 -3.234  1.00 0.77 ? 38 LYS A CG   1 
ATOM 545  C CD   . LYS A 1 38 ? 4.857   -9.732  -4.353  1.00 1.22 ? 38 LYS A CD   1 
ATOM 546  C CE   . LYS A 1 38 ? 6.373   -9.782  -4.237  1.00 1.63 ? 38 LYS A CE   1 
ATOM 547  N NZ   . LYS A 1 38 ? 6.919   -11.105 -4.649  1.00 2.26 ? 38 LYS A NZ   1 
ATOM 548  H H    . LYS A 1 38 ? 3.282   -12.108 -1.953  1.00 0.81 ? 38 LYS A H    1 
ATOM 549  H HA   . LYS A 1 38 ? 3.779   -10.279 -0.122  1.00 0.58 ? 38 LYS A HA   1 
ATOM 550  H HB2  . LYS A 1 38 ? 2.994   -8.914  -2.527  1.00 0.48 ? 38 LYS A HB2  1 
ATOM 551  H HB3  . LYS A 1 38 ? 4.557   -9.032  -1.758  1.00 0.68 ? 38 LYS A HB3  1 
ATOM 552  H HG2  . LYS A 1 38 ? 4.894   -11.218 -2.828  1.00 1.22 ? 38 LYS A HG2  1 
ATOM 553  H HG3  . LYS A 1 38 ? 3.335   -11.043 -3.637  1.00 1.26 ? 38 LYS A HG3  1 
ATOM 554  H HD2  . LYS A 1 38 ? 4.565   -10.158 -5.301  1.00 1.92 ? 38 LYS A HD2  1 
ATOM 555  H HD3  . LYS A 1 38 ? 4.535   -8.703  -4.304  1.00 1.67 ? 38 LYS A HD3  1 
ATOM 556  H HE2  . LYS A 1 38 ? 6.795   -9.016  -4.871  1.00 1.97 ? 38 LYS A HE2  1 
ATOM 557  H HE3  . LYS A 1 38 ? 6.648   -9.591  -3.210  1.00 2.21 ? 38 LYS A HE3  1 
ATOM 558  H HZ1  . LYS A 1 38 ? 6.208   -11.849 -4.495  1.00 2.68 ? 38 LYS A HZ1  1 
ATOM 559  H HZ2  . LYS A 1 38 ? 7.174   -11.088 -5.657  1.00 2.68 ? 38 LYS A HZ2  1 
ATOM 560  H HZ3  . LYS A 1 38 ? 7.768   -11.330 -4.092  1.00 2.68 ? 38 LYS A HZ3  1 
ATOM 561  N N    . VAL A 1 39 ? 1.826   -9.223  0.820   1.00 0.48 ? 39 VAL A N    1 
ATOM 562  C CA   . VAL A 1 39 ? 0.755   -8.441  1.395   1.00 0.48 ? 39 VAL A CA   1 
ATOM 563  C C    . VAL A 1 39 ? 0.906   -7.021  0.899   1.00 0.47 ? 39 VAL A C    1 
ATOM 564  O O    . VAL A 1 39 ? 2.018   -6.488  0.885   1.00 0.58 ? 39 VAL A O    1 
ATOM 565  C CB   . VAL A 1 39 ? 0.793   -8.434  2.936   1.00 0.59 ? 39 VAL A CB   1 
ATOM 566  C CG1  . VAL A 1 39 ? -0.574  -8.105  3.509   1.00 0.91 ? 39 VAL A CG1  1 
ATOM 567  C CG2  . VAL A 1 39 ? 1.299   -9.762  3.481   1.00 0.70 ? 39 VAL A CG2  1 
ATOM 568  H H    . VAL A 1 39 ? 2.575   -9.497  1.384   1.00 0.54 ? 39 VAL A H    1 
ATOM 569  H HA   . VAL A 1 39 ? -0.189  -8.847  1.062   1.00 0.47 ? 39 VAL A HA   1 
ATOM 570  H HB   . VAL A 1 39 ? 1.475   -7.661  3.243   1.00 0.76 ? 39 VAL A HB   1 
ATOM 571  H HG11 . VAL A 1 39 ? -1.008  -7.282  2.960   1.00 1.41 ? 39 VAL A HG11 1 
ATOM 572  H HG12 . VAL A 1 39 ? -1.216  -8.969  3.431   1.00 1.39 ? 39 VAL A HG12 1 
ATOM 573  H HG13 . VAL A 1 39 ? -0.468  -7.827  4.550   1.00 1.46 ? 39 VAL A HG13 1 
ATOM 574  H HG21 . VAL A 1 39 ? 1.294   -10.501 2.694   1.00 1.24 ? 39 VAL A HG21 1 
ATOM 575  H HG22 . VAL A 1 39 ? 2.303   -9.639  3.854   1.00 1.39 ? 39 VAL A HG22 1 
ATOM 576  H HG23 . VAL A 1 39 ? 0.656   -10.088 4.285   1.00 1.18 ? 39 VAL A HG23 1 
ATOM 577  N N    . VAL A 1 40 ? -0.193  -6.425  0.468   1.00 0.40 ? 40 VAL A N    1 
ATOM 578  C CA   . VAL A 1 40 ? -0.168  -5.073  -0.059  1.00 0.39 ? 40 VAL A CA   1 
ATOM 579  C C    . VAL A 1 40 ? -0.752  -4.067  0.927   1.00 0.39 ? 40 VAL A C    1 
ATOM 580  O O    . VAL A 1 40 ? -1.919  -4.168  1.329   1.00 0.40 ? 40 VAL A O    1 
ATOM 581  C CB   . VAL A 1 40 ? -0.942  -4.984  -1.387  1.00 0.39 ? 40 VAL A CB   1 
ATOM 582  C CG1  . VAL A 1 40 ? -0.638  -3.679  -2.101  1.00 0.51 ? 40 VAL A CG1  1 
ATOM 583  C CG2  . VAL A 1 40 ? -0.609  -6.170  -2.281  1.00 0.42 ? 40 VAL A CG2  1 
ATOM 584  H H    . VAL A 1 40 ? -1.041  -6.916  0.485   1.00 0.41 ? 40 VAL A H    1 
ATOM 585  H HA   . VAL A 1 40 ? 0.863   -4.812  -0.255  1.00 0.41 ? 40 VAL A HA   1 
ATOM 586  H HB   . VAL A 1 40 ? -1.998  -5.011  -1.167  1.00 0.50 ? 40 VAL A HB   1 
ATOM 587  H HG11 . VAL A 1 40 ? 0.372   -3.370  -1.873  1.00 1.26 ? 40 VAL A HG11 1 
ATOM 588  H HG12 . VAL A 1 40 ? -0.739  -3.824  -3.166  1.00 1.02 ? 40 VAL A HG12 1 
ATOM 589  H HG13 . VAL A 1 40 ? -1.331  -2.919  -1.773  1.00 1.19 ? 40 VAL A HG13 1 
ATOM 590  H HG21 . VAL A 1 40 ? 0.334   -6.597  -1.976  1.00 0.97 ? 40 VAL A HG21 1 
ATOM 591  H HG22 . VAL A 1 40 ? -1.386  -6.913  -2.194  1.00 1.16 ? 40 VAL A HG22 1 
ATOM 592  H HG23 . VAL A 1 40 ? -0.542  -5.840  -3.307  1.00 1.17 ? 40 VAL A HG23 1 
ATOM 593  N N    . GLU A 1 41 ? 0.070   -3.086  1.294   1.00 0.41 ? 41 GLU A N    1 
ATOM 594  C CA   . GLU A 1 41 ? -0.342  -2.031  2.209   1.00 0.42 ? 41 GLU A CA   1 
ATOM 595  C C    . GLU A 1 41 ? -0.347  -0.695  1.477   1.00 0.39 ? 41 GLU A C    1 
ATOM 596  O O    . GLU A 1 41 ? 0.352   -0.525  0.477   1.00 0.43 ? 41 GLU A O    1 
ATOM 597  C CB   . GLU A 1 41 ? 0.585   -1.967  3.424   1.00 0.51 ? 41 GLU A CB   1 
ATOM 598  C CG   . GLU A 1 41 ? -0.117  -1.539  4.702   1.00 0.59 ? 41 GLU A CG   1 
ATOM 599  C CD   . GLU A 1 41 ? -0.206  -2.656  5.723   1.00 1.25 ? 41 GLU A CD   1 
ATOM 600  O OE1  . GLU A 1 41 ? 0.855   -3.147  6.160   1.00 1.98 ? 41 GLU A OE1  1 
ATOM 601  O OE2  . GLU A 1 41 ? -1.338  -3.041  6.084   1.00 2.00 ? 41 GLU A OE2  1 
ATOM 602  H H    . GLU A 1 41 ? 0.978   -3.065  0.922   1.00 0.43 ? 41 GLU A H    1 
ATOM 603  H HA   . GLU A 1 41 ? -1.346  -2.251  2.541   1.00 0.46 ? 41 GLU A HA   1 
ATOM 604  H HB2  . GLU A 1 41 ? 1.017   -2.944  3.584   1.00 0.60 ? 41 GLU A HB2  1 
ATOM 605  H HB3  . GLU A 1 41 ? 1.378   -1.261  3.220   1.00 0.54 ? 41 GLU A HB3  1 
ATOM 606  H HG2  . GLU A 1 41 ? 0.429   -0.716  5.140   1.00 1.13 ? 41 GLU A HG2  1 
ATOM 607  H HG3  . GLU A 1 41 ? -1.118  -1.214  4.456   1.00 1.10 ? 41 GLU A HG3  1 
ATOM 608  N N    . LEU A 1 42 ? -1.149  0.243   1.963   1.00 0.41 ? 42 LEU A N    1 
ATOM 609  C CA   . LEU A 1 42 ? -1.261  1.552   1.332   1.00 0.46 ? 42 LEU A CA   1 
ATOM 610  C C    . LEU A 1 42 ? -1.385  2.661   2.371   1.00 0.46 ? 42 LEU A C    1 
ATOM 611  O O    . LEU A 1 42 ? -2.089  2.514   3.370   1.00 0.61 ? 42 LEU A O    1 
ATOM 612  C CB   . LEU A 1 42 ? -2.483  1.567   0.407   1.00 0.67 ? 42 LEU A CB   1 
ATOM 613  C CG   . LEU A 1 42 ? -2.184  1.792   -1.073  1.00 0.58 ? 42 LEU A CG   1 
ATOM 614  C CD1  . LEU A 1 42 ? -1.072  0.868   -1.538  1.00 1.10 ? 42 LEU A CD1  1 
ATOM 615  C CD2  . LEU A 1 42 ? -3.439  1.581   -1.906  1.00 1.20 ? 42 LEU A CD2  1 
ATOM 616  H H    . LEU A 1 42 ? -1.685  0.048   2.755   1.00 0.44 ? 42 LEU A H    1 
ATOM 617  H HA   . LEU A 1 42 ? -0.373  1.718   0.744   1.00 0.51 ? 42 LEU A HA   1 
ATOM 618  H HB2  . LEU A 1 42 ? -2.991  0.621   0.506   1.00 1.13 ? 42 LEU A HB2  1 
ATOM 619  H HB3  . LEU A 1 42 ? -3.150  2.347   0.736   1.00 1.23 ? 42 LEU A HB3  1 
ATOM 620  H HG   . LEU A 1 42 ? -1.857  2.809   -1.213  1.00 1.31 ? 42 LEU A HG   1 
ATOM 621  H HD11 . LEU A 1 42 ? -1.203  -0.105  -1.085  1.00 1.65 ? 42 LEU A HD11 1 
ATOM 622  H HD12 . LEU A 1 42 ? -1.107  0.774   -2.612  1.00 1.63 ? 42 LEU A HD12 1 
ATOM 623  H HD13 . LEU A 1 42 ? -0.117  1.276   -1.241  1.00 1.69 ? 42 LEU A HD13 1 
ATOM 624  H HD21 . LEU A 1 42 ? -4.243  2.180   -1.505  1.00 1.67 ? 42 LEU A HD21 1 
ATOM 625  H HD22 . LEU A 1 42 ? -3.246  1.873   -2.928  1.00 1.70 ? 42 LEU A HD22 1 
ATOM 626  H HD23 . LEU A 1 42 ? -3.718  0.538   -1.878  1.00 1.80 ? 42 LEU A HD23 1 
ATOM 627  N N    . GLY A 1 43 ? -0.704  3.775   2.123   1.00 0.39 ? 43 GLY A N    1 
ATOM 628  C CA   . GLY A 1 43 ? -0.764  4.895   3.044   1.00 0.48 ? 43 GLY A CA   1 
ATOM 629  C C    . GLY A 1 43 ? 0.127   6.047   2.626   1.00 0.39 ? 43 GLY A C    1 
ATOM 630  O O    . GLY A 1 43 ? 0.986   5.895   1.757   1.00 0.49 ? 43 GLY A O    1 
ATOM 631  H H    . GLY A 1 43 ? -0.162  3.839   1.307   1.00 0.36 ? 43 GLY A H    1 
ATOM 632  H HA2  . GLY A 1 43 ? -1.784  5.248   3.094   1.00 0.60 ? 43 GLY A HA2  1 
ATOM 633  H HA3  . GLY A 1 43 ? -0.466  4.560   4.024   1.00 0.63 ? 43 GLY A HA3  1 
ATOM 634  N N    . CYS A 1 44 ? -0.080  7.202   3.248   1.00 0.44 ? 44 CYS A N    1 
ATOM 635  C CA   . CYS A 1 44 ? 0.707   8.391   2.943   1.00 0.38 ? 44 CYS A CA   1 
ATOM 636  C C    . CYS A 1 44 ? 1.876   8.530   3.914   1.00 0.50 ? 44 CYS A C    1 
ATOM 637  O O    . CYS A 1 44 ? 1.882   7.919   4.984   1.00 0.80 ? 44 CYS A O    1 
ATOM 638  C CB   . CYS A 1 44 ? -0.176  9.638   3.004   1.00 0.56 ? 44 CYS A CB   1 
ATOM 639  S SG   . CYS A 1 44 ? 0.524   11.088  2.151   1.00 1.05 ? 44 CYS A SG   1 
ATOM 640  H H    . CYS A 1 44 ? -0.780  7.255   3.932   1.00 0.61 ? 44 CYS A H    1 
ATOM 641  H HA   . CYS A 1 44 ? 1.096   8.283   1.941   1.00 0.40 ? 44 CYS A HA   1 
ATOM 642  H HB2  . CYS A 1 44 ? -1.129  9.418   2.546   1.00 1.27 ? 44 CYS A HB2  1 
ATOM 643  H HB3  . CYS A 1 44 ? -0.334  9.909   4.038   1.00 1.10 ? 44 CYS A HB3  1 
ATOM 644  N N    . ALA A 1 45 ? 2.862   9.336   3.538   1.00 0.44 ? 45 ALA A N    1 
ATOM 645  C CA   . ALA A 1 45 ? 4.034   9.553   4.377   1.00 0.63 ? 45 ALA A CA   1 
ATOM 646  C C    . ALA A 1 45 ? 4.785   10.812  3.958   1.00 0.55 ? 45 ALA A C    1 
ATOM 647  O O    . ALA A 1 45 ? 4.750   11.208  2.793   1.00 0.57 ? 45 ALA A O    1 
ATOM 648  C CB   . ALA A 1 45 ? 4.955   8.343   4.320   1.00 0.87 ? 45 ALA A CB   1 
ATOM 649  H H    . ALA A 1 45 ? 2.802   9.795   2.674   1.00 0.45 ? 45 ALA A H    1 
ATOM 650  H HA   . ALA A 1 45 ? 3.697   9.670   5.396   1.00 0.83 ? 45 ALA A HA   1 
ATOM 651  H HB1  . ALA A 1 45 ? 4.402   7.456   4.590   1.00 1.33 ? 45 ALA A HB1  1 
ATOM 652  H HB2  . ALA A 1 45 ? 5.344   8.234   3.318   1.00 1.32 ? 45 ALA A HB2  1 
ATOM 653  H HB3  . ALA A 1 45 ? 5.774   8.481   5.010   1.00 1.52 ? 45 ALA A HB3  1 
ATOM 654  N N    . ALA A 1 46 ? 5.463   11.436  4.914   1.00 0.64 ? 46 ALA A N    1 
ATOM 655  C CA   . ALA A 1 46 ? 6.222   12.651  4.644   1.00 0.68 ? 46 ALA A CA   1 
ATOM 656  C C    . ALA A 1 46 ? 7.559   12.328  3.985   1.00 0.69 ? 46 ALA A C    1 
ATOM 657  O O    . ALA A 1 46 ? 8.018   13.053  3.103   1.00 0.74 ? 46 ALA A O    1 
ATOM 658  C CB   . ALA A 1 46 ? 6.442   13.432  5.931   1.00 0.91 ? 46 ALA A CB   1 
ATOM 659  H H    . ALA A 1 46 ? 5.453   11.071  5.824   1.00 0.75 ? 46 ALA A H    1 
ATOM 660  H HA   . ALA A 1 46 ? 5.641   13.264  3.973   1.00 0.70 ? 46 ALA A HA   1 
ATOM 661  H HB1  . ALA A 1 46 ? 6.400   14.491  5.721   1.00 1.45 ? 46 ALA A HB1  1 
ATOM 662  H HB2  . ALA A 1 46 ? 5.671   13.176  6.644   1.00 1.40 ? 46 ALA A HB2  1 
ATOM 663  H HB3  . ALA A 1 46 ? 7.409   13.184  6.343   1.00 1.22 ? 46 ALA A HB3  1 
ATOM 664  N N    . THR A 1 47 ? 8.179   11.238  4.422   1.00 0.79 ? 47 THR A N    1 
ATOM 665  C CA   . THR A 1 47 ? 9.463   10.819  3.879   1.00 0.92 ? 47 THR A CA   1 
ATOM 666  C C    . THR A 1 47 ? 9.521   9.302   3.721   1.00 0.85 ? 47 THR A C    1 
ATOM 667  O O    . THR A 1 47 ? 8.589   8.592   4.100   1.00 1.34 ? 47 THR A O    1 
ATOM 668  C CB   . THR A 1 47 ? 10.599  11.294  4.784   1.00 1.20 ? 47 THR A CB   1 
ATOM 669  O OG1  . THR A 1 47 ? 10.105  11.663  6.060   1.00 1.81 ? 47 THR A OG1  1 
ATOM 670  C CG2  . THR A 1 47 ? 11.357  12.478  4.224   1.00 1.76 ? 47 THR A CG2  1 
ATOM 671  H H    . THR A 1 47 ? 7.764   10.703  5.129   1.00 0.86 ? 47 THR A H    1 
ATOM 672  H HA   . THR A 1 47 ? 9.579   11.273  2.908   1.00 1.01 ? 47 THR A HA   1 
ATOM 673  H HB   . THR A 1 47 ? 11.298  10.484  4.913   1.00 1.63 ? 47 THR A HB   1 
ATOM 674  H HG1  . THR A 1 47 ? 10.362  11.002  6.706   1.00 2.23 ? 47 THR A HG1  1 
ATOM 675  H HG21 . THR A 1 47 ? 11.323  12.449  3.145   1.00 2.25 ? 47 THR A HG21 1 
ATOM 676  H HG22 . THR A 1 47 ? 10.904  13.394  4.575   1.00 2.16 ? 47 THR A HG22 1 
ATOM 677  H HG23 . THR A 1 47 ? 12.384  12.435  4.553   1.00 2.27 ? 47 THR A HG23 1 
ATOM 678  N N    . CYS A 1 48 ? 10.624  8.813   3.163   1.00 1.00 ? 48 CYS A N    1 
ATOM 679  C CA   . CYS A 1 48 ? 10.809  7.381   2.958   1.00 1.01 ? 48 CYS A CA   1 
ATOM 680  C C    . CYS A 1 48 ? 11.753  6.799   4.007   1.00 1.10 ? 48 CYS A C    1 
ATOM 681  O O    . CYS A 1 48 ? 12.971  6.805   3.828   1.00 1.64 ? 48 CYS A O    1 
ATOM 682  C CB   . CYS A 1 48 ? 11.356  7.112   1.561   1.00 1.58 ? 48 CYS A CB   1 
ATOM 683  S SG   . CYS A 1 48 ? 11.055  5.421   0.953   1.00 1.97 ? 48 CYS A SG   1 
ATOM 684  H H    . CYS A 1 48 ? 11.332  9.431   2.884   1.00 1.49 ? 48 CYS A H    1 
ATOM 685  H HA   . CYS A 1 48 ? 9.852   6.907   3.049   1.00 1.02 ? 48 CYS A HA   1 
ATOM 686  H HB2  . CYS A 1 48 ? 10.902  7.799   0.865   1.00 1.83 ? 48 CYS A HB2  1 
ATOM 687  H HB3  . CYS A 1 48 ? 12.417  7.271   1.574   1.00 2.09 ? 48 CYS A HB3  1 
ATOM 688  N N    . PRO A 1 49 ? 11.204  6.286   5.123   1.00 1.16 ? 49 PRO A N    1 
ATOM 689  C CA   . PRO A 1 49 ? 12.007  5.700   6.202   1.00 1.68 ? 49 PRO A CA   1 
ATOM 690  C C    . PRO A 1 49 ? 12.686  4.401   5.781   1.00 1.58 ? 49 PRO A C    1 
ATOM 691  O O    . PRO A 1 49 ? 12.544  3.955   4.642   1.00 1.50 ? 49 PRO A O    1 
ATOM 692  C CB   . PRO A 1 49 ? 10.984  5.435   7.308   1.00 2.20 ? 49 PRO A CB   1 
ATOM 693  C CG   . PRO A 1 49 ? 9.682   5.306   6.599   1.00 2.06 ? 49 PRO A CG   1 
ATOM 694  C CD   . PRO A 1 49 ? 9.760   6.236   5.421   1.00 1.39 ? 49 PRO A CD   1 
ATOM 695  H HA   . PRO A 1 49 ? 12.755  6.393   6.557   1.00 2.15 ? 49 PRO A HA   1 
ATOM 696  H HB2  . PRO A 1 49 ? 11.244  4.527   7.830   1.00 2.49 ? 49 PRO A HB2  1 
ATOM 697  H HB3  . PRO A 1 49 ? 10.976  6.265   8.000   1.00 2.64 ? 49 PRO A HB3  1 
ATOM 698  H HG2  . PRO A 1 49 ? 9.545   4.288   6.265   1.00 2.17 ? 49 PRO A HG2  1 
ATOM 699  H HG3  . PRO A 1 49 ? 8.875   5.599   7.254   1.00 2.61 ? 49 PRO A HG3  1 
ATOM 700  H HD2  . PRO A 1 49 ? 9.206   5.834   4.586   1.00 1.39 ? 49 PRO A HD2  1 
ATOM 701  H HD3  . PRO A 1 49 ? 9.388   7.215   5.687   1.00 1.51 ? 49 PRO A HD3  1 
ATOM 702  N N    . SER A 1 50 ? 13.424  3.798   6.708   1.00 1.94 ? 50 SER A N    1 
ATOM 703  C CA   . SER A 1 50 ? 14.127  2.550   6.435   1.00 2.05 ? 50 SER A CA   1 
ATOM 704  C C    . SER A 1 50 ? 13.151  1.455   6.015   1.00 1.75 ? 50 SER A C    1 
ATOM 705  O O    . SER A 1 50 ? 11.956  1.704   5.853   1.00 2.10 ? 50 SER A O    1 
ATOM 706  C CB   . SER A 1 50 ? 14.913  2.103   7.668   1.00 2.79 ? 50 SER A CB   1 
ATOM 707  O OG   . SER A 1 50 ? 15.825  3.105   8.083   1.00 3.40 ? 50 SER A OG   1 
ATOM 708  H H    . SER A 1 50 ? 13.499  4.204   7.596   1.00 2.30 ? 50 SER A H    1 
ATOM 709  H HA   . SER A 1 50 ? 14.817  2.729   5.624   1.00 2.43 ? 50 SER A HA   1 
ATOM 710  H HB2  . SER A 1 50 ? 14.226  1.903   8.477   1.00 2.94 ? 50 SER A HB2  1 
ATOM 711  H HB3  . SER A 1 50 ? 15.465  1.204   7.435   1.00 3.29 ? 50 SER A HB3  1 
ATOM 712  H HG   . SER A 1 50 ? 15.338  3.880   8.373   1.00 3.90 ? 50 SER A HG   1 
ATOM 713  N N    . LYS A 1 51 ? 13.668  0.244   5.840   1.00 1.87 ? 51 LYS A N    1 
ATOM 714  C CA   . LYS A 1 51 ? 12.842  -0.889  5.440   1.00 2.09 ? 51 LYS A CA   1 
ATOM 715  C C    . LYS A 1 51 ? 13.615  -2.199  5.552   1.00 1.94 ? 51 LYS A C    1 
ATOM 716  O O    . LYS A 1 51 ? 14.774  -2.284  5.147   1.00 2.53 ? 51 LYS A O    1 
ATOM 717  C CB   . LYS A 1 51 ? 12.345  -0.700  4.015   1.00 3.11 ? 51 LYS A CB   1 
ATOM 718  C CG   . LYS A 1 51 ? 13.474  -0.598  3.028   1.00 3.94 ? 51 LYS A CG   1 
ATOM 719  C CD   . LYS A 1 51 ? 12.972  -0.404  1.607   1.00 4.85 ? 51 LYS A CD   1 
ATOM 720  C CE   . LYS A 1 51 ? 14.041  -0.751  0.582   1.00 5.61 ? 51 LYS A CE   1 
ATOM 721  N NZ   . LYS A 1 51 ? 14.302  0.380   -0.352  1.00 6.20 ? 51 LYS A NZ   1 
ATOM 722  H H    . LYS A 1 51 ? 14.628  0.108   5.984   1.00 2.25 ? 51 LYS A H    1 
ATOM 723  H HA   . LYS A 1 51 ? 12.002  -0.928  6.091   1.00 2.40 ? 51 LYS A HA   1 
ATOM 724  H HB2  . LYS A 1 51 ? 11.725  -1.541  3.742   1.00 3.45 ? 51 LYS A HB2  1 
ATOM 725  H HB3  . LYS A 1 51 ? 11.761  0.206   3.960   1.00 3.50 ? 51 LYS A HB3  1 
ATOM 726  H HG2  . LYS A 1 51 ? 14.091  0.240   3.307   1.00 4.24 ? 51 LYS A HG2  1 
ATOM 727  H HG3  . LYS A 1 51 ? 14.052  -1.506  3.083   1.00 4.13 ? 51 LYS A HG3  1 
ATOM 728  H HD2  . LYS A 1 51 ? 12.115  -1.042  1.448   1.00 5.12 ? 51 LYS A HD2  1 
ATOM 729  H HD3  . LYS A 1 51 ? 12.683  0.629   1.476   1.00 5.14 ? 51 LYS A HD3  1 
ATOM 730  H HE2  . LYS A 1 51 ? 14.957  -0.993  1.101   1.00 6.03 ? 51 LYS A HE2  1 
ATOM 731  H HE3  . LYS A 1 51 ? 13.712  -1.608  0.013   1.00 5.73 ? 51 LYS A HE3  1 
ATOM 732  H HZ1  . LYS A 1 51 ? 13.406  0.733   -0.745  1.00 6.57 ? 51 LYS A HZ1  1 
ATOM 733  H HZ2  . LYS A 1 51 ? 14.779  1.156   0.150   1.00 6.51 ? 51 LYS A HZ2  1 
ATOM 734  H HZ3  . LYS A 1 51 ? 14.909  0.064   -1.135  1.00 6.29 ? 51 LYS A HZ3  1 
ATOM 735  N N    . LYS A 1 52 ? 12.965  -3.217  6.107   1.00 1.70 ? 52 LYS A N    1 
ATOM 736  C CA   . LYS A 1 52 ? 13.591  -4.523  6.272   1.00 1.91 ? 52 LYS A CA   1 
ATOM 737  C C    . LYS A 1 52 ? 13.533  -5.323  4.973   1.00 1.82 ? 52 LYS A C    1 
ATOM 738  O O    . LYS A 1 52 ? 12.635  -5.128  4.154   1.00 1.80 ? 52 LYS A O    1 
ATOM 739  C CB   . LYS A 1 52 ? 12.905  -5.303  7.395   1.00 2.44 ? 52 LYS A CB   1 
ATOM 740  C CG   . LYS A 1 52 ? 12.755  -4.509  8.683   1.00 3.27 ? 52 LYS A CG   1 
ATOM 741  C CD   . LYS A 1 52 ? 11.514  -4.925  9.454   1.00 3.95 ? 52 LYS A CD   1 
ATOM 742  C CE   . LYS A 1 52 ? 11.319  -4.074  10.699  1.00 4.81 ? 52 LYS A CE   1 
ATOM 743  N NZ   . LYS A 1 52 ? 12.251  -4.467  11.792  1.00 5.50 ? 52 LYS A NZ   1 
ATOM 744  H H    . LYS A 1 52 ? 12.042  -3.087  6.410   1.00 1.84 ? 52 LYS A H    1 
ATOM 745  H HA   . LYS A 1 52 ? 14.625  -4.365  6.537   1.00 2.35 ? 52 LYS A HA   1 
ATOM 746  H HB2  . LYS A 1 52 ? 11.919  -5.598  7.064   1.00 2.55 ? 52 LYS A HB2  1 
ATOM 747  H HB3  . LYS A 1 52 ? 13.483  -6.189  7.610   1.00 2.66 ? 52 LYS A HB3  1 
ATOM 748  H HG2  . LYS A 1 52 ? 13.624  -4.678  9.302   1.00 3.62 ? 52 LYS A HG2  1 
ATOM 749  H HG3  . LYS A 1 52 ? 12.683  -3.459  8.441   1.00 3.55 ? 52 LYS A HG3  1 
ATOM 750  H HD2  . LYS A 1 52 ? 10.650  -4.813  8.815   1.00 4.22 ? 52 LYS A HD2  1 
ATOM 751  H HD3  . LYS A 1 52 ? 11.614  -5.960  9.748   1.00 4.04 ? 52 LYS A HD3  1 
ATOM 752  H HE2  . LYS A 1 52 ? 11.495  -3.040  10.442  1.00 5.11 ? 52 LYS A HE2  1 
ATOM 753  H HE3  . LYS A 1 52 ? 10.302  -4.191  11.044  1.00 5.08 ? 52 LYS A HE3  1 
ATOM 754  H HZ1  . LYS A 1 52 ? 13.095  -4.927  11.394  1.00 5.86 ? 52 LYS A HZ1  1 
ATOM 755  H HZ2  . LYS A 1 52 ? 12.547  -3.627  12.328  1.00 5.73 ? 52 LYS A HZ2  1 
ATOM 756  H HZ3  . LYS A 1 52 ? 11.781  -5.132  12.440  1.00 5.78 ? 52 LYS A HZ3  1 
ATOM 757  N N    . PRO A 1 53 ? 14.495  -6.239  4.768   1.00 2.40 ? 53 PRO A N    1 
ATOM 758  C CA   . PRO A 1 53 ? 14.551  -7.072  3.563   1.00 2.86 ? 53 PRO A CA   1 
ATOM 759  C C    . PRO A 1 53 ? 13.205  -7.709  3.233   1.00 2.63 ? 53 PRO A C    1 
ATOM 760  O O    . PRO A 1 53 ? 12.888  -7.947  2.068   1.00 3.23 ? 53 PRO A O    1 
ATOM 761  C CB   . PRO A 1 53 ? 15.577  -8.145  3.925   1.00 3.69 ? 53 PRO A CB   1 
ATOM 762  C CG   . PRO A 1 53 ? 16.471  -7.491  4.921   1.00 3.90 ? 53 PRO A CG   1 
ATOM 763  C CD   . PRO A 1 53 ? 15.603  -6.536  5.697   1.00 3.09 ? 53 PRO A CD   1 
ATOM 764  H HA   . PRO A 1 53 ? 14.900  -6.509  2.709   1.00 3.12 ? 53 PRO A HA   1 
ATOM 765  H HB2  . PRO A 1 53 ? 15.072  -9.002  4.347   1.00 3.85 ? 53 PRO A HB2  1 
ATOM 766  H HB3  . PRO A 1 53 ? 16.121  -8.441  3.040   1.00 4.17 ? 53 PRO A HB3  1 
ATOM 767  H HG2  . PRO A 1 53 ? 16.891  -8.236  5.581   1.00 4.31 ? 53 PRO A HG2  1 
ATOM 768  H HG3  . PRO A 1 53 ? 17.256  -6.953  4.411   1.00 4.45 ? 53 PRO A HG3  1 
ATOM 769  H HD2  . PRO A 1 53 ? 15.236  -7.005  6.597   1.00 3.24 ? 53 PRO A HD2  1 
ATOM 770  H HD3  . PRO A 1 53 ? 16.153  -5.638  5.937   1.00 3.20 ? 53 PRO A HD3  1 
ATOM 771  N N    . TYR A 1 54 ? 12.417  -7.981  4.268   1.00 2.18 ? 54 TYR A N    1 
ATOM 772  C CA   . TYR A 1 54 ? 11.103  -8.589  4.089   1.00 2.20 ? 54 TYR A CA   1 
ATOM 773  C C    . TYR A 1 54 ? 10.021  -7.524  3.963   1.00 1.69 ? 54 TYR A C    1 
ATOM 774  O O    . TYR A 1 54 ? 9.526   -7.253  2.869   1.00 1.86 ? 54 TYR A O    1 
ATOM 775  C CB   . TYR A 1 54 ? 10.790  -9.519  5.250   1.00 2.66 ? 54 TYR A CB   1 
ATOM 776  C CG   . TYR A 1 54 ? 11.538  -10.833 5.198   1.00 3.23 ? 54 TYR A CG   1 
ATOM 777  C CD1  . TYR A 1 54 ? 11.657  -11.542 4.009   1.00 3.64 ? 54 TYR A CD1  1 
ATOM 778  C CD2  . TYR A 1 54 ? 12.126  -11.363 6.339   1.00 3.94 ? 54 TYR A CD2  1 
ATOM 779  C CE1  . TYR A 1 54 ? 12.340  -12.742 3.958   1.00 4.44 ? 54 TYR A CE1  1 
ATOM 780  C CE2  . TYR A 1 54 ? 12.812  -12.563 6.297   1.00 4.74 ? 54 TYR A CE2  1 
ATOM 781  C CZ   . TYR A 1 54 ? 12.916  -13.247 5.104   1.00 4.89 ? 54 TYR A CZ   1 
ATOM 782  O OH   . TYR A 1 54 ? 13.598  -14.442 5.058   1.00 5.84 ? 54 TYR A OH   1 
ATOM 783  H H    . TYR A 1 54 ? 12.725  -7.766  5.173   1.00 2.25 ? 54 TYR A H    1 
ATOM 784  H HA   . TYR A 1 54 ? 11.130  -9.164  3.190   1.00 2.56 ? 54 TYR A HA   1 
ATOM 785  H HB2  . TYR A 1 54 ? 11.059  -9.025  6.158   1.00 2.81 ? 54 TYR A HB2  1 
ATOM 786  H HB3  . TYR A 1 54 ? 9.732   -9.735  5.257   1.00 2.94 ? 54 TYR A HB3  1 
ATOM 787  H HD1  . TYR A 1 54 ? 11.205  -11.143 3.112   1.00 3.68 ? 54 TYR A HD1  1 
ATOM 788  H HD2  . TYR A 1 54 ? 12.043  -10.825 7.271   1.00 4.16 ? 54 TYR A HD2  1 
ATOM 789  H HE1  . TYR A 1 54 ? 12.422  -13.277 3.024   1.00 4.97 ? 54 TYR A HE1  1 
ATOM 790  H HE2  . TYR A 1 54 ? 13.262  -12.959 7.195   1.00 5.48 ? 54 TYR A HE2  1 
ATOM 791  H HH   . TYR A 1 54 ? 14.529  -14.286 5.236   1.00 6.13 ? 54 TYR A HH   1 
ATOM 792  N N    . GLU A 1 55 ? 9.660   -6.921  5.090   1.00 1.34 ? 55 GLU A N    1 
ATOM 793  C CA   . GLU A 1 55 ? 8.639   -5.881  5.109   1.00 1.06 ? 55 GLU A CA   1 
ATOM 794  C C    . GLU A 1 55 ? 9.176   -4.585  4.510   1.00 0.92 ? 55 GLU A C    1 
ATOM 795  O O    . GLU A 1 55 ? 9.622   -3.694  5.233   1.00 1.22 ? 55 GLU A O    1 
ATOM 796  C CB   . GLU A 1 55 ? 8.160   -5.633  6.541   1.00 1.52 ? 55 GLU A CB   1 
ATOM 797  C CG   . GLU A 1 55 ? 7.101   -6.618  7.007   1.00 1.91 ? 55 GLU A CG   1 
ATOM 798  C CD   . GLU A 1 55 ? 6.527   -6.257  8.365   1.00 2.61 ? 55 GLU A CD   1 
ATOM 799  O OE1  . GLU A 1 55 ? 6.033   -5.121  8.517   1.00 2.92 ? 55 GLU A OE1  1 
ATOM 800  O OE2  . GLU A 1 55 ? 6.575   -7.112  9.275   1.00 3.33 ? 55 GLU A OE2  1 
ATOM 801  H H    . GLU A 1 55 ? 10.096  -7.181  5.928   1.00 1.52 ? 55 GLU A H    1 
ATOM 802  H HA   . GLU A 1 55 ? 7.806   -6.222  4.513   1.00 1.01 ? 55 GLU A HA   1 
ATOM 803  H HB2  . GLU A 1 55 ? 9.006   -5.705  7.208   1.00 1.94 ? 55 GLU A HB2  1 
ATOM 804  H HB3  . GLU A 1 55 ? 7.747   -4.637  6.603   1.00 1.89 ? 55 GLU A HB3  1 
ATOM 805  H HG2  . GLU A 1 55 ? 6.297   -6.631  6.287   1.00 2.12 ? 55 GLU A HG2  1 
ATOM 806  H HG3  . GLU A 1 55 ? 7.544   -7.601  7.070   1.00 2.16 ? 55 GLU A HG3  1 
ATOM 807  N N    . GLU A 1 56 ? 9.133   -4.488  3.185   1.00 0.80 ? 56 GLU A N    1 
ATOM 808  C CA   . GLU A 1 56 ? 9.619   -3.302  2.492   1.00 1.13 ? 56 GLU A CA   1 
ATOM 809  C C    . GLU A 1 56 ? 8.465   -2.394  2.084   1.00 0.90 ? 56 GLU A C    1 
ATOM 810  O O    . GLU A 1 56 ? 7.338   -2.851  1.890   1.00 0.78 ? 56 GLU A O    1 
ATOM 811  C CB   . GLU A 1 56 ? 10.424  -3.704  1.256   1.00 1.64 ? 56 GLU A CB   1 
ATOM 812  C CG   . GLU A 1 56 ? 11.895  -3.955  1.543   1.00 2.45 ? 56 GLU A CG   1 
ATOM 813  C CD   . GLU A 1 56 ? 12.749  -3.904  0.290   1.00 3.40 ? 56 GLU A CD   1 
ATOM 814  O OE1  . GLU A 1 56 ? 12.303  -3.300  -0.708  1.00 4.00 ? 56 GLU A OE1  1 
ATOM 815  O OE2  . GLU A 1 56 ? 13.864  -4.467  0.309   1.00 3.98 ? 56 GLU A OE2  1 
ATOM 816  H H    . GLU A 1 56 ? 8.767   -5.230  2.661   1.00 0.76 ? 56 GLU A H    1 
ATOM 817  H HA   . GLU A 1 56 ? 10.263  -2.763  3.169   1.00 1.44 ? 56 GLU A HA   1 
ATOM 818  H HB2  . GLU A 1 56 ? 10.001  -4.608  0.844   1.00 1.81 ? 56 GLU A HB2  1 
ATOM 819  H HB3  . GLU A 1 56 ? 10.351  -2.916  0.523   1.00 1.75 ? 56 GLU A HB3  1 
ATOM 820  H HG2  . GLU A 1 56 ? 12.248  -3.202  2.231   1.00 2.66 ? 56 GLU A HG2  1 
ATOM 821  H HG3  . GLU A 1 56 ? 12.001  -4.931  1.993   1.00 2.71 ? 56 GLU A HG3  1 
ATOM 822  N N    . VAL A 1 57 ? 8.758   -1.107  1.954   1.00 0.99 ? 57 VAL A N    1 
ATOM 823  C CA   . VAL A 1 57 ? 7.754   -0.125  1.568   1.00 0.81 ? 57 VAL A CA   1 
ATOM 824  C C    . VAL A 1 57 ? 8.308   0.833   0.520   1.00 0.91 ? 57 VAL A C    1 
ATOM 825  O O    . VAL A 1 57 ? 9.330   1.483   0.742   1.00 1.13 ? 57 VAL A O    1 
ATOM 826  C CB   . VAL A 1 57 ? 7.256   0.697   2.775   1.00 0.80 ? 57 VAL A CB   1 
ATOM 827  C CG1  . VAL A 1 57 ? 5.858   0.265   3.181   1.00 1.33 ? 57 VAL A CG1  1 
ATOM 828  C CG2  . VAL A 1 57 ? 8.216   0.585   3.951   1.00 1.51 ? 57 VAL A CG2  1 
ATOM 829  H H    . VAL A 1 57 ? 9.674   -0.807  2.121   1.00 1.23 ? 57 VAL A H    1 
ATOM 830  H HA   . VAL A 1 57 ? 6.912   -0.655  1.148   1.00 0.70 ? 57 VAL A HA   1 
ATOM 831  H HB   . VAL A 1 57 ? 7.210   1.731   2.477   1.00 1.40 ? 57 VAL A HB   1 
ATOM 832  H HG11 . VAL A 1 57 ? 5.278   0.045   2.297   1.00 1.96 ? 57 VAL A HG11 1 
ATOM 833  H HG12 . VAL A 1 57 ? 5.920   -0.618  3.799   1.00 1.80 ? 57 VAL A HG12 1 
ATOM 834  H HG13 . VAL A 1 57 ? 5.382   1.060   3.735   1.00 1.78 ? 57 VAL A HG13 1 
ATOM 835  H HG21 . VAL A 1 57 ? 9.232   0.568   3.585   1.00 2.04 ? 57 VAL A HG21 1 
ATOM 836  H HG22 . VAL A 1 57 ? 8.082   1.434   4.606   1.00 1.99 ? 57 VAL A HG22 1 
ATOM 837  H HG23 . VAL A 1 57 ? 8.013   -0.326  4.495   1.00 2.09 ? 57 VAL A HG23 1 
ATOM 838  N N    . THR A 1 58 ? 7.627   0.925   -0.615  1.00 0.83 ? 58 THR A N    1 
ATOM 839  C CA   . THR A 1 58 ? 8.056   1.813   -1.684  1.00 0.97 ? 58 THR A CA   1 
ATOM 840  C C    . THR A 1 58 ? 7.365   3.165   -1.569  1.00 0.81 ? 58 THR A C    1 
ATOM 841  O O    . THR A 1 58 ? 6.145   3.265   -1.693  1.00 0.77 ? 58 THR A O    1 
ATOM 842  C CB   . THR A 1 58 ? 7.760   1.196   -3.046  1.00 1.14 ? 58 THR A CB   1 
ATOM 843  O OG1  . THR A 1 58 ? 6.526   0.499   -3.025  1.00 1.41 ? 58 THR A OG1  1 
ATOM 844  C CG2  . THR A 1 58 ? 8.828   0.231   -3.513  1.00 1.36 ? 58 THR A CG2  1 
ATOM 845  H H    . THR A 1 58 ? 6.817   0.388   -0.736  1.00 0.74 ? 58 THR A H    1 
ATOM 846  H HA   . THR A 1 58 ? 9.122   1.957   -1.587  1.00 1.15 ? 58 THR A HA   1 
ATOM 847  H HB   . THR A 1 58 ? 7.690   1.989   -3.773  1.00 1.47 ? 58 THR A HB   1 
ATOM 848  H HG1  . THR A 1 58 ? 5.847   1.037   -3.438  1.00 1.68 ? 58 THR A HG1  1 
ATOM 849  H HG21 . THR A 1 58 ? 9.185   -0.345  -2.672  1.00 1.78 ? 58 THR A HG21 1 
ATOM 850  H HG22 . THR A 1 58 ? 8.412   -0.436  -4.255  1.00 1.69 ? 58 THR A HG22 1 
ATOM 851  H HG23 . THR A 1 58 ? 9.648   0.783   -3.945  1.00 1.88 ? 58 THR A HG23 1 
ATOM 852  N N    . CYS A 1 59 ? 8.155   4.202   -1.325  1.00 0.76 ? 59 CYS A N    1 
ATOM 853  C CA   . CYS A 1 59 ? 7.631   5.549   -1.185  1.00 0.64 ? 59 CYS A CA   1 
ATOM 854  C C    . CYS A 1 59 ? 7.853   6.350   -2.466  1.00 0.65 ? 59 CYS A C    1 
ATOM 855  O O    . CYS A 1 59 ? 8.917   6.270   -3.080  1.00 0.81 ? 59 CYS A O    1 
ATOM 856  C CB   . CYS A 1 59 ? 8.297   6.260   -0.004  1.00 0.73 ? 59 CYS A CB   1 
ATOM 857  S SG   . CYS A 1 59 ? 9.061   5.149   1.226   1.00 1.39 ? 59 CYS A SG   1 
ATOM 858  H H    . CYS A 1 59 ? 9.115   4.057   -1.231  1.00 0.85 ? 59 CYS A H    1 
ATOM 859  H HA   . CYS A 1 59 ? 6.570   5.474   -0.997  1.00 0.57 ? 59 CYS A HA   1 
ATOM 860  H HB2  . CYS A 1 59 ? 9.069   6.914   -0.375  1.00 0.92 ? 59 CYS A HB2  1 
ATOM 861  H HB3  . CYS A 1 59 ? 7.556   6.848   0.505   1.00 0.84 ? 59 CYS A HB3  1 
ATOM 862  N N    . CYS A 1 60 ? 6.846   7.122   -2.864  1.00 0.56 ? 60 CYS A N    1 
ATOM 863  C CA   . CYS A 1 60 ? 6.940   7.935   -4.072  1.00 0.59 ? 60 CYS A CA   1 
ATOM 864  C C    . CYS A 1 60 ? 6.516   9.375   -3.793  1.00 0.55 ? 60 CYS A C    1 
ATOM 865  O O    . CYS A 1 60 ? 5.876   9.657   -2.780  1.00 0.58 ? 60 CYS A O    1 
ATOM 866  C CB   . CYS A 1 60 ? 6.077   7.341   -5.189  1.00 0.68 ? 60 CYS A CB   1 
ATOM 867  S SG   . CYS A 1 60 ? 4.529   6.570   -4.614  1.00 1.24 ? 60 CYS A SG   1 
ATOM 868  H H    . CYS A 1 60 ? 6.021   7.146   -2.333  1.00 0.54 ? 60 CYS A H    1 
ATOM 869  H HA   . CYS A 1 60 ? 7.972   7.935   -4.389  1.00 0.67 ? 60 CYS A HA   1 
ATOM 870  H HB2  . CYS A 1 60 ? 5.814   8.123   -5.885  1.00 0.94 ? 60 CYS A HB2  1 
ATOM 871  H HB3  . CYS A 1 60 ? 6.648   6.584   -5.707  1.00 0.78 ? 60 CYS A HB3  1 
ATOM 872  N N    . SER A 1 61 ? 6.883   10.283  -4.693  1.00 0.68 ? 61 SER A N    1 
ATOM 873  C CA   . SER A 1 61 ? 6.547   11.695  -4.534  1.00 0.70 ? 61 SER A CA   1 
ATOM 874  C C    . SER A 1 61 ? 5.595   12.166  -5.632  1.00 0.73 ? 61 SER A C    1 
ATOM 875  O O    . SER A 1 61 ? 5.881   13.131  -6.342  1.00 0.97 ? 61 SER A O    1 
ATOM 876  C CB   . SER A 1 61 ? 7.818   12.546  -4.546  1.00 0.81 ? 61 SER A CB   1 
ATOM 877  O OG   . SER A 1 61 ? 8.296   12.732  -5.867  1.00 1.03 ? 61 SER A OG   1 
ATOM 878  H H    . SER A 1 61 ? 7.397   9.999   -5.478  1.00 0.86 ? 61 SER A H    1 
ATOM 879  H HA   . SER A 1 61 ? 6.057   11.811  -3.579  1.00 0.72 ? 61 SER A HA   1 
ATOM 880  H HB2  . SER A 1 61 ? 7.605   13.512  -4.114  1.00 0.80 ? 61 SER A HB2  1 
ATOM 881  H HB3  . SER A 1 61 ? 8.583   12.053  -3.965  1.00 1.04 ? 61 SER A HB3  1 
ATOM 882  H HG   . SER A 1 61 ? 8.841   11.983  -6.119  1.00 1.40 ? 61 SER A HG   1 
ATOM 883  N N    . THR A 1 62 ? 4.463   11.486  -5.762  1.00 0.71 ? 62 THR A N    1 
ATOM 884  C CA   . THR A 1 62 ? 3.470   11.842  -6.768  1.00 0.85 ? 62 THR A CA   1 
ATOM 885  C C    . THR A 1 62 ? 2.079   11.398  -6.335  1.00 0.92 ? 62 THR A C    1 
ATOM 886  O O    . THR A 1 62 ? 1.934   10.565  -5.442  1.00 1.73 ? 62 THR A O    1 
ATOM 887  C CB   . THR A 1 62 ? 3.826   11.208  -8.114  1.00 0.91 ? 62 THR A CB   1 
ATOM 888  O OG1  . THR A 1 62 ? 5.156   11.524  -8.481  1.00 1.48 ? 62 THR A OG1  1 
ATOM 889  C CG2  . THR A 1 62 ? 2.921   11.652  -9.242  1.00 1.68 ? 62 THR A CG2  1 
ATOM 890  H H    . THR A 1 62 ? 4.288   10.727  -5.166  1.00 0.78 ? 62 THR A H    1 
ATOM 891  H HA   . THR A 1 62 ? 3.476   12.917  -6.873  1.00 0.95 ? 62 THR A HA   1 
ATOM 892  H HB   . THR A 1 62 ? 3.743   10.134  -8.026  1.00 1.39 ? 62 THR A HB   1 
ATOM 893  H HG1  . THR A 1 62 ? 5.564   10.759  -8.895  1.00 1.81 ? 62 THR A HG1  1 
ATOM 894  H HG21 . THR A 1 62 ? 2.653   12.689  -9.102  1.00 2.19 ? 62 THR A HG21 1 
ATOM 895  H HG22 . THR A 1 62 ? 3.435   11.535  -10.183 1.00 2.18 ? 62 THR A HG22 1 
ATOM 896  H HG23 . THR A 1 62 ? 2.025   11.047  -9.244  1.00 2.24 ? 62 THR A HG23 1 
ATOM 897  N N    . ASP A 1 63 ? 1.054   11.954  -6.971  1.00 0.79 ? 63 ASP A N    1 
ATOM 898  C CA   . ASP A 1 63 ? -0.321  11.601  -6.643  1.00 0.73 ? 63 ASP A CA   1 
ATOM 899  C C    . ASP A 1 63 ? -0.640  10.196  -7.130  1.00 0.71 ? 63 ASP A C    1 
ATOM 900  O O    . ASP A 1 63 ? -0.059  9.723   -8.107  1.00 0.87 ? 63 ASP A O    1 
ATOM 901  C CB   . ASP A 1 63 ? -1.298  12.598  -7.262  1.00 0.85 ? 63 ASP A CB   1 
ATOM 902  C CG   . ASP A 1 63 ? -2.624  12.639  -6.530  1.00 0.90 ? 63 ASP A CG   1 
ATOM 903  O OD1  . ASP A 1 63 ? -3.335  11.613  -6.531  1.00 1.67 ? 63 ASP A OD1  1 
ATOM 904  O OD2  . ASP A 1 63 ? -2.953  13.700  -5.957  1.00 0.91 ? 63 ASP A OD2  1 
ATOM 905  H H    . ASP A 1 63 ? 1.226   12.612  -7.677  1.00 1.36 ? 63 ASP A H    1 
ATOM 906  H HA   . ASP A 1 63 ? -0.423  11.628  -5.569  1.00 0.69 ? 63 ASP A HA   1 
ATOM 907  H HB2  . ASP A 1 63 ? -0.863  13.582  -7.232  1.00 1.10 ? 63 ASP A HB2  1 
ATOM 908  H HB3  . ASP A 1 63 ? -1.483  12.319  -8.288  1.00 1.15 ? 63 ASP A HB3  1 
ATOM 909  N N    . LYS A 1 64 ? -1.570  9.538   -6.443  1.00 0.61 ? 64 LYS A N    1 
ATOM 910  C CA   . LYS A 1 64 ? -1.983  8.172   -6.795  1.00 0.60 ? 64 LYS A CA   1 
ATOM 911  C C    . LYS A 1 64 ? -0.799  7.360   -7.325  1.00 0.56 ? 64 LYS A C    1 
ATOM 912  O O    . LYS A 1 64 ? -0.921  6.628   -8.307  1.00 0.62 ? 64 LYS A O    1 
ATOM 913  C CB   . LYS A 1 64 ? -3.106  8.207   -7.839  1.00 0.74 ? 64 LYS A CB   1 
ATOM 914  C CG   . LYS A 1 64 ? -3.013  9.376   -8.808  1.00 1.28 ? 64 LYS A CG   1 
ATOM 915  C CD   . LYS A 1 64 ? -4.287  9.527   -9.623  1.00 1.80 ? 64 LYS A CD   1 
ATOM 916  C CE   . LYS A 1 64 ? -4.572  8.285   -10.451 1.00 2.36 ? 64 LYS A CE   1 
ATOM 917  N NZ   . LYS A 1 64 ? -5.243  8.618   -11.739 1.00 2.89 ? 64 LYS A NZ   1 
ATOM 918  H H    . LYS A 1 64 ? -1.993  9.984   -5.679  1.00 0.64 ? 64 LYS A H    1 
ATOM 919  H HA   . LYS A 1 64 ? -2.352  7.700   -5.897  1.00 0.60 ? 64 LYS A HA   1 
ATOM 920  H HB2  . LYS A 1 64 ? -3.073  7.294   -8.414  1.00 1.09 ? 64 LYS A HB2  1 
ATOM 921  H HB3  . LYS A 1 64 ? -4.055  8.266   -7.328  1.00 1.13 ? 64 LYS A HB3  1 
ATOM 922  H HG2  . LYS A 1 64 ? -2.847  10.284  -8.248  1.00 1.86 ? 64 LYS A HG2  1 
ATOM 923  H HG3  . LYS A 1 64 ? -2.184  9.210   -9.481  1.00 1.75 ? 64 LYS A HG3  1 
ATOM 924  H HD2  . LYS A 1 64 ? -5.115  9.697   -8.951  1.00 2.08 ? 64 LYS A HD2  1 
ATOM 925  H HD3  . LYS A 1 64 ? -4.180  10.374  -10.286 1.00 2.44 ? 64 LYS A HD3  1 
ATOM 926  H HE2  . LYS A 1 64 ? -3.638  7.786   -10.661 1.00 2.84 ? 64 LYS A HE2  1 
ATOM 927  H HE3  . LYS A 1 64 ? -5.211  7.627   -9.880  1.00 2.77 ? 64 LYS A HE3  1 
ATOM 928  H HZ1  . LYS A 1 64 ? -5.707  9.546   -11.670 1.00 3.26 ? 64 LYS A HZ1  1 
ATOM 929  H HZ2  . LYS A 1 64 ? -4.545  8.648   -12.509 1.00 3.30 ? 64 LYS A HZ2  1 
ATOM 930  H HZ3  . LYS A 1 64 ? -5.960  7.899   -11.963 1.00 3.18 ? 64 LYS A HZ3  1 
ATOM 931  N N    . CYS A 1 65 ? 0.348   7.525   -6.678  1.00 0.53 ? 65 CYS A N    1 
ATOM 932  C CA   . CYS A 1 65 ? 1.574   6.847   -7.076  1.00 0.59 ? 65 CYS A CA   1 
ATOM 933  C C    . CYS A 1 65 ? 1.757   5.503   -6.374  1.00 0.56 ? 65 CYS A C    1 
ATOM 934  O O    . CYS A 1 65 ? 2.629   4.719   -6.749  1.00 0.64 ? 65 CYS A O    1 
ATOM 935  C CB   . CYS A 1 65 ? 2.769   7.753   -6.781  1.00 0.68 ? 65 CYS A CB   1 
ATOM 936  S SG   . CYS A 1 65 ? 3.119   7.973   -5.007  1.00 1.08 ? 65 CYS A SG   1 
ATOM 937  H H    . CYS A 1 65 ? 0.378   8.132   -5.914  1.00 0.53 ? 65 CYS A H    1 
ATOM 938  H HA   . CYS A 1 65 ? 1.524   6.677   -8.141  1.00 0.65 ? 65 CYS A HA   1 
ATOM 939  H HB2  . CYS A 1 65 ? 3.646   7.333   -7.236  1.00 0.96 ? 65 CYS A HB2  1 
ATOM 940  H HB3  . CYS A 1 65 ? 2.584   8.728   -7.204  1.00 0.69 ? 65 CYS A HB3  1 
ATOM 941  N N    . ASN A 1 66 ? 0.958   5.242   -5.344  1.00 0.48 ? 66 ASN A N    1 
ATOM 942  C CA   . ASN A 1 66 ? 1.074   4.003   -4.594  1.00 0.48 ? 66 ASN A CA   1 
ATOM 943  C C    . ASN A 1 66 ? -0.149  3.098   -4.764  1.00 0.46 ? 66 ASN A C    1 
ATOM 944  O O    . ASN A 1 66 ? -0.798  2.732   -3.783  1.00 0.49 ? 66 ASN A O    1 
ATOM 945  C CB   . ASN A 1 66 ? 1.278   4.332   -3.125  1.00 0.50 ? 66 ASN A CB   1 
ATOM 946  C CG   . ASN A 1 66 ? 0.121   5.113   -2.546  1.00 0.43 ? 66 ASN A CG   1 
ATOM 947  O OD1  . ASN A 1 66 ? -0.233  6.184   -3.039  1.00 0.52 ? 66 ASN A OD1  1 
ATOM 948  N ND2  . ASN A 1 66 ? -0.474  4.574   -1.496  1.00 0.49 ? 66 ASN A ND2  1 
ATOM 949  H H    . ASN A 1 66 ? 0.295   5.901   -5.065  1.00 0.45 ? 66 ASN A H    1 
ATOM 950  H HA   . ASN A 1 66 ? 1.942   3.480   -4.950  1.00 0.51 ? 66 ASN A HA   1 
ATOM 951  H HB2  . ASN A 1 66 ? 1.377   3.417   -2.575  1.00 0.61 ? 66 ASN A HB2  1 
ATOM 952  H HB3  . ASN A 1 66 ? 2.178   4.917   -3.011  1.00 0.56 ? 66 ASN A HB3  1 
ATOM 953  H HD21 . ASN A 1 66 ? -0.131  3.717   -1.167  1.00 0.58 ? 66 ASN A HD21 1 
ATOM 954  H HD22 . ASN A 1 66 ? -1.229  5.049   -1.095  1.00 0.54 ? 66 ASN A HD22 1 
ATOM 955  N N    . PRO A 1 67 ? -0.482  2.714   -6.011  1.00 0.47 ? 67 PRO A N    1 
ATOM 956  C CA   . PRO A 1 67 ? -1.624  1.845   -6.291  1.00 0.51 ? 67 PRO A CA   1 
ATOM 957  C C    . PRO A 1 67 ? -1.272  0.370   -6.137  1.00 0.47 ? 67 PRO A C    1 
ATOM 958  O O    . PRO A 1 67 ? -0.101  -0.006  -6.180  1.00 0.65 ? 67 PRO A O    1 
ATOM 959  C CB   . PRO A 1 67 ? -1.930  2.167   -7.748  1.00 0.58 ? 67 PRO A CB   1 
ATOM 960  C CG   . PRO A 1 67 ? -0.593  2.452   -8.343  1.00 0.56 ? 67 PRO A CG   1 
ATOM 961  C CD   . PRO A 1 67 ? 0.228   3.091   -7.250  1.00 0.50 ? 67 PRO A CD   1 
ATOM 962  H HA   . PRO A 1 67 ? -2.476  2.087   -5.673  1.00 0.55 ? 67 PRO A HA   1 
ATOM 963  H HB2  . PRO A 1 67 ? -2.403  1.315   -8.218  1.00 0.62 ? 67 PRO A HB2  1 
ATOM 964  H HB3  . PRO A 1 67 ? -2.578  3.027   -7.806  1.00 0.63 ? 67 PRO A HB3  1 
ATOM 965  H HG2  . PRO A 1 67 ? -0.132  1.530   -8.666  1.00 0.56 ? 67 PRO A HG2  1 
ATOM 966  H HG3  . PRO A 1 67 ? -0.700  3.130   -9.177  1.00 0.63 ? 67 PRO A HG3  1 
ATOM 967  H HD2  . PRO A 1 67 ? 1.233   2.699   -7.253  1.00 0.49 ? 67 PRO A HD2  1 
ATOM 968  H HD3  . PRO A 1 67 ? 0.239   4.162   -7.373  1.00 0.53 ? 67 PRO A HD3  1 
ATOM 969  N N    . HIS A 1 68 ? -2.291  -0.466  -5.963  1.00 0.32 ? 68 HIS A N    1 
ATOM 970  C CA   . HIS A 1 68 ? -2.078  -1.905  -5.812  1.00 0.31 ? 68 HIS A CA   1 
ATOM 971  C C    . HIS A 1 68 ? -1.329  -2.468  -7.020  1.00 0.38 ? 68 HIS A C    1 
ATOM 972  O O    . HIS A 1 68 ? -1.666  -2.160  -8.163  1.00 0.47 ? 68 HIS A O    1 
ATOM 973  C CB   . HIS A 1 68 ? -3.414  -2.636  -5.653  1.00 0.35 ? 68 HIS A CB   1 
ATOM 974  C CG   . HIS A 1 68 ? -3.298  -3.946  -4.934  1.00 0.32 ? 68 HIS A CG   1 
ATOM 975  N ND1  . HIS A 1 68 ? -3.330  -5.163  -5.581  1.00 0.41 ? 68 HIS A ND1  1 
ATOM 976  C CD2  . HIS A 1 68 ? -3.154  -4.227  -3.617  1.00 0.39 ? 68 HIS A CD2  1 
ATOM 977  C CE1  . HIS A 1 68 ? -3.211  -6.135  -4.694  1.00 0.47 ? 68 HIS A CE1  1 
ATOM 978  N NE2  . HIS A 1 68 ? -3.103  -5.593  -3.495  1.00 0.45 ? 68 HIS A NE2  1 
ATOM 979  H H    . HIS A 1 68 ? -3.203  -0.109  -5.941  1.00 0.31 ? 68 HIS A H    1 
ATOM 980  H HA   . HIS A 1 68 ? -1.484  -2.060  -4.925  1.00 0.34 ? 68 HIS A HA   1 
ATOM 981  H HB2  . HIS A 1 68 ? -4.101  -2.012  -5.100  1.00 0.44 ? 68 HIS A HB2  1 
ATOM 982  H HB3  . HIS A 1 68 ? -3.826  -2.833  -6.631  1.00 0.43 ? 68 HIS A HB3  1 
ATOM 983  H HD1  . HIS A 1 68 ? -3.433  -5.296  -6.546  1.00 0.51 ? 68 HIS A HD1  1 
ATOM 984  H HD2  . HIS A 1 68 ? -3.086  -3.509  -2.813  1.00 0.48 ? 68 HIS A HD2  1 
ATOM 985  H HE1  . HIS A 1 68 ? -3.203  -7.192  -4.913  1.00 0.58 ? 68 HIS A HE1  1 
ATOM 986  H HE2  . HIS A 1 68 ? -3.124  -6.089  -2.650  1.00 0.54 ? 68 HIS A HE2  1 
ATOM 987  N N    . PRO A 1 69 ? -0.302  -3.307  -6.788  1.00 0.46 ? 69 PRO A N    1 
ATOM 988  C CA   . PRO A 1 69 ? 0.478   -3.908  -7.876  1.00 0.58 ? 69 PRO A CA   1 
ATOM 989  C C    . PRO A 1 69 ? -0.406  -4.661  -8.863  1.00 0.60 ? 69 PRO A C    1 
ATOM 990  O O    . PRO A 1 69 ? -0.062  -4.809  -10.035 1.00 0.93 ? 69 PRO A O    1 
ATOM 991  C CB   . PRO A 1 69 ? 1.419   -4.878  -7.156  1.00 0.70 ? 69 PRO A CB   1 
ATOM 992  C CG   . PRO A 1 69 ? 1.508   -4.364  -5.761  1.00 0.79 ? 69 PRO A CG   1 
ATOM 993  C CD   . PRO A 1 69 ? 0.173   -3.740  -5.463  1.00 0.55 ? 69 PRO A CD   1 
ATOM 994  H HA   . PRO A 1 69 ? 1.056   -3.164  -8.406  1.00 0.68 ? 69 PRO A HA   1 
ATOM 995  H HB2  . PRO A 1 69 ? 1.003   -5.874  -7.184  1.00 0.92 ? 69 PRO A HB2  1 
ATOM 996  H HB3  . PRO A 1 69 ? 2.385   -4.871  -7.640  1.00 0.86 ? 69 PRO A HB3  1 
ATOM 997  H HG2  . PRO A 1 69 ? 1.700   -5.181  -5.080  1.00 1.16 ? 69 PRO A HG2  1 
ATOM 998  H HG3  . PRO A 1 69 ? 2.292   -3.624  -5.691  1.00 1.07 ? 69 PRO A HG3  1 
ATOM 999  H HD2  . PRO A 1 69 ? -0.497  -4.470  -5.031  1.00 0.58 ? 69 PRO A HD2  1 
ATOM 1000 H HD3  . PRO A 1 69 ? 0.291   -2.896  -4.800  1.00 0.68 ? 69 PRO A HD3  1 
ATOM 1001 N N    . LYS A 1 70 ? -1.548  -5.136  -8.376  1.00 0.61 ? 70 LYS A N    1 
ATOM 1002 C CA   . LYS A 1 70 ? -2.488  -5.879  -9.207  1.00 0.68 ? 70 LYS A CA   1 
ATOM 1003 C C    . LYS A 1 70 ? -3.848  -5.187  -9.251  1.00 0.70 ? 70 LYS A C    1 
ATOM 1004 O O    . LYS A 1 70 ? -4.873  -5.831  -9.474  1.00 0.88 ? 70 LYS A O    1 
ATOM 1005 C CB   . LYS A 1 70 ? -2.650  -7.304  -8.675  1.00 0.77 ? 70 LYS A CB   1 
ATOM 1006 C CG   . LYS A 1 70 ? -1.833  -8.334  -9.437  1.00 1.18 ? 70 LYS A CG   1 
ATOM 1007 C CD   . LYS A 1 70 ? -2.617  -8.916  -10.602 1.00 1.67 ? 70 LYS A CD   1 
ATOM 1008 C CE   . LYS A 1 70 ? -1.978  -10.192 -11.124 1.00 2.45 ? 70 LYS A CE   1 
ATOM 1009 N NZ   . LYS A 1 70 ? -2.712  -11.406 -10.674 1.00 3.09 ? 70 LYS A NZ   1 
ATOM 1010 H H    . LYS A 1 70 ? -1.763  -4.986  -7.432  1.00 0.81 ? 70 LYS A H    1 
ATOM 1011 H HA   . LYS A 1 70 ? -2.086  -5.920  -10.208 1.00 0.79 ? 70 LYS A HA   1 
ATOM 1012 H HB2  . LYS A 1 70 ? -2.342  -7.326  -7.640  1.00 0.84 ? 70 LYS A HB2  1 
ATOM 1013 H HB3  . LYS A 1 70 ? -3.691  -7.585  -8.737  1.00 1.12 ? 70 LYS A HB3  1 
ATOM 1014 H HG2  . LYS A 1 70 ? -0.939  -7.861  -9.819  1.00 1.75 ? 70 LYS A HG2  1 
ATOM 1015 H HG3  . LYS A 1 70 ? -1.559  -9.133  -8.764  1.00 1.69 ? 70 LYS A HG3  1 
ATOM 1016 H HD2  . LYS A 1 70 ? -3.621  -9.138  -10.271 1.00 2.08 ? 70 LYS A HD2  1 
ATOM 1017 H HD3  . LYS A 1 70 ? -2.651  -8.188  -11.399 1.00 2.10 ? 70 LYS A HD3  1 
ATOM 1018 H HE2  . LYS A 1 70 ? -1.976  -10.163 -12.203 1.00 3.02 ? 70 LYS A HE2  1 
ATOM 1019 H HE3  . LYS A 1 70 ? -0.960  -10.244 -10.765 1.00 2.72 ? 70 LYS A HE3  1 
ATOM 1020 H HZ1  . LYS A 1 70 ? -3.241  -11.201 -9.802  1.00 3.42 ? 70 LYS A HZ1  1 
ATOM 1021 H HZ2  . LYS A 1 70 ? -3.382  -11.712 -11.409 1.00 3.55 ? 70 LYS A HZ2  1 
ATOM 1022 H HZ3  . LYS A 1 70 ? -2.044  -12.180 -10.486 1.00 3.38 ? 70 LYS A HZ3  1 
ATOM 1023 N N    . GLN A 1 71 ? -3.856  -3.874  -9.036  1.00 0.74 ? 71 GLN A N    1 
ATOM 1024 C CA   . GLN A 1 71 ? -5.098  -3.111  -9.053  1.00 0.84 ? 71 GLN A CA   1 
ATOM 1025 C C    . GLN A 1 71 ? -5.686  -3.061  -10.461 1.00 1.03 ? 71 GLN A C    1 
ATOM 1026 O O    . GLN A 1 71 ? -4.957  -2.916  -11.443 1.00 1.30 ? 71 GLN A O    1 
ATOM 1027 C CB   . GLN A 1 71 ? -4.861  -1.690  -8.532  1.00 0.94 ? 71 GLN A CB   1 
ATOM 1028 C CG   . GLN A 1 71 ? -5.674  -1.353  -7.291  1.00 1.05 ? 71 GLN A CG   1 
ATOM 1029 C CD   . GLN A 1 71 ? -6.942  -0.588  -7.615  1.00 1.08 ? 71 GLN A CD   1 
ATOM 1030 O OE1  . GLN A 1 71 ? -7.784  -1.054  -8.384  1.00 1.82 ? 71 GLN A OE1  1 
ATOM 1031 N NE2  . GLN A 1 71 ? -7.084  0.595   -7.029  1.00 1.07 ? 71 GLN A NE2  1 
ATOM 1032 H H    . GLN A 1 71 ? -3.011  -3.411  -8.862  1.00 0.86 ? 71 GLN A H    1 
ATOM 1033 H HA   . GLN A 1 71 ? -5.798  -3.609  -8.403  1.00 1.00 ? 71 GLN A HA   1 
ATOM 1034 H HB2  . GLN A 1 71 ? -3.815  -1.576  -8.292  1.00 1.58 ? 71 GLN A HB2  1 
ATOM 1035 H HB3  . GLN A 1 71 ? -5.122  -0.987  -9.305  1.00 1.54 ? 71 GLN A HB3  1 
ATOM 1036 H HG2  . GLN A 1 71 ? -5.944  -2.272  -6.792  1.00 1.61 ? 71 GLN A HG2  1 
ATOM 1037 H HG3  . GLN A 1 71 ? -5.066  -0.752  -6.631  1.00 1.70 ? 71 GLN A HG3  1 
ATOM 1038 H HE21 . GLN A 1 71 ? -6.374  0.904   -6.430  1.00 1.48 ? 71 GLN A HE21 1 
ATOM 1039 H HE22 . GLN A 1 71 ? -7.895  1.112   -7.221  1.00 1.20 ? 71 GLN A HE22 1 
ATOM 1040 N N    . ARG A 1 72 ? -7.005  -3.184  -10.550 1.00 1.41 ? 72 ARG A N    1 
ATOM 1041 C CA   . ARG A 1 72 ? -7.690  -3.154  -11.837 1.00 1.76 ? 72 ARG A CA   1 
ATOM 1042 C C    . ARG A 1 72 ? -7.603  -1.766  -12.469 1.00 1.71 ? 72 ARG A C    1 
ATOM 1043 O O    . ARG A 1 72 ? -7.916  -0.764  -11.824 1.00 1.97 ? 72 ARG A O    1 
ATOM 1044 C CB   . ARG A 1 72 ? -9.155  -3.558  -11.667 1.00 2.48 ? 72 ARG A CB   1 
ATOM 1045 C CG   . ARG A 1 72 ? -9.742  -4.249  -12.889 1.00 3.13 ? 72 ARG A CG   1 
ATOM 1046 C CD   . ARG A 1 72 ? -10.440 -3.261  -13.809 1.00 4.02 ? 72 ARG A CD   1 
ATOM 1047 N NE   . ARG A 1 72 ? -11.826 -3.643  -14.073 1.00 4.60 ? 72 ARG A NE   1 
ATOM 1048 C CZ   . ARG A 1 72 ? -12.835 -3.398  -13.240 1.00 5.39 ? 72 ARG A CZ   1 
ATOM 1049 N NH1  . ARG A 1 72 ? -12.618 -2.774  -12.088 1.00 5.71 ? 72 ARG A NH1  1 
ATOM 1050 N NH2  . ARG A 1 72 ? -14.064 -3.780  -13.557 1.00 6.19 ? 72 ARG A NH2  1 
ATOM 1051 H H    . ARG A 1 72 ? -7.532  -3.297  -9.731  1.00 1.68 ? 72 ARG A H    1 
ATOM 1052 H HA   . ARG A 1 72 ? -7.203  -3.866  -12.485 1.00 2.02 ? 72 ARG A HA   1 
ATOM 1053 H HB2  . ARG A 1 72 ? -9.236  -4.231  -10.827 1.00 2.86 ? 72 ARG A HB2  1 
ATOM 1054 H HB3  . ARG A 1 72 ? -9.740  -2.673  -11.466 1.00 2.75 ? 72 ARG A HB3  1 
ATOM 1055 H HG2  . ARG A 1 72 ? -8.945  -4.731  -13.434 1.00 3.23 ? 72 ARG A HG2  1 
ATOM 1056 H HG3  . ARG A 1 72 ? -10.456 -4.991  -12.561 1.00 3.46 ? 72 ARG A HG3  1 
ATOM 1057 H HD2  . ARG A 1 72 ? -10.428 -2.284  -13.348 1.00 4.37 ? 72 ARG A HD2  1 
ATOM 1058 H HD3  . ARG A 1 72 ? -9.904  -3.220  -14.746 1.00 4.39 ? 72 ARG A HD3  1 
ATOM 1059 H HE   . ARG A 1 72 ? -12.014 -4.106  -14.916 1.00 4.71 ? 72 ARG A HE   1 
ATOM 1060 H HH11 . ARG A 1 72 ? -11.694 -2.484  -11.841 1.00 5.39 ? 72 ARG A HH11 1 
ATOM 1061 H HH12 . ARG A 1 72 ? -13.381 -2.594  -11.467 1.00 6.48 ? 72 ARG A HH12 1 
ATOM 1062 H HH21 . ARG A 1 72 ? -14.233 -4.251  -14.423 1.00 6.26 ? 72 ARG A HH21 1 
ATOM 1063 H HH22 . ARG A 1 72 ? -14.822 -3.597  -12.932 1.00 6.90 ? 72 ARG A HH22 1 
ATOM 1064 N N    . PRO A 1 73 ? -7.179  -1.683  -13.743 1.00 2.06 ? 73 PRO A N    1 
ATOM 1065 C CA   . PRO A 1 73 ? -7.057  -0.405  -14.451 1.00 2.57 ? 73 PRO A CA   1 
ATOM 1066 C C    . PRO A 1 73 ? -8.413  0.169   -14.847 1.00 2.90 ? 73 PRO A C    1 
ATOM 1067 O O    . PRO A 1 73 ? -9.424  -0.533  -14.827 1.00 2.95 ? 73 PRO A O    1 
ATOM 1068 C CB   . PRO A 1 73 ? -6.246  -0.768  -15.693 1.00 3.17 ? 73 PRO A CB   1 
ATOM 1069 C CG   . PRO A 1 73 ? -6.568  -2.199  -15.946 1.00 3.16 ? 73 PRO A CG   1 
ATOM 1070 C CD   . PRO A 1 73 ? -6.784  -2.824  -14.594 1.00 2.53 ? 73 PRO A CD   1 
ATOM 1071 H HA   . PRO A 1 73 ? -6.517  0.322   -13.863 1.00 2.70 ? 73 PRO A HA   1 
ATOM 1072 H HB2  . PRO A 1 73 ? -6.547  -0.141  -16.520 1.00 3.54 ? 73 PRO A HB2  1 
ATOM 1073 H HB3  . PRO A 1 73 ? -5.193  -0.630  -15.494 1.00 3.49 ? 73 PRO A HB3  1 
ATOM 1074 H HG2  . PRO A 1 73 ? -7.467  -2.274  -16.541 1.00 3.34 ? 73 PRO A HG2  1 
ATOM 1075 H HG3  . PRO A 1 73 ? -5.743  -2.678  -16.452 1.00 3.70 ? 73 PRO A HG3  1 
ATOM 1076 H HD2  . PRO A 1 73 ? -7.574  -3.560  -14.640 1.00 2.73 ? 73 PRO A HD2  1 
ATOM 1077 H HD3  . PRO A 1 73 ? -5.870  -3.273  -14.235 1.00 2.60 ? 73 PRO A HD3  1 
ATOM 1078 N N    . GLY A 1 74 ? -8.427  1.448   -15.207 1.00 3.49 ? 74 GLY A N    1 
ATOM 1079 C CA   . GLY A 1 74 ? -9.665  2.094   -15.603 1.00 4.06 ? 74 GLY A CA   1 
ATOM 1080 C C    . GLY A 1 74 ? -9.771  3.514   -15.085 1.00 4.89 ? 74 GLY A C    1 
ATOM 1081 O O    . GLY A 1 74 ? -9.713  4.452   -15.908 1.00 5.31 ? 74 GLY A O    1 
ATOM 1082 O OXT  . GLY A 1 74 ? -9.913  3.690   -13.857 1.00 5.49 ? 74 GLY A OXT  1 
ATOM 1083 H H    . GLY A 1 74 ? -7.590  1.958   -15.203 1.00 3.72 ? 74 GLY A H    1 
ATOM 1084 H HA2  . GLY A 1 74 ? -9.721  2.109   -16.681 1.00 4.24 ? 74 GLY A HA2  1 
ATOM 1085 H HA3  . GLY A 1 74 ? -10.496 1.519   -15.219 1.00 4.14 ? 74 GLY A HA3  1 
ATOM 1086 N N    . TRP B 2 1  ? -6.171  -4.517  9.377   1.00 1.06 ? 75 TRP B N    1 
ATOM 1087 C CA   . TRP B 2 1  ? -6.319  -5.406  8.194   1.00 0.79 ? 75 TRP B CA   1 
ATOM 1088 C C    . TRP B 2 1  ? -5.752  -4.753  6.939   1.00 0.69 ? 75 TRP B C    1 
ATOM 1089 O O    . TRP B 2 1  ? -5.629  -3.531  6.866   1.00 0.72 ? 75 TRP B O    1 
ATOM 1090 C CB   . TRP B 2 1  ? -7.804  -5.717  8.002   1.00 1.11 ? 75 TRP B CB   1 
ATOM 1091 C CG   . TRP B 2 1  ? -8.640  -4.506  7.714   1.00 0.87 ? 75 TRP B CG   1 
ATOM 1092 C CD1  . TRP B 2 1  ? -8.544  -3.682  6.630   1.00 0.78 ? 75 TRP B CD1  1 
ATOM 1093 C CD2  . TRP B 2 1  ? -9.701  -3.985  8.522   1.00 1.02 ? 75 TRP B CD2  1 
ATOM 1094 N NE1  . TRP B 2 1  ? -9.482  -2.681  6.714   1.00 0.98 ? 75 TRP B NE1  1 
ATOM 1095 C CE2  . TRP B 2 1  ? -10.204 -2.845  7.868   1.00 1.13 ? 75 TRP B CE2  1 
ATOM 1096 C CE3  . TRP B 2 1  ? -10.277 -4.373  9.736   1.00 1.25 ? 75 TRP B CE3  1 
ATOM 1097 C CZ2  . TRP B 2 1  ? -11.253 -2.090  8.386   1.00 1.49 ? 75 TRP B CZ2  1 
ATOM 1098 C CZ3  . TRP B 2 1  ? -11.317 -3.622  10.250  1.00 1.50 ? 75 TRP B CZ3  1 
ATOM 1099 C CH2  . TRP B 2 1  ? -11.797 -2.493  9.575   1.00 1.64 ? 75 TRP B CH2  1 
ATOM 1100 H H1   . TRP B 2 1  ? -5.177  -4.213  9.422   1.00 1.55 ? 75 TRP B H1   1 
ATOM 1101 H H2   . TRP B 2 1  ? -6.807  -3.704  9.243   1.00 1.51 ? 75 TRP B H2   1 
ATOM 1102 H H3   . TRP B 2 1  ? -6.432  -5.064  10.220  1.00 1.56 ? 75 TRP B H3   1 
ATOM 1103 H HA   . TRP B 2 1  ? -5.785  -6.325  8.387   1.00 1.09 ? 75 TRP B HA   1 
ATOM 1104 H HB2  . TRP B 2 1  ? -7.917  -6.403  7.176   1.00 1.63 ? 75 TRP B HB2  1 
ATOM 1105 H HB3  . TRP B 2 1  ? -8.186  -6.180  8.901   1.00 1.61 ? 75 TRP B HB3  1 
ATOM 1106 H HD1  . TRP B 2 1  ? -7.830  -3.811  5.829   1.00 0.78 ? 75 TRP B HD1  1 
ATOM 1107 H HE1  . TRP B 2 1  ? -9.613  -1.966  6.057   1.00 1.14 ? 75 TRP B HE1  1 
ATOM 1108 H HE3  . TRP B 2 1  ? -9.920  -5.242  10.271  1.00 1.33 ? 75 TRP B HE3  1 
ATOM 1109 H HZ2  . TRP B 2 1  ? -11.634 -1.217  7.878   1.00 1.72 ? 75 TRP B HZ2  1 
ATOM 1110 H HZ3  . TRP B 2 1  ? -11.773 -3.906  11.187  1.00 1.70 ? 75 TRP B HZ3  1 
ATOM 1111 H HH2  . TRP B 2 1  ? -12.611 -1.936  10.014  1.00 1.94 ? 75 TRP B HH2  1 
ATOM 1112 N N    . ARG B 2 2  ? -5.412  -5.574  5.949   1.00 0.61 ? 76 ARG B N    1 
ATOM 1113 C CA   . ARG B 2 2  ? -4.865  -5.069  4.697   1.00 0.56 ? 76 ARG B CA   1 
ATOM 1114 C C    . ARG B 2 2  ? -5.243  -5.994  3.553   1.00 0.51 ? 76 ARG B C    1 
ATOM 1115 O O    . ARG B 2 2  ? -6.095  -6.864  3.709   1.00 0.57 ? 76 ARG B O    1 
ATOM 1116 C CB   . ARG B 2 2  ? -3.344  -4.920  4.791   1.00 0.62 ? 76 ARG B CB   1 
ATOM 1117 C CG   . ARG B 2 2  ? -2.591  -6.239  4.841   1.00 0.98 ? 76 ARG B CG   1 
ATOM 1118 C CD   . ARG B 2 2  ? -2.531  -6.797  6.253   1.00 1.22 ? 76 ARG B CD   1 
ATOM 1119 N NE   . ARG B 2 2  ? -2.198  -8.218  6.262   1.00 1.11 ? 76 ARG B NE   1 
ATOM 1120 C CZ   . ARG B 2 2  ? -2.049  -8.940  7.371   1.00 1.55 ? 76 ARG B CZ   1 
ATOM 1121 N NH1  . ARG B 2 2  ? -2.204  -8.377  8.562   1.00 2.00 ? 76 ARG B NH1  1 
ATOM 1122 N NH2  . ARG B 2 2  ? -1.744  -10.227 7.286   1.00 1.83 ? 76 ARG B NH2  1 
ATOM 1123 H H    . ARG B 2 2  ? -5.537  -6.545  6.061   1.00 0.61 ? 76 ARG B H    1 
ATOM 1124 H HA   . ARG B 2 2  ? -5.301  -4.100  4.510   1.00 0.59 ? 76 ARG B HA   1 
ATOM 1125 H HB2  . ARG B 2 2  ? -2.995  -4.367  3.930   1.00 0.90 ? 76 ARG B HB2  1 
ATOM 1126 H HB3  . ARG B 2 2  ? -3.105  -4.361  5.684   1.00 0.85 ? 76 ARG B HB3  1 
ATOM 1127 H HG2  . ARG B 2 2  ? -3.089  -6.954  4.205   1.00 1.70 ? 76 ARG B HG2  1 
ATOM 1128 H HG3  . ARG B 2 2  ? -1.583  -6.080  4.485   1.00 1.66 ? 76 ARG B HG3  1 
ATOM 1129 H HD2  . ARG B 2 2  ? -1.778  -6.257  6.808   1.00 1.87 ? 76 ARG B HD2  1 
ATOM 1130 H HD3  . ARG B 2 2  ? -3.493  -6.658  6.724   1.00 1.86 ? 76 ARG B HD3  1 
ATOM 1131 H HE   . ARG B 2 2  ? -2.078  -8.657  5.395   1.00 1.09 ? 76 ARG B HE   1 
ATOM 1132 H HH11 . ARG B 2 2  ? -2.435  -7.407  8.632   1.00 2.01 ? 76 ARG B HH11 1 
ATOM 1133 H HH12 . ARG B 2 2  ? -2.092  -8.925  9.391   1.00 2.47 ? 76 ARG B HH12 1 
ATOM 1134 H HH21 . ARG B 2 2  ? -1.626  -10.656 6.390   1.00 1.74 ? 76 ARG B HH21 1 
ATOM 1135 H HH22 . ARG B 2 2  ? -1.631  -10.771 8.119   1.00 2.30 ? 76 ARG B HH22 1 
ATOM 1136 N N    . TYR B 2 3  ? -4.611  -5.811  2.403   1.00 0.46 ? 77 TYR B N    1 
ATOM 1137 C CA   . TYR B 2 3  ? -4.905  -6.648  1.250   1.00 0.48 ? 77 TYR B CA   1 
ATOM 1138 C C    . TYR B 2 3  ? -3.663  -7.397  0.801   1.00 0.50 ? 77 TYR B C    1 
ATOM 1139 O O    . TYR B 2 3  ? -2.545  -6.945  1.025   1.00 0.65 ? 77 TYR B O    1 
ATOM 1140 C CB   . TYR B 2 3  ? -5.429  -5.810  0.084   1.00 0.62 ? 77 TYR B CB   1 
ATOM 1141 C CG   . TYR B 2 3  ? -6.501  -4.811  0.462   1.00 0.67 ? 77 TYR B CG   1 
ATOM 1142 C CD1  . TYR B 2 3  ? -6.255  -3.799  1.382   1.00 1.41 ? 77 TYR B CD1  1 
ATOM 1143 C CD2  . TYR B 2 3  ? -7.764  -4.880  -0.110  1.00 1.39 ? 77 TYR B CD2  1 
ATOM 1144 C CE1  . TYR B 2 3  ? -7.238  -2.887  1.719   1.00 1.52 ? 77 TYR B CE1  1 
ATOM 1145 C CE2  . TYR B 2 3  ? -8.751  -3.974  0.223   1.00 1.48 ? 77 TYR B CE2  1 
ATOM 1146 C CZ   . TYR B 2 3  ? -8.481  -2.980  1.137   1.00 1.01 ? 77 TYR B CZ   1 
ATOM 1147 O OH   . TYR B 2 3  ? -9.457  -2.069  1.466   1.00 1.23 ? 77 TYR B OH   1 
ATOM 1148 H H    . TYR B 2 3  ? -3.934  -5.099  2.327   1.00 0.46 ? 77 TYR B H    1 
ATOM 1149 H HA   . TYR B 2 3  ? -5.665  -7.361  1.540   1.00 0.47 ? 77 TYR B HA   1 
ATOM 1150 H HB2  . TYR B 2 3  ? -4.607  -5.268  -0.351  1.00 0.65 ? 77 TYR B HB2  1 
ATOM 1151 H HB3  . TYR B 2 3  ? -5.844  -6.473  -0.662  1.00 0.81 ? 77 TYR B HB3  1 
ATOM 1152 H HD1  . TYR B 2 3  ? -5.279  -3.726  1.837   1.00 2.23 ? 77 TYR B HD1  1 
ATOM 1153 H HD2  . TYR B 2 3  ? -7.971  -5.658  -0.828  1.00 2.22 ? 77 TYR B HD2  1 
ATOM 1154 H HE1  . TYR B 2 3  ? -7.029  -2.109  2.436   1.00 2.37 ? 77 TYR B HE1  1 
ATOM 1155 H HE2  . TYR B 2 3  ? -9.727  -4.045  -0.234  1.00 2.32 ? 77 TYR B HE2  1 
ATOM 1156 H HH   . TYR B 2 3  ? -9.069  -1.193  1.528   1.00 1.35 ? 77 TYR B HH   1 
ATOM 1157 N N    . TYR B 2 4  ? -3.866  -8.532  0.151   1.00 0.51 ? 78 TYR B N    1 
ATOM 1158 C CA   . TYR B 2 4  ? -2.766  -9.329  -0.354  1.00 0.57 ? 78 TYR B CA   1 
ATOM 1159 C C    . TYR B 2 4  ? -2.568  -9.024  -1.834  1.00 0.71 ? 78 TYR B C    1 
ATOM 1160 O O    . TYR B 2 4  ? -3.448  -8.457  -2.479  1.00 1.35 ? 78 TYR B O    1 
ATOM 1161 C CB   . TYR B 2 4  ? -3.038  -10.818 -0.130  1.00 0.54 ? 78 TYR B CB   1 
ATOM 1162 C CG   . TYR B 2 4  ? -3.245  -11.193 1.326   1.00 0.60 ? 78 TYR B CG   1 
ATOM 1163 C CD1  . TYR B 2 4  ? -3.020  -10.281 2.352   1.00 1.24 ? 78 TYR B CD1  1 
ATOM 1164 C CD2  . TYR B 2 4  ? -3.653  -12.472 1.671   1.00 1.38 ? 78 TYR B CD2  1 
ATOM 1165 C CE1  . TYR B 2 4  ? -3.197  -10.637 3.675   1.00 1.31 ? 78 TYR B CE1  1 
ATOM 1166 C CE2  . TYR B 2 4  ? -3.833  -12.835 2.992   1.00 1.47 ? 78 TYR B CE2  1 
ATOM 1167 C CZ   . TYR B 2 4  ? -3.603  -11.915 3.989   1.00 0.89 ? 78 TYR B CZ   1 
ATOM 1168 O OH   . TYR B 2 4  ? -3.780  -12.274 5.306   1.00 1.06 ? 78 TYR B OH   1 
ATOM 1169 H H    . TYR B 2 4  ? -4.779  -8.834  -0.009  1.00 0.57 ? 78 TYR B H    1 
ATOM 1170 H HA   . TYR B 2 4  ? -1.875  -9.044  0.183   1.00 0.66 ? 78 TYR B HA   1 
ATOM 1171 H HB2  . TYR B 2 4  ? -3.923  -11.097 -0.675  1.00 0.53 ? 78 TYR B HB2  1 
ATOM 1172 H HB3  . TYR B 2 4  ? -2.204  -11.395 -0.499  1.00 0.59 ? 78 TYR B HB3  1 
ATOM 1173 H HD1  . TYR B 2 4  ? -2.701  -9.278  2.104   1.00 2.03 ? 78 TYR B HD1  1 
ATOM 1174 H HD2  . TYR B 2 4  ? -3.836  -13.186 0.890   1.00 2.18 ? 78 TYR B HD2  1 
ATOM 1175 H HE1  . TYR B 2 4  ? -3.020  -9.915  4.456   1.00 2.10 ? 78 TYR B HE1  1 
ATOM 1176 H HE2  . TYR B 2 4  ? -4.150  -13.838 3.236   1.00 2.29 ? 78 TYR B HE2  1 
ATOM 1177 H HH   . TYR B 2 4  ? -4.566  -12.819 5.386   1.00 1.31 ? 78 TYR B HH   1 
ATOM 1178 N N    . GLU B 2 5  ? -1.411  -9.381  -2.364  1.00 0.47 ? 79 GLU B N    1 
ATOM 1179 C CA   . GLU B 2 5  ? -1.108  -9.118  -3.769  1.00 0.49 ? 79 GLU B CA   1 
ATOM 1180 C C    . GLU B 2 5  ? -1.948  -9.998  -4.690  1.00 0.46 ? 79 GLU B C    1 
ATOM 1181 O O    . GLU B 2 5  ? -2.227  -9.633  -5.832  1.00 0.55 ? 79 GLU B O    1 
ATOM 1182 C CB   . GLU B 2 5  ? 0.376   -9.352  -4.045  1.00 0.60 ? 79 GLU B CB   1 
ATOM 1183 C CG   . GLU B 2 5  ? 0.783   -9.051  -5.478  1.00 0.85 ? 79 GLU B CG   1 
ATOM 1184 C CD   . GLU B 2 5  ? 2.191   -9.518  -5.795  1.00 1.37 ? 79 GLU B CD   1 
ATOM 1185 O OE1  . GLU B 2 5  ? 2.439   -10.739 -5.728  1.00 2.06 ? 79 GLU B OE1  1 
ATOM 1186 O OE2  . GLU B 2 5  ? 3.044   -8.661  -6.110  1.00 2.10 ? 79 GLU B OE2  1 
ATOM 1187 H H    . GLU B 2 5  ? -0.743  -9.821  -1.801  1.00 0.80 ? 79 GLU B H    1 
ATOM 1188 H HA   . GLU B 2 5  ? -1.342  -8.078  -3.967  1.00 0.52 ? 79 GLU B HA   1 
ATOM 1189 H HB2  . GLU B 2 5  ? 0.955   -8.723  -3.389  1.00 0.85 ? 79 GLU B HB2  1 
ATOM 1190 H HB3  . GLU B 2 5  ? 0.611   -10.386 -3.838  1.00 0.86 ? 79 GLU B HB3  1 
ATOM 1191 H HG2  . GLU B 2 5  ? 0.096   -9.548  -6.147  1.00 1.52 ? 79 GLU B HG2  1 
ATOM 1192 H HG3  . GLU B 2 5  ? 0.729   -7.983  -5.636  1.00 1.43 ? 79 GLU B HG3  1 
ATOM 1193 N N    . SER B 2 6  ? -2.331  -11.165 -4.189  1.00 0.47 ? 80 SER B N    1 
ATOM 1194 C CA   . SER B 2 6  ? -3.120  -12.114 -4.964  1.00 0.55 ? 80 SER B CA   1 
ATOM 1195 C C    . SER B 2 6  ? -4.531  -11.596 -5.251  1.00 0.58 ? 80 SER B C    1 
ATOM 1196 O O    . SER B 2 6  ? -5.237  -12.153 -6.094  1.00 0.94 ? 80 SER B O    1 
ATOM 1197 C CB   . SER B 2 6  ? -3.198  -13.451 -4.225  1.00 0.89 ? 80 SER B CB   1 
ATOM 1198 O OG   . SER B 2 6  ? -4.276  -13.468 -3.304  1.00 1.79 ? 80 SER B OG   1 
ATOM 1199 H H    . SER B 2 6  ? -2.064  -11.402 -3.277  1.00 0.52 ? 80 SER B H    1 
ATOM 1200 H HA   . SER B 2 6  ? -2.615  -12.269 -5.904  1.00 0.64 ? 80 SER B HA   1 
ATOM 1201 H HB2  . SER B 2 6  ? -3.340  -14.245 -4.940  1.00 1.49 ? 80 SER B HB2  1 
ATOM 1202 H HB3  . SER B 2 6  ? -2.276  -13.614 -3.686  1.00 1.18 ? 80 SER B HB3  1 
ATOM 1203 H HG   . SER B 2 6  ? -4.902  -14.150 -3.558  1.00 2.19 ? 80 SER B HG   1 
ATOM 1204 N N    . SER B 2 7  ? -4.950  -10.542 -4.554  1.00 0.65 ? 81 SER B N    1 
ATOM 1205 C CA   . SER B 2 7  ? -6.286  -9.990  -4.762  1.00 0.85 ? 81 SER B CA   1 
ATOM 1206 C C    . SER B 2 7  ? -6.371  -8.523  -4.350  1.00 0.69 ? 81 SER B C    1 
ATOM 1207 O O    . SER B 2 7  ? -5.392  -7.933  -3.896  1.00 0.69 ? 81 SER B O    1 
ATOM 1208 C CB   . SER B 2 7  ? -7.315  -10.806 -3.991  1.00 1.25 ? 81 SER B CB   1 
ATOM 1209 O OG   . SER B 2 7  ? -8.283  -11.363 -4.862  1.00 2.25 ? 81 SER B OG   1 
ATOM 1210 H H    . SER B 2 7  ? -4.358  -10.134 -3.889  1.00 0.85 ? 81 SER B H    1 
ATOM 1211 H HA   . SER B 2 7  ? -6.513  -10.068 -5.806  1.00 1.04 ? 81 SER B HA   1 
ATOM 1212 H HB2  . SER B 2 7  ? -6.815  -11.604 -3.473  1.00 1.32 ? 81 SER B HB2  1 
ATOM 1213 H HB3  . SER B 2 7  ? -7.811  -10.168 -3.282  1.00 1.54 ? 81 SER B HB3  1 
ATOM 1214 H HG   . SER B 2 7  ? -9.117  -11.457 -4.396  1.00 2.65 ? 81 SER B HG   1 
ATOM 1215 N N    . LEU B 2 8  ? -7.560  -7.946  -4.512  1.00 0.74 ? 82 LEU B N    1 
ATOM 1216 C CA   . LEU B 2 8  ? -7.797  -6.549  -4.159  1.00 0.73 ? 82 LEU B CA   1 
ATOM 1217 C C    . LEU B 2 8  ? -8.809  -6.433  -3.019  1.00 0.66 ? 82 LEU B C    1 
ATOM 1218 O O    . LEU B 2 8  ? -9.218  -5.331  -2.655  1.00 0.69 ? 82 LEU B O    1 
ATOM 1219 C CB   . LEU B 2 8  ? -8.314  -5.773  -5.374  1.00 0.96 ? 82 LEU B CB   1 
ATOM 1220 C CG   . LEU B 2 8  ? -7.250  -5.327  -6.380  1.00 0.82 ? 82 LEU B CG   1 
ATOM 1221 C CD1  . LEU B 2 8  ? -7.865  -4.419  -7.434  1.00 1.42 ? 82 LEU B CD1  1 
ATOM 1222 C CD2  . LEU B 2 8  ? -6.105  -4.618  -5.675  1.00 1.17 ? 82 LEU B CD2  1 
ATOM 1223 H H    . LEU B 2 8  ? -8.299  -8.475  -4.877  1.00 0.89 ? 82 LEU B H    1 
ATOM 1224 H HA   . LEU B 2 8  ? -6.859  -6.121  -3.840  1.00 0.71 ? 82 LEU B HA   1 
ATOM 1225 H HB2  . LEU B 2 8  ? -9.027  -6.398  -5.892  1.00 1.29 ? 82 LEU B HB2  1 
ATOM 1226 H HB3  . LEU B 2 8  ? -8.829  -4.894  -5.018  1.00 1.28 ? 82 LEU B HB3  1 
ATOM 1227 H HG   . LEU B 2 8  ? -6.850  -6.197  -6.880  1.00 1.48 ? 82 LEU B HG   1 
ATOM 1228 H HD11 . LEU B 2 8  ? -8.937  -4.394  -7.312  1.00 1.97 ? 82 LEU B HD11 1 
ATOM 1229 H HD12 . LEU B 2 8  ? -7.466  -3.420  -7.324  1.00 1.92 ? 82 LEU B HD12 1 
ATOM 1230 H HD13 . LEU B 2 8  ? -7.623  -4.794  -8.417  1.00 1.96 ? 82 LEU B HD13 1 
ATOM 1231 H HD21 . LEU B 2 8  ? -6.501  -3.850  -5.028  1.00 1.67 ? 82 LEU B HD21 1 
ATOM 1232 H HD22 . LEU B 2 8  ? -5.548  -5.333  -5.088  1.00 1.78 ? 82 LEU B HD22 1 
ATOM 1233 H HD23 . LEU B 2 8  ? -5.452  -4.169  -6.411  1.00 1.63 ? 82 LEU B HD23 1 
ATOM 1234 N N    . GLU B 2 9  ? -9.222  -7.572  -2.465  1.00 0.65 ? 83 GLU B N    1 
ATOM 1235 C CA   . GLU B 2 9  ? -10.194 -7.583  -1.378  1.00 0.65 ? 83 GLU B CA   1 
ATOM 1236 C C    . GLU B 2 9  ? -9.514  -7.383  -0.024  1.00 0.61 ? 83 GLU B C    1 
ATOM 1237 O O    . GLU B 2 9  ? -8.314  -7.615  0.119   1.00 0.58 ? 83 GLU B O    1 
ATOM 1238 C CB   . GLU B 2 9  ? -10.975 -8.898  -1.380  1.00 0.71 ? 83 GLU B CB   1 
ATOM 1239 C CG   . GLU B 2 9  ? -12.234 -8.855  -2.231  1.00 1.01 ? 83 GLU B CG   1 
ATOM 1240 C CD   . GLU B 2 9  ? -12.492 -10.162 -2.956  1.00 1.41 ? 83 GLU B CD   1 
ATOM 1241 O OE1  . GLU B 2 9  ? -11.774 -10.448 -3.937  1.00 2.05 ? 83 GLU B OE1  1 
ATOM 1242 O OE2  . GLU B 2 9  ? -13.413 -10.897 -2.543  1.00 2.14 ? 83 GLU B OE2  1 
ATOM 1243 H H    . GLU B 2 9  ? -8.870  -8.424  -2.798  1.00 0.69 ? 83 GLU B H    1 
ATOM 1244 H HA   . GLU B 2 9  ? -10.881 -6.768  -1.544  1.00 0.72 ? 83 GLU B HA   1 
ATOM 1245 H HB2  . GLU B 2 9  ? -10.337 -9.682  -1.759  1.00 0.76 ? 83 GLU B HB2  1 
ATOM 1246 H HB3  . GLU B 2 9  ? -11.260 -9.136  -0.366  1.00 0.82 ? 83 GLU B HB3  1 
ATOM 1247 H HG2  . GLU B 2 9  ? -13.078 -8.643  -1.592  1.00 1.57 ? 83 GLU B HG2  1 
ATOM 1248 H HG3  . GLU B 2 9  ? -12.130 -8.068  -2.963  1.00 1.60 ? 83 GLU B HG3  1 
ATOM 1249 N N    . PRO B 2 10 ? -10.284 -6.953  0.994   1.00 0.64 ? 84 PRO B N    1 
ATOM 1250 C CA   . PRO B 2 10 ? -9.764  -6.723  2.342   1.00 0.65 ? 84 PRO B CA   1 
ATOM 1251 C C    . PRO B 2 10 ? -9.421  -8.032  3.033   1.00 0.60 ? 84 PRO B C    1 
ATOM 1252 O O    . PRO B 2 10 ? -10.102 -9.040  2.846   1.00 0.76 ? 84 PRO B O    1 
ATOM 1253 C CB   . PRO B 2 10 ? -10.916 -6.010  3.070   1.00 0.79 ? 84 PRO B CB   1 
ATOM 1254 C CG   . PRO B 2 10 ? -11.900 -5.649  2.005   1.00 0.89 ? 84 PRO B CG   1 
ATOM 1255 C CD   . PRO B 2 10 ? -11.715 -6.661  0.914   1.00 0.73 ? 84 PRO B CD   1 
ATOM 1256 H HA   . PRO B 2 10 ? -8.889  -6.087  2.326   1.00 0.66 ? 84 PRO B HA   1 
ATOM 1257 H HB2  . PRO B 2 10 ? -11.352 -6.681  3.797   1.00 0.91 ? 84 PRO B HB2  1 
ATOM 1258 H HB3  . PRO B 2 10 ? -10.537 -5.131  3.569   1.00 0.86 ? 84 PRO B HB3  1 
ATOM 1259 H HG2  . PRO B 2 10 ? -12.904 -5.701  2.400   1.00 1.10 ? 84 PRO B HG2  1 
ATOM 1260 H HG3  . PRO B 2 10 ? -11.691 -4.656  1.635   1.00 1.13 ? 84 PRO B HG3  1 
ATOM 1261 H HD2  . PRO B 2 10 ? -12.304 -7.545  1.111   1.00 0.72 ? 84 PRO B HD2  1 
ATOM 1262 H HD3  . PRO B 2 10 ? -11.968 -6.241  -0.043  1.00 0.84 ? 84 PRO B HD3  1 
ATOM 1263 N N    . TYR B 2 11 ? -8.348  -8.020  3.809   1.00 0.54 ? 85 TYR B N    1 
ATOM 1264 C CA   . TYR B 2 11 ? -7.905  -9.220  4.499   1.00 0.56 ? 85 TYR B CA   1 
ATOM 1265 C C    . TYR B 2 11 ? -7.543  -8.930  5.955   1.00 0.64 ? 85 TYR B C    1 
ATOM 1266 O O    . TYR B 2 11 ? -6.489  -8.361  6.239   1.00 0.76 ? 85 TYR B O    1 
ATOM 1267 C CB   . TYR B 2 11 ? -6.703  -9.808  3.765   1.00 0.54 ? 85 TYR B CB   1 
ATOM 1268 C CG   . TYR B 2 11 ? -7.081  -10.779 2.664   1.00 0.53 ? 85 TYR B CG   1 
ATOM 1269 C CD1  . TYR B 2 11 ? -7.843  -10.364 1.572   1.00 1.26 ? 85 TYR B CD1  1 
ATOM 1270 C CD2  . TYR B 2 11 ? -6.680  -12.108 2.712   1.00 1.27 ? 85 TYR B CD2  1 
ATOM 1271 C CE1  . TYR B 2 11 ? -8.188  -11.248 0.567   1.00 1.28 ? 85 TYR B CE1  1 
ATOM 1272 C CE2  . TYR B 2 11 ? -7.023  -12.995 1.709   1.00 1.32 ? 85 TYR B CE2  1 
ATOM 1273 C CZ   . TYR B 2 11 ? -7.776  -12.560 0.640   1.00 0.65 ? 85 TYR B CZ   1 
ATOM 1274 O OH   . TYR B 2 11 ? -8.118  -13.442 -0.360  1.00 0.75 ? 85 TYR B OH   1 
ATOM 1275 H H    . TYR B 2 11 ? -7.834  -7.192  3.905   1.00 0.60 ? 85 TYR B H    1 
ATOM 1276 H HA   . TYR B 2 11 ? -8.712  -9.935  4.473   1.00 0.60 ? 85 TYR B HA   1 
ATOM 1277 H HB2  . TYR B 2 11 ? -6.139  -9.005  3.315   1.00 0.54 ? 85 TYR B HB2  1 
ATOM 1278 H HB3  . TYR B 2 11 ? -6.075  -10.325 4.474   1.00 0.63 ? 85 TYR B HB3  1 
ATOM 1279 H HD1  . TYR B 2 11 ? -8.166  -9.334  1.512   1.00 2.11 ? 85 TYR B HD1  1 
ATOM 1280 H HD2  . TYR B 2 11 ? -6.090  -12.449 3.547   1.00 2.11 ? 85 TYR B HD2  1 
ATOM 1281 H HE1  . TYR B 2 11 ? -8.778  -10.907 -0.271  1.00 2.11 ? 85 TYR B HE1  1 
ATOM 1282 H HE2  . TYR B 2 11 ? -6.701  -14.024 1.766   1.00 2.17 ? 85 TYR B HE2  1 
ATOM 1283 H HH   . TYR B 2 11 ? -7.396  -13.509 -0.989  1.00 1.18 ? 85 TYR B HH   1 
ATOM 1284 N N    . PRO B 2 12 ? -8.414  -9.324  6.904   1.00 0.83 ? 86 PRO B N    1 
ATOM 1285 C CA   . PRO B 2 12 ? -8.176  -9.107  8.332   1.00 0.96 ? 86 PRO B CA   1 
ATOM 1286 C C    . PRO B 2 12 ? -7.179  -10.106 8.910   1.00 1.14 ? 86 PRO B C    1 
ATOM 1287 O O    . PRO B 2 12 ? -6.763  -11.046 8.232   1.00 1.66 ? 86 PRO B O    1 
ATOM 1288 C CB   . PRO B 2 12 ? -9.558  -9.314  8.947   1.00 1.36 ? 86 PRO B CB   1 
ATOM 1289 C CG   . PRO B 2 12 ? -10.228 -10.289 8.041   1.00 1.52 ? 86 PRO B CG   1 
ATOM 1290 C CD   . PRO B 2 12 ? -9.697  -10.013 6.658   1.00 1.11 ? 86 PRO B CD   1 
ATOM 1291 H HA   . PRO B 2 12 ? -7.835  -8.103  8.530   1.00 0.90 ? 86 PRO B HA   1 
ATOM 1292 H HB2  . PRO B 2 12 ? -9.456  -9.707  9.948   1.00 1.61 ? 86 PRO B HB2  1 
ATOM 1293 H HB3  . PRO B 2 12 ? -10.089 -8.373  8.975   1.00 1.53 ? 86 PRO B HB3  1 
ATOM 1294 H HG2  . PRO B 2 12 ? -9.983  -11.297 8.341   1.00 1.84 ? 86 PRO B HG2  1 
ATOM 1295 H HG3  . PRO B 2 12 ? -11.297 -10.139 8.068   1.00 1.87 ? 86 PRO B HG3  1 
ATOM 1296 H HD2  . PRO B 2 12 ? -9.540  -10.938 6.124   1.00 1.20 ? 86 PRO B HD2  1 
ATOM 1297 H HD3  . PRO B 2 12 ? -10.379 -9.375  6.114   1.00 1.14 ? 86 PRO B HD3  1 
ATOM 1298 N N    . ASP B 2 13 ? -6.800  -9.896  10.166  1.00 1.22 ? 87 ASP B N    1 
ATOM 1299 C CA   . ASP B 2 13 ? -5.852  -10.777 10.836  1.00 1.57 ? 87 ASP B CA   1 
ATOM 1300 C C    . ASP B 2 13 ? -6.127  -10.837 12.334  1.00 2.10 ? 87 ASP B C    1 
ATOM 1301 O O    . ASP B 2 13 ? -5.502  -11.674 13.018  1.00 2.57 ? 87 ASP B O    1 
ATOM 1302 C CB   . ASP B 2 13 ? -4.419  -10.302 10.587  1.00 1.92 ? 87 ASP B CB   1 
ATOM 1303 C CG   . ASP B 2 13 ? -4.196  -8.876  11.048  1.00 2.42 ? 87 ASP B CG   1 
ATOM 1304 O OD1  . ASP B 2 13 ? -5.191  -8.135  11.192  1.00 2.98 ? 87 ASP B OD1  1 
ATOM 1305 O OD2  . ASP B 2 13 ? -3.025  -8.498  11.265  1.00 3.00 ? 87 ASP B OD2  1 
ATOM 1306 O OXT  . ASP B 2 13 ? -6.966  -10.044 12.812  1.00 2.69 ? 87 ASP B OXT  1 
ATOM 1307 H H    . ASP B 2 13 ? -7.167  -9.129  10.654  1.00 1.39 ? 87 ASP B H    1 
ATOM 1308 H HA   . ASP B 2 13 ? -5.970  -11.767 10.421  1.00 2.02 ? 87 ASP B HA   1 
ATOM 1309 H HB2  . ASP B 2 13 ? -3.735  -10.945 11.121  1.00 2.40 ? 87 ASP B HB2  1 
ATOM 1310 H HB3  . ASP B 2 13 ? -4.206  -10.357 9.529   1.00 2.37 ? 87 ASP B HB3  1 
# 
